data_2YWB
#
_entry.id   2YWB
#
_cell.length_a   140.949
_cell.length_b   114.854
_cell.length_c   160.033
_cell.angle_alpha   90.00
_cell.angle_beta   93.37
_cell.angle_gamma   90.00
#
_symmetry.space_group_name_H-M   'C 1 2 1'
#
loop_
_entity.id
_entity.type
_entity.pdbx_description
1 polymer 'GMP synthase [glutamine-hydrolyzing]'
2 water water
#
_entity_poly.entity_id   1
_entity_poly.type   'polypeptide(L)'
_entity_poly.pdbx_seq_one_letter_code
;MVLVLDFGSQYTRLIARRLRELRAFSLILPGDAPLEEVLKHRPQALILSGGPRSVFDPDAPRPDPRLFSSGLPLLGICYG
MQLLAQELGGRVERAGRAEYGKALLTRHEGPLFRGLEGEVQVWMSHQDAVTAPPPGWRVVAETEENPVAAIASPDGRAYG
VQFHPEVAHTPKGMQILENFLELAGVKRDWTPEHVLEELLREVRERAGKDRVLLAVSGGVDSSTLALLLAKAGVDHLAVF
VDHGLLRLGEREEVEGALRALGVNLLVVDAKERFLKALKGVEDPEEKRKIIGREFVAAFSQVARERGPFRFLAQGTLYPD
VIESAGGHGAAKIKSHHNVGGLPEDLEFELLEPFRLLFKDEVRELALLLGLPDTLRLRHPFPGPGLAVRVLGEVTEERLE
ILRRADDIFTSLLREWGLYEKVAQALAVLTPVRSVGVAGDERKYGYVLALRAVTTEDFMTADWARLPLEFLDEAARRITR
RVPEIGRVVYDLTSKPPATIEWE
;
_entity_poly.pdbx_strand_id   A,B,C,D
#
# COMPACT_ATOMS: atom_id res chain seq x y z
N MET A 1 -31.87 -8.26 30.85
CA MET A 1 -31.76 -9.72 30.54
C MET A 1 -32.43 -10.08 29.22
N VAL A 2 -31.62 -10.36 28.22
CA VAL A 2 -32.09 -10.75 26.91
C VAL A 2 -31.49 -12.11 26.64
N LEU A 3 -32.33 -13.08 26.29
CA LEU A 3 -31.86 -14.43 26.04
C LEU A 3 -31.62 -14.62 24.54
N VAL A 4 -30.42 -15.05 24.17
CA VAL A 4 -30.09 -15.30 22.78
C VAL A 4 -30.30 -16.79 22.60
N LEU A 5 -31.32 -17.17 21.84
CA LEU A 5 -31.58 -18.58 21.61
C LEU A 5 -30.67 -19.04 20.48
N ASP A 6 -29.77 -19.95 20.83
CA ASP A 6 -28.79 -20.44 19.90
C ASP A 6 -29.23 -21.59 19.00
N PHE A 7 -29.37 -21.29 17.72
CA PHE A 7 -29.77 -22.29 16.74
C PHE A 7 -28.58 -22.72 15.88
N GLY A 8 -27.38 -22.54 16.42
CA GLY A 8 -26.19 -22.98 15.70
C GLY A 8 -25.34 -21.97 14.96
N SER A 9 -25.81 -20.75 14.81
CA SER A 9 -25.04 -19.72 14.10
C SER A 9 -23.62 -19.51 14.65
N GLN A 10 -22.67 -19.31 13.75
CA GLN A 10 -21.30 -19.04 14.18
C GLN A 10 -21.27 -17.67 14.87
N TYR A 11 -22.31 -16.86 14.62
CA TYR A 11 -22.42 -15.51 15.17
C TYR A 11 -23.25 -15.37 16.45
N THR A 12 -23.73 -16.48 16.98
CA THR A 12 -24.53 -16.46 18.20
C THR A 12 -23.86 -15.67 19.33
N ARG A 13 -22.58 -15.93 19.56
CA ARG A 13 -21.84 -15.25 20.60
C ARG A 13 -21.69 -13.77 20.29
N LEU A 14 -21.46 -13.46 19.03
CA LEU A 14 -21.34 -12.08 18.59
C LEU A 14 -22.65 -11.34 18.91
N ILE A 15 -23.79 -11.99 18.68
CA ILE A 15 -25.07 -11.34 18.99
C ILE A 15 -25.09 -11.02 20.49
N ALA A 16 -24.70 -12.00 21.30
CA ALA A 16 -24.68 -11.81 22.74
C ALA A 16 -23.78 -10.64 23.12
N ARG A 17 -22.75 -10.41 22.31
CA ARG A 17 -21.80 -9.32 22.53
C ARG A 17 -22.40 -7.98 22.16
N ARG A 18 -23.17 -7.94 21.07
CA ARG A 18 -23.78 -6.66 20.70
C ARG A 18 -24.78 -6.20 21.76
N LEU A 19 -25.52 -7.14 22.36
CA LEU A 19 -26.49 -6.79 23.39
C LEU A 19 -25.77 -6.22 24.63
N ARG A 20 -24.58 -6.73 24.94
CA ARG A 20 -23.82 -6.19 26.07
C ARG A 20 -23.39 -4.77 25.68
N GLU A 21 -22.88 -4.62 24.45
CA GLU A 21 -22.46 -3.31 23.96
C GLU A 21 -23.65 -2.35 23.86
N LEU A 22 -24.86 -2.87 24.11
CA LEU A 22 -26.06 -2.03 24.07
C LEU A 22 -26.76 -2.02 25.45
N ARG A 23 -25.88 -2.28 26.43
CA ARG A 23 -26.26 -2.16 27.84
C ARG A 23 -27.46 -3.03 28.24
N ALA A 24 -27.49 -4.21 27.59
CA ALA A 24 -28.48 -5.22 27.91
C ALA A 24 -27.79 -6.53 28.26
N PHE A 25 -27.83 -6.92 29.53
CA PHE A 25 -27.20 -8.18 29.89
C PHE A 25 -27.82 -9.24 28.99
N SER A 26 -26.97 -10.11 28.45
CA SER A 26 -27.45 -11.16 27.56
C SER A 26 -26.93 -12.50 28.00
N LEU A 27 -27.74 -13.52 27.79
CA LEU A 27 -27.36 -14.88 28.14
C LEU A 27 -27.70 -15.76 26.95
N ILE A 28 -26.90 -16.80 26.73
CA ILE A 28 -27.12 -17.70 25.62
C ILE A 28 -27.68 -19.04 26.07
N LEU A 29 -28.68 -19.53 25.35
CA LEU A 29 -29.30 -20.83 25.67
C LEU A 29 -29.47 -21.62 24.39
N PRO A 30 -29.44 -22.96 24.49
CA PRO A 30 -29.61 -23.77 23.29
C PRO A 30 -30.97 -23.45 22.66
N GLY A 31 -31.04 -23.48 21.34
CA GLY A 31 -32.29 -23.18 20.66
C GLY A 31 -33.48 -23.97 21.16
N ASP A 32 -33.31 -25.28 21.30
CA ASP A 32 -34.37 -26.16 21.77
C ASP A 32 -34.46 -26.20 23.29
N ALA A 33 -34.35 -25.03 23.91
CA ALA A 33 -34.44 -24.93 25.36
C ALA A 33 -35.89 -24.97 25.81
N PRO A 34 -36.22 -25.86 26.77
CA PRO A 34 -37.60 -25.96 27.25
C PRO A 34 -38.12 -24.62 27.78
N LEU A 35 -39.37 -24.31 27.44
CA LEU A 35 -40.01 -23.06 27.84
C LEU A 35 -39.71 -22.65 29.28
N GLU A 36 -39.78 -23.61 30.20
CA GLU A 36 -39.51 -23.33 31.60
C GLU A 36 -38.10 -22.81 31.83
N GLU A 37 -37.12 -23.53 31.27
CA GLU A 37 -35.72 -23.15 31.43
C GLU A 37 -35.40 -21.77 30.85
N VAL A 38 -36.13 -21.36 29.81
CA VAL A 38 -35.89 -20.06 29.20
C VAL A 38 -36.64 -18.98 29.98
N LEU A 39 -37.69 -19.39 30.68
CA LEU A 39 -38.49 -18.47 31.46
C LEU A 39 -37.96 -18.26 32.86
N LYS A 40 -37.16 -19.21 33.34
CA LYS A 40 -36.61 -19.10 34.68
C LYS A 40 -35.72 -17.88 34.89
N HIS A 41 -35.09 -17.39 33.83
CA HIS A 41 -34.22 -16.22 33.93
C HIS A 41 -35.02 -14.92 33.78
N ARG A 42 -36.32 -15.07 33.58
CA ARG A 42 -37.21 -13.93 33.42
C ARG A 42 -36.61 -12.95 32.40
N PRO A 43 -36.44 -13.41 31.15
CA PRO A 43 -35.87 -12.57 30.08
C PRO A 43 -36.86 -11.54 29.57
N GLN A 44 -36.38 -10.35 29.25
CA GLN A 44 -37.27 -9.30 28.74
C GLN A 44 -37.53 -9.51 27.24
N ALA A 45 -36.59 -10.16 26.56
CA ALA A 45 -36.73 -10.40 25.15
C ALA A 45 -35.96 -11.62 24.72
N LEU A 46 -36.28 -12.11 23.52
CA LEU A 46 -35.60 -13.27 22.98
C LEU A 46 -35.14 -12.90 21.59
N ILE A 47 -33.95 -13.37 21.22
CA ILE A 47 -33.42 -13.14 19.89
C ILE A 47 -33.11 -14.54 19.40
N LEU A 48 -33.70 -14.93 18.28
CA LEU A 48 -33.45 -16.25 17.74
C LEU A 48 -32.34 -16.10 16.72
N SER A 49 -31.22 -16.77 16.97
CA SER A 49 -30.07 -16.68 16.09
C SER A 49 -30.26 -17.43 14.80
N GLY A 50 -29.33 -17.22 13.88
CA GLY A 50 -29.38 -17.94 12.62
C GLY A 50 -28.88 -19.35 12.90
N GLY A 51 -28.69 -20.12 11.84
CA GLY A 51 -28.22 -21.49 12.01
C GLY A 51 -27.75 -22.05 10.69
N PRO A 52 -26.85 -23.04 10.72
CA PRO A 52 -26.31 -23.66 9.51
C PRO A 52 -27.28 -24.59 8.80
N ARG A 53 -28.26 -25.10 9.52
CA ARG A 53 -29.24 -26.01 8.95
C ARG A 53 -30.52 -25.32 8.50
N SER A 54 -31.27 -26.00 7.63
CA SER A 54 -32.52 -25.46 7.09
C SER A 54 -33.71 -25.71 8.01
N VAL A 55 -34.75 -24.90 7.82
CA VAL A 55 -35.97 -24.99 8.60
C VAL A 55 -36.71 -26.28 8.30
N PHE A 56 -36.21 -27.01 7.30
CA PHE A 56 -36.81 -28.27 6.88
C PHE A 56 -35.98 -29.46 7.34
N ASP A 57 -34.67 -29.24 7.48
CA ASP A 57 -33.75 -30.27 7.92
C ASP A 57 -34.29 -30.96 9.18
N PRO A 58 -34.45 -32.29 9.13
CA PRO A 58 -34.96 -33.04 10.29
C PRO A 58 -34.12 -32.77 11.54
N ASP A 59 -32.80 -32.70 11.34
CA ASP A 59 -31.87 -32.47 12.44
C ASP A 59 -31.67 -30.98 12.66
N ALA A 60 -32.76 -30.22 12.72
CA ALA A 60 -32.68 -28.78 12.93
C ALA A 60 -33.32 -28.40 14.25
N PRO A 61 -32.57 -27.74 15.13
CA PRO A 61 -33.11 -27.34 16.42
C PRO A 61 -34.40 -26.56 16.29
N ARG A 62 -35.40 -26.96 17.07
CA ARG A 62 -36.70 -26.29 17.06
C ARG A 62 -36.85 -25.67 18.44
N PRO A 63 -37.52 -24.52 18.53
CA PRO A 63 -37.70 -23.92 19.86
C PRO A 63 -38.85 -24.63 20.58
N ASP A 64 -39.21 -24.12 21.75
CA ASP A 64 -40.32 -24.68 22.50
C ASP A 64 -41.55 -24.03 21.90
N PRO A 65 -42.41 -24.82 21.25
CA PRO A 65 -43.62 -24.27 20.63
C PRO A 65 -44.25 -23.11 21.41
N ARG A 66 -44.44 -23.31 22.71
CA ARG A 66 -45.03 -22.29 23.57
C ARG A 66 -44.22 -21.00 23.62
N LEU A 67 -43.00 -21.06 23.10
CA LEU A 67 -42.11 -19.91 23.10
C LEU A 67 -42.72 -18.68 22.41
N PHE A 68 -43.22 -18.88 21.20
CA PHE A 68 -43.81 -17.81 20.42
C PHE A 68 -45.07 -17.22 21.06
N SER A 69 -45.47 -17.78 22.19
CA SER A 69 -46.64 -17.30 22.90
C SER A 69 -46.22 -16.97 24.33
N SER A 70 -45.59 -15.81 24.46
CA SER A 70 -45.20 -15.29 25.77
C SER A 70 -45.23 -13.78 25.75
N GLY A 71 -45.98 -13.10 24.88
CA GLY A 71 -45.97 -11.66 24.82
C GLY A 71 -44.54 -11.16 24.85
N LEU A 72 -43.59 -12.11 24.94
CA LEU A 72 -42.17 -11.76 24.95
C LEU A 72 -41.75 -11.26 23.58
N PRO A 73 -41.21 -10.04 23.52
CA PRO A 73 -40.77 -9.49 22.23
C PRO A 73 -39.79 -10.47 21.58
N LEU A 74 -39.76 -10.50 20.25
CA LEU A 74 -38.88 -11.43 19.55
C LEU A 74 -38.20 -10.84 18.31
N LEU A 75 -36.96 -11.27 18.07
CA LEU A 75 -36.22 -10.86 16.90
C LEU A 75 -35.59 -12.12 16.33
N GLY A 76 -36.13 -12.56 15.18
CA GLY A 76 -35.60 -13.74 14.53
C GLY A 76 -34.64 -13.28 13.46
N ILE A 77 -33.42 -13.80 13.51
CA ILE A 77 -32.38 -13.49 12.54
C ILE A 77 -32.16 -14.69 11.63
N CYS A 78 -32.42 -14.51 10.34
CA CYS A 78 -32.26 -15.59 9.35
C CYS A 78 -33.05 -16.84 9.74
N TYR A 79 -32.35 -17.90 10.15
CA TYR A 79 -33.03 -19.12 10.56
C TYR A 79 -34.15 -18.73 11.53
N GLY A 80 -33.83 -17.83 12.45
CA GLY A 80 -34.79 -17.38 13.42
C GLY A 80 -36.00 -16.74 12.78
N MET A 81 -35.78 -15.95 11.73
CA MET A 81 -36.89 -15.31 11.05
C MET A 81 -37.76 -16.37 10.39
N GLN A 82 -37.12 -17.38 9.81
CA GLN A 82 -37.81 -18.45 9.12
C GLN A 82 -38.67 -19.27 10.08
N LEU A 83 -38.14 -19.60 11.26
CA LEU A 83 -38.91 -20.36 12.25
C LEU A 83 -40.17 -19.55 12.57
N LEU A 84 -40.07 -18.22 12.48
CA LEU A 84 -41.12 -17.28 12.84
C LEU A 84 -42.28 -17.40 11.85
N ALA A 85 -41.86 -17.40 10.57
CA ALA A 85 -42.82 -17.49 9.50
C ALA A 85 -43.49 -18.86 9.50
N GLN A 86 -42.67 -19.91 9.55
CA GLN A 86 -43.14 -21.28 9.54
C GLN A 86 -44.05 -21.66 10.71
N GLU A 87 -43.71 -21.22 11.91
CA GLU A 87 -44.49 -21.61 13.07
C GLU A 87 -45.56 -20.64 13.53
N LEU A 88 -45.86 -19.79 12.57
CA LEU A 88 -46.95 -18.83 12.80
C LEU A 88 -47.89 -18.63 11.61
N GLY A 89 -47.93 -19.59 10.70
CA GLY A 89 -48.85 -19.48 9.58
C GLY A 89 -48.36 -18.76 8.33
N GLY A 90 -47.05 -18.59 8.22
CA GLY A 90 -46.49 -17.93 7.06
C GLY A 90 -45.92 -19.00 6.14
N ARG A 91 -45.31 -18.60 5.04
CA ARG A 91 -44.75 -19.58 4.10
C ARG A 91 -43.25 -19.39 3.93
N VAL A 92 -42.52 -20.50 4.05
CA VAL A 92 -41.07 -20.53 3.89
C VAL A 92 -40.73 -21.53 2.78
N GLU A 93 -39.75 -21.11 1.94
CA GLU A 93 -39.44 -21.99 0.82
C GLU A 93 -37.94 -22.17 0.71
N ARG A 94 -37.41 -23.08 -0.13
CA ARG A 94 -35.98 -23.23 -0.24
C ARG A 94 -35.43 -22.34 -1.34
N ALA A 98 -26.88 -22.47 1.68
CA ALA A 98 -26.23 -22.06 2.95
C ALA A 98 -24.99 -21.21 2.68
N GLU A 99 -25.19 -19.90 2.60
CA GLU A 99 -24.10 -18.97 2.35
C GLU A 99 -24.56 -17.53 2.56
N TYR A 100 -23.63 -16.64 2.87
CA TYR A 100 -23.95 -15.23 3.08
C TYR A 100 -23.60 -14.43 1.83
N GLY A 101 -23.96 -13.15 1.85
CA GLY A 101 -23.68 -12.28 0.72
C GLY A 101 -24.20 -10.89 0.98
N LYS A 102 -23.50 -9.88 0.46
CA LYS A 102 -23.89 -8.48 0.65
C LYS A 102 -25.05 -8.09 -0.25
N ALA A 103 -25.93 -7.24 0.28
CA ALA A 103 -27.08 -6.77 -0.47
C ALA A 103 -27.55 -5.44 0.10
N LEU A 104 -28.22 -4.65 -0.74
CA LEU A 104 -28.75 -3.37 -0.29
C LEU A 104 -30.24 -3.49 -0.11
N LEU A 105 -30.75 -2.96 1.01
CA LEU A 105 -32.18 -2.99 1.24
C LEU A 105 -32.77 -1.90 0.37
N THR A 106 -33.67 -2.28 -0.53
CA THR A 106 -34.33 -1.34 -1.43
C THR A 106 -35.54 -0.72 -0.71
N ARG A 107 -35.85 -1.24 0.48
CA ARG A 107 -36.97 -0.75 1.28
C ARG A 107 -36.76 -1.19 2.72
N HIS A 108 -37.01 -0.28 3.66
CA HIS A 108 -36.83 -0.56 5.09
C HIS A 108 -37.68 0.41 5.87
N GLU A 109 -38.90 0.02 6.17
CA GLU A 109 -39.77 0.93 6.89
C GLU A 109 -40.18 0.42 8.25
N GLY A 110 -40.79 1.31 9.02
CA GLY A 110 -41.25 0.94 10.34
C GLY A 110 -40.27 1.27 11.45
N PRO A 111 -40.70 1.13 12.71
CA PRO A 111 -39.87 1.41 13.88
C PRO A 111 -38.52 0.67 13.89
N LEU A 112 -38.52 -0.57 13.40
CA LEU A 112 -37.28 -1.36 13.40
C LEU A 112 -36.15 -0.74 12.59
N PHE A 113 -36.48 0.12 11.63
CA PHE A 113 -35.45 0.75 10.80
C PHE A 113 -35.46 2.26 11.01
N ARG A 114 -36.09 2.66 12.10
CA ARG A 114 -36.21 4.06 12.49
C ARG A 114 -34.83 4.69 12.58
N GLY A 115 -34.58 5.70 11.75
CA GLY A 115 -33.31 6.36 11.81
C GLY A 115 -32.36 6.06 10.67
N LEU A 116 -32.39 4.84 10.13
CA LEU A 116 -31.49 4.50 9.02
C LEU A 116 -31.92 5.14 7.72
N GLU A 117 -31.01 5.89 7.11
CA GLU A 117 -31.29 6.56 5.85
C GLU A 117 -30.17 6.18 4.89
N GLY A 118 -30.31 6.54 3.63
CA GLY A 118 -29.27 6.23 2.66
C GLY A 118 -29.24 4.75 2.35
N GLU A 119 -28.07 4.24 1.97
CA GLU A 119 -27.98 2.83 1.65
C GLU A 119 -27.80 1.99 2.90
N VAL A 120 -28.54 0.90 2.96
CA VAL A 120 -28.47 0.00 4.09
C VAL A 120 -28.00 -1.36 3.61
N GLN A 121 -26.68 -1.56 3.59
CA GLN A 121 -26.10 -2.83 3.16
C GLN A 121 -26.29 -3.83 4.29
N VAL A 122 -26.72 -5.03 3.93
CA VAL A 122 -26.92 -6.06 4.93
C VAL A 122 -26.22 -7.34 4.49
N TRP A 123 -25.85 -8.16 5.47
CA TRP A 123 -25.18 -9.43 5.24
C TRP A 123 -26.28 -10.50 5.18
N MET A 124 -26.86 -10.68 3.99
CA MET A 124 -27.95 -11.64 3.78
C MET A 124 -27.56 -13.11 3.84
N SER A 125 -28.46 -13.92 4.39
CA SER A 125 -28.27 -15.36 4.46
C SER A 125 -29.06 -15.82 3.24
N HIS A 126 -28.53 -16.78 2.50
CA HIS A 126 -29.20 -17.25 1.29
C HIS A 126 -29.86 -18.61 1.38
N GLN A 127 -29.71 -19.47 2.36
CA GLN A 127 -30.57 -20.60 2.71
C GLN A 127 -31.95 -20.12 3.14
N ASP A 128 -32.72 -20.63 2.19
CA ASP A 128 -34.17 -20.49 2.20
C ASP A 128 -34.64 -19.05 2.21
N ALA A 129 -35.92 -18.83 2.50
CA ALA A 129 -36.63 -17.60 2.21
C ALA A 129 -38.08 -17.65 2.68
N VAL A 130 -38.57 -16.49 3.12
CA VAL A 130 -39.95 -16.38 3.54
C VAL A 130 -40.61 -15.76 2.33
N THR A 131 -41.62 -16.42 1.80
CA THR A 131 -42.33 -15.91 0.64
C THR A 131 -43.67 -15.36 1.08
N ALA A 132 -44.05 -15.69 2.32
CA ALA A 132 -45.31 -15.22 2.88
C ALA A 132 -45.18 -14.94 4.38
N PRO A 133 -45.40 -13.69 4.79
CA PRO A 133 -45.30 -13.33 6.21
C PRO A 133 -46.53 -13.86 6.96
N PRO A 134 -46.42 -14.08 8.27
CA PRO A 134 -47.58 -14.59 9.02
C PRO A 134 -48.80 -13.68 8.80
N PRO A 135 -50.01 -14.25 8.80
CA PRO A 135 -51.21 -13.43 8.60
C PRO A 135 -51.25 -12.20 9.49
N GLY A 136 -51.46 -11.04 8.87
CA GLY A 136 -51.52 -9.81 9.64
C GLY A 136 -50.19 -9.07 9.69
N TRP A 137 -49.09 -9.81 9.60
CA TRP A 137 -47.74 -9.21 9.65
C TRP A 137 -47.45 -8.47 8.36
N ARG A 138 -46.54 -7.52 8.42
CA ARG A 138 -46.17 -6.74 7.25
C ARG A 138 -44.71 -6.93 6.85
N VAL A 139 -44.44 -6.82 5.56
CA VAL A 139 -43.08 -6.92 5.05
C VAL A 139 -42.51 -5.52 5.24
N VAL A 140 -41.45 -5.41 6.02
CA VAL A 140 -40.87 -4.10 6.29
C VAL A 140 -39.58 -3.83 5.52
N ALA A 141 -39.03 -4.84 4.87
CA ALA A 141 -37.83 -4.65 4.08
C ALA A 141 -37.69 -5.67 2.97
N GLU A 142 -36.90 -5.29 1.97
CA GLU A 142 -36.60 -6.18 0.86
C GLU A 142 -35.36 -5.73 0.13
N THR A 143 -34.81 -6.63 -0.66
CA THR A 143 -33.64 -6.35 -1.47
C THR A 143 -34.11 -6.51 -2.91
N GLU A 144 -33.21 -6.30 -3.87
CA GLU A 144 -33.59 -6.43 -5.27
C GLU A 144 -34.05 -7.85 -5.57
N GLU A 145 -33.32 -8.83 -5.05
CA GLU A 145 -33.62 -10.23 -5.28
C GLU A 145 -34.59 -10.89 -4.29
N ASN A 146 -34.77 -10.31 -3.11
CA ASN A 146 -35.68 -10.90 -2.13
C ASN A 146 -36.72 -9.90 -1.65
N PRO A 147 -37.99 -10.08 -2.07
CA PRO A 147 -39.08 -9.20 -1.69
C PRO A 147 -39.47 -9.25 -0.22
N VAL A 148 -38.93 -10.22 0.51
CA VAL A 148 -39.24 -10.33 1.95
C VAL A 148 -37.96 -10.44 2.78
N ALA A 149 -37.27 -9.32 2.91
CA ALA A 149 -36.01 -9.25 3.66
C ALA A 149 -36.22 -9.10 5.17
N ALA A 150 -37.37 -8.57 5.55
CA ALA A 150 -37.70 -8.38 6.96
C ALA A 150 -39.22 -8.35 7.17
N ILE A 151 -39.68 -8.95 8.26
CA ILE A 151 -41.10 -8.96 8.59
C ILE A 151 -41.36 -8.44 10.01
N ALA A 152 -42.58 -7.99 10.26
CA ALA A 152 -42.96 -7.44 11.56
C ALA A 152 -44.44 -7.68 11.87
N SER A 153 -44.72 -8.16 13.08
CA SER A 153 -46.10 -8.41 13.50
C SER A 153 -46.84 -7.07 13.62
N PRO A 154 -48.17 -7.09 13.53
CA PRO A 154 -48.95 -5.86 13.63
C PRO A 154 -48.81 -5.06 14.92
N ASP A 155 -48.39 -5.70 16.01
CA ASP A 155 -48.24 -4.94 17.24
C ASP A 155 -46.79 -4.49 17.51
N GLY A 156 -45.92 -4.71 16.52
CA GLY A 156 -44.53 -4.31 16.64
C GLY A 156 -43.77 -4.94 17.79
N ARG A 157 -44.12 -6.16 18.14
CA ARG A 157 -43.46 -6.86 19.23
C ARG A 157 -42.49 -7.91 18.68
N ALA A 158 -42.86 -8.51 17.56
CA ALA A 158 -42.01 -9.53 16.94
C ALA A 158 -41.50 -9.05 15.58
N TYR A 159 -40.24 -9.34 15.31
CA TYR A 159 -39.63 -8.96 14.05
C TYR A 159 -38.71 -10.07 13.58
N GLY A 160 -38.58 -10.18 12.27
CA GLY A 160 -37.70 -11.18 11.70
C GLY A 160 -36.91 -10.45 10.64
N VAL A 161 -35.64 -10.81 10.48
CA VAL A 161 -34.84 -10.19 9.43
C VAL A 161 -34.09 -11.32 8.73
N GLN A 162 -33.95 -11.19 7.42
CA GLN A 162 -33.27 -12.21 6.61
C GLN A 162 -31.76 -11.98 6.54
N PHE A 163 -31.28 -11.02 7.31
CA PHE A 163 -29.85 -10.71 7.30
C PHE A 163 -29.29 -10.69 8.73
N HIS A 164 -27.97 -10.54 8.85
CA HIS A 164 -27.30 -10.50 10.14
C HIS A 164 -26.94 -9.06 10.55
N PRO A 165 -27.74 -8.47 11.45
CA PRO A 165 -27.43 -7.09 11.86
C PRO A 165 -26.28 -7.05 12.87
N GLU A 166 -25.85 -8.22 13.34
CA GLU A 166 -24.76 -8.30 14.31
C GLU A 166 -23.35 -8.31 13.72
N VAL A 167 -23.26 -8.47 12.40
CA VAL A 167 -21.95 -8.54 11.78
C VAL A 167 -21.54 -7.22 11.15
N ALA A 168 -20.24 -7.02 11.04
CA ALA A 168 -19.69 -5.80 10.45
C ALA A 168 -20.17 -5.56 9.02
N HIS A 169 -20.43 -6.64 8.27
CA HIS A 169 -20.90 -6.48 6.90
C HIS A 169 -22.27 -5.79 6.79
N THR A 170 -22.87 -5.50 7.94
CA THR A 170 -24.13 -4.77 8.01
C THR A 170 -23.71 -3.60 8.89
N PRO A 171 -23.00 -2.63 8.31
CA PRO A 171 -22.52 -1.46 9.07
C PRO A 171 -23.54 -0.76 9.95
N LYS A 172 -24.79 -0.70 9.52
CA LYS A 172 -25.79 -0.04 10.36
C LYS A 172 -26.60 -1.01 11.22
N GLY A 173 -26.10 -2.25 11.32
CA GLY A 173 -26.77 -3.26 12.12
C GLY A 173 -27.00 -2.90 13.57
N MET A 174 -26.02 -2.27 14.19
CA MET A 174 -26.16 -1.89 15.60
C MET A 174 -27.34 -0.93 15.84
N GLN A 175 -27.67 -0.11 14.85
CA GLN A 175 -28.80 0.80 14.99
C GLN A 175 -30.08 -0.02 14.94
N ILE A 176 -30.09 -1.05 14.09
CA ILE A 176 -31.24 -1.91 13.97
C ILE A 176 -31.44 -2.62 15.32
N LEU A 177 -30.36 -3.19 15.85
CA LEU A 177 -30.45 -3.87 17.13
C LEU A 177 -30.95 -2.92 18.22
N GLU A 178 -30.50 -1.67 18.19
CA GLU A 178 -30.92 -0.68 19.18
C GLU A 178 -32.45 -0.55 19.13
N ASN A 179 -32.96 -0.21 17.95
CA ASN A 179 -34.39 -0.03 17.73
C ASN A 179 -35.16 -1.19 18.33
N PHE A 180 -34.69 -2.41 18.08
CA PHE A 180 -35.37 -3.55 18.64
C PHE A 180 -35.43 -3.57 20.16
N LEU A 181 -34.33 -3.24 20.83
CA LEU A 181 -34.32 -3.27 22.29
C LEU A 181 -35.35 -2.31 22.85
N GLU A 182 -35.44 -1.13 22.25
CA GLU A 182 -36.41 -0.13 22.66
C GLU A 182 -37.81 -0.69 22.45
N LEU A 183 -38.04 -1.15 21.23
CA LEU A 183 -39.32 -1.72 20.85
C LEU A 183 -39.71 -2.87 21.77
N ALA A 184 -38.71 -3.56 22.32
CA ALA A 184 -38.99 -4.69 23.21
C ALA A 184 -39.14 -4.25 24.66
N GLY A 185 -38.96 -2.96 24.91
CA GLY A 185 -39.09 -2.45 26.27
C GLY A 185 -38.03 -3.03 27.20
N VAL A 186 -36.91 -3.45 26.62
CA VAL A 186 -35.80 -4.00 27.37
C VAL A 186 -35.07 -2.92 28.19
N LYS A 187 -35.09 -3.05 29.51
CA LYS A 187 -34.40 -2.07 30.36
C LYS A 187 -32.88 -2.27 30.22
N ARG A 188 -32.12 -1.17 30.30
CA ARG A 188 -30.67 -1.23 30.15
C ARG A 188 -29.89 -1.19 31.47
N ASP A 189 -29.88 -2.29 32.21
CA ASP A 189 -29.16 -2.32 33.48
C ASP A 189 -27.80 -3.00 33.44
N TRP A 190 -27.10 -2.88 32.31
CA TRP A 190 -25.77 -3.48 32.21
C TRP A 190 -24.76 -2.41 31.78
N THR A 191 -24.51 -1.47 32.69
CA THR A 191 -23.58 -0.37 32.48
C THR A 191 -22.29 -0.66 33.24
N PRO A 192 -21.16 -0.11 32.79
CA PRO A 192 -19.90 -0.37 33.49
C PRO A 192 -19.84 -0.10 34.99
N GLU A 193 -20.40 1.03 35.44
CA GLU A 193 -20.36 1.34 36.86
C GLU A 193 -21.21 0.36 37.65
N HIS A 194 -22.30 -0.11 37.05
CA HIS A 194 -23.18 -1.06 37.72
C HIS A 194 -22.45 -2.39 37.89
N VAL A 195 -21.81 -2.84 36.80
CA VAL A 195 -21.07 -4.09 36.84
C VAL A 195 -20.00 -4.01 37.94
N LEU A 196 -19.17 -2.97 37.88
CA LEU A 196 -18.11 -2.81 38.87
C LEU A 196 -18.63 -2.90 40.31
N GLU A 197 -19.61 -2.06 40.63
CA GLU A 197 -20.17 -2.05 41.97
C GLU A 197 -20.68 -3.44 42.34
N GLU A 198 -21.32 -4.10 41.37
CA GLU A 198 -21.85 -5.43 41.59
C GLU A 198 -20.73 -6.44 41.87
N LEU A 199 -19.67 -6.39 41.08
CA LEU A 199 -18.54 -7.32 41.24
C LEU A 199 -17.78 -7.12 42.54
N LEU A 200 -17.63 -5.88 42.96
CA LEU A 200 -16.94 -5.57 44.20
C LEU A 200 -17.74 -6.17 45.34
N ARG A 201 -19.04 -6.00 45.25
CA ARG A 201 -19.96 -6.51 46.26
C ARG A 201 -19.79 -8.02 46.40
N GLU A 202 -19.89 -8.72 45.28
CA GLU A 202 -19.77 -10.17 45.27
C GLU A 202 -18.45 -10.67 45.80
N VAL A 203 -17.35 -10.07 45.33
CA VAL A 203 -16.03 -10.47 45.77
C VAL A 203 -15.93 -10.30 47.29
N ARG A 204 -16.47 -9.21 47.81
CA ARG A 204 -16.42 -8.98 49.25
C ARG A 204 -17.16 -10.07 50.04
N GLU A 205 -18.43 -10.30 49.71
CA GLU A 205 -19.21 -11.32 50.42
C GLU A 205 -18.59 -12.71 50.30
N ARG A 206 -18.26 -13.11 49.07
CA ARG A 206 -17.68 -14.41 48.80
C ARG A 206 -16.39 -14.71 49.58
N ALA A 207 -15.38 -13.87 49.40
CA ALA A 207 -14.09 -14.08 50.05
C ALA A 207 -14.09 -13.73 51.54
N GLY A 208 -14.96 -12.80 51.91
CA GLY A 208 -15.03 -12.40 53.30
C GLY A 208 -13.67 -12.07 53.88
N LYS A 209 -13.37 -12.65 55.04
CA LYS A 209 -12.11 -12.41 55.72
C LYS A 209 -11.00 -13.32 55.21
N ASP A 210 -11.37 -14.34 54.43
CA ASP A 210 -10.42 -15.29 53.90
C ASP A 210 -9.44 -14.72 52.86
N ARG A 211 -8.44 -15.51 52.48
CA ARG A 211 -7.42 -15.09 51.53
C ARG A 211 -7.60 -15.65 50.11
N VAL A 212 -7.37 -14.81 49.12
CA VAL A 212 -7.51 -15.21 47.72
C VAL A 212 -6.16 -15.24 47.02
N LEU A 213 -5.87 -16.36 46.36
CA LEU A 213 -4.64 -16.50 45.60
C LEU A 213 -5.00 -16.38 44.13
N LEU A 214 -4.09 -15.83 43.34
CA LEU A 214 -4.34 -15.71 41.90
C LEU A 214 -3.05 -15.51 41.14
N ALA A 215 -3.08 -15.94 39.87
CA ALA A 215 -1.95 -15.79 38.98
C ALA A 215 -2.14 -14.51 38.18
N VAL A 216 -1.02 -13.83 37.91
CA VAL A 216 -1.02 -12.59 37.15
C VAL A 216 0.01 -12.83 36.06
N SER A 217 -0.34 -12.46 34.83
CA SER A 217 0.55 -12.67 33.69
C SER A 217 0.96 -11.36 33.04
N GLY A 218 0.23 -10.30 33.35
CA GLY A 218 0.52 -9.01 32.73
C GLY A 218 -0.62 -8.66 31.77
N GLY A 219 -1.46 -9.65 31.45
CA GLY A 219 -2.59 -9.40 30.57
C GLY A 219 -3.63 -8.57 31.30
N VAL A 220 -4.43 -7.82 30.56
CA VAL A 220 -5.43 -6.95 31.16
C VAL A 220 -6.46 -7.71 32.01
N ASP A 221 -6.78 -8.92 31.62
CA ASP A 221 -7.75 -9.73 32.35
C ASP A 221 -7.26 -9.95 33.81
N SER A 222 -6.16 -10.68 33.97
CA SER A 222 -5.63 -10.96 35.29
C SER A 222 -5.19 -9.67 36.01
N SER A 223 -4.77 -8.66 35.26
CA SER A 223 -4.39 -7.41 35.94
C SER A 223 -5.62 -6.76 36.57
N THR A 224 -6.72 -6.75 35.83
CA THR A 224 -7.95 -6.13 36.31
C THR A 224 -8.53 -6.96 37.47
N LEU A 225 -8.32 -8.26 37.43
CA LEU A 225 -8.81 -9.14 38.48
C LEU A 225 -8.08 -8.77 39.78
N ALA A 226 -6.77 -8.57 39.70
CA ALA A 226 -5.96 -8.21 40.87
C ALA A 226 -6.44 -6.88 41.44
N LEU A 227 -6.67 -5.91 40.55
CA LEU A 227 -7.15 -4.60 40.97
C LEU A 227 -8.54 -4.67 41.62
N LEU A 228 -9.37 -5.61 41.17
CA LEU A 228 -10.72 -5.75 41.72
C LEU A 228 -10.63 -6.21 43.18
N LEU A 229 -9.85 -7.26 43.42
CA LEU A 229 -9.66 -7.81 44.75
C LEU A 229 -9.07 -6.72 45.66
N ALA A 230 -8.01 -6.06 45.18
CA ALA A 230 -7.36 -5.02 45.97
C ALA A 230 -8.33 -3.89 46.29
N LYS A 231 -9.14 -3.52 45.31
CA LYS A 231 -10.10 -2.44 45.49
C LYS A 231 -11.21 -2.89 46.43
N ALA A 232 -11.58 -4.17 46.35
CA ALA A 232 -12.63 -4.67 47.21
C ALA A 232 -12.13 -4.79 48.64
N GLY A 233 -10.81 -4.72 48.80
CA GLY A 233 -10.24 -4.82 50.13
C GLY A 233 -10.11 -6.26 50.59
N VAL A 234 -10.21 -7.22 49.67
CA VAL A 234 -10.09 -8.62 50.04
C VAL A 234 -8.63 -9.03 50.15
N ASP A 235 -8.34 -9.85 51.15
CA ASP A 235 -6.98 -10.31 51.39
C ASP A 235 -6.59 -11.20 50.21
N HIS A 236 -5.43 -10.92 49.62
CA HIS A 236 -5.02 -11.69 48.46
C HIS A 236 -3.52 -11.65 48.22
N LEU A 237 -3.09 -12.51 47.32
CA LEU A 237 -1.70 -12.60 46.88
C LEU A 237 -1.73 -12.83 45.37
N ALA A 238 -1.20 -11.87 44.60
CA ALA A 238 -1.13 -12.04 43.16
C ALA A 238 0.27 -12.56 42.89
N VAL A 239 0.35 -13.65 42.13
CA VAL A 239 1.62 -14.29 41.80
C VAL A 239 1.99 -14.12 40.34
N PHE A 240 3.14 -13.51 40.09
CA PHE A 240 3.61 -13.31 38.74
C PHE A 240 4.79 -14.27 38.52
N VAL A 241 4.59 -15.30 37.73
CA VAL A 241 5.66 -16.26 37.45
C VAL A 241 6.50 -15.77 36.24
N ASP A 242 7.76 -15.39 36.50
CA ASP A 242 8.63 -14.93 35.42
C ASP A 242 9.36 -16.12 34.84
N HIS A 243 8.77 -16.73 33.81
CA HIS A 243 9.34 -17.90 33.16
C HIS A 243 10.45 -17.55 32.20
N GLY A 244 10.92 -16.31 32.21
CA GLY A 244 11.98 -15.92 31.29
C GLY A 244 11.57 -15.92 29.82
N LEU A 245 10.27 -16.08 29.55
CA LEU A 245 9.79 -16.10 28.18
C LEU A 245 8.96 -14.85 27.86
N LEU A 246 9.19 -13.78 28.62
CA LEU A 246 8.45 -12.53 28.44
C LEU A 246 9.14 -11.55 27.51
N ARG A 247 8.40 -10.51 27.15
CA ARG A 247 8.94 -9.47 26.29
C ARG A 247 9.92 -8.66 27.15
N LEU A 248 10.82 -7.96 26.46
CA LEU A 248 11.83 -7.13 27.10
C LEU A 248 11.17 -6.08 27.99
N GLY A 249 11.58 -6.02 29.25
CA GLY A 249 11.05 -5.05 30.19
C GLY A 249 9.63 -5.25 30.68
N GLU A 250 9.01 -6.36 30.30
CA GLU A 250 7.64 -6.62 30.70
C GLU A 250 7.46 -6.88 32.20
N ARG A 251 8.35 -7.68 32.78
CA ARG A 251 8.23 -7.96 34.21
C ARG A 251 8.21 -6.69 35.03
N GLU A 252 9.22 -5.85 34.83
CA GLU A 252 9.33 -4.61 35.58
C GLU A 252 8.10 -3.72 35.38
N GLU A 253 7.65 -3.63 34.13
CA GLU A 253 6.48 -2.80 33.83
C GLU A 253 5.26 -3.27 34.60
N VAL A 254 5.00 -4.57 34.53
CA VAL A 254 3.83 -5.12 35.21
C VAL A 254 3.93 -4.99 36.74
N GLU A 255 5.04 -5.44 37.31
CA GLU A 255 5.17 -5.36 38.75
C GLU A 255 5.13 -3.92 39.28
N GLY A 256 5.78 -3.01 38.56
CA GLY A 256 5.78 -1.62 38.99
C GLY A 256 4.39 -1.01 39.05
N ALA A 257 3.59 -1.24 38.00
CA ALA A 257 2.24 -0.69 37.97
C ALA A 257 1.27 -1.34 38.96
N LEU A 258 1.27 -2.67 39.05
CA LEU A 258 0.33 -3.32 39.96
C LEU A 258 0.64 -2.99 41.42
N ARG A 259 1.92 -2.84 41.77
CA ARG A 259 2.28 -2.50 43.16
C ARG A 259 1.83 -1.08 43.45
N ALA A 260 2.03 -0.21 42.46
CA ALA A 260 1.65 1.18 42.58
C ALA A 260 0.14 1.33 42.82
N LEU A 261 -0.66 0.43 42.24
CA LEU A 261 -2.11 0.49 42.41
C LEU A 261 -2.58 -0.32 43.63
N GLY A 262 -1.64 -0.82 44.42
CA GLY A 262 -1.98 -1.53 45.64
C GLY A 262 -2.32 -3.01 45.63
N VAL A 263 -1.84 -3.78 44.67
CA VAL A 263 -2.15 -5.20 44.71
C VAL A 263 -0.99 -5.89 45.41
N ASN A 264 -1.28 -6.91 46.22
CA ASN A 264 -0.22 -7.63 46.89
C ASN A 264 0.39 -8.54 45.82
N LEU A 265 1.61 -8.22 45.39
CA LEU A 265 2.26 -8.98 44.35
C LEU A 265 3.53 -9.72 44.75
N LEU A 266 3.67 -10.93 44.22
CA LEU A 266 4.84 -11.74 44.46
C LEU A 266 5.36 -12.13 43.09
N VAL A 267 6.58 -11.69 42.76
CA VAL A 267 7.18 -12.04 41.48
C VAL A 267 8.09 -13.24 41.73
N VAL A 268 7.92 -14.29 40.93
CA VAL A 268 8.72 -15.51 41.08
C VAL A 268 9.70 -15.61 39.93
N ASP A 269 10.99 -15.67 40.26
CA ASP A 269 12.01 -15.78 39.22
C ASP A 269 12.21 -17.25 38.91
N ALA A 270 11.62 -17.73 37.83
CA ALA A 270 11.75 -19.14 37.46
C ALA A 270 12.37 -19.31 36.08
N LYS A 271 13.15 -18.32 35.68
CA LYS A 271 13.80 -18.34 34.36
C LYS A 271 14.61 -19.58 34.08
N GLU A 272 15.50 -19.95 35.00
CA GLU A 272 16.34 -21.12 34.80
C GLU A 272 15.51 -22.40 34.75
N ARG A 273 14.52 -22.48 35.63
CA ARG A 273 13.64 -23.65 35.72
C ARG A 273 13.02 -23.99 34.37
N PHE A 274 12.34 -23.02 33.76
CA PHE A 274 11.70 -23.18 32.47
C PHE A 274 12.68 -23.45 31.32
N LEU A 275 13.74 -22.67 31.24
CA LEU A 275 14.72 -22.83 30.16
C LEU A 275 15.32 -24.25 30.19
N LYS A 276 15.69 -24.69 31.39
CA LYS A 276 16.25 -26.00 31.59
C LYS A 276 15.23 -27.06 31.14
N ALA A 277 13.98 -26.87 31.54
CA ALA A 277 12.92 -27.80 31.18
C ALA A 277 12.60 -27.83 29.69
N LEU A 278 12.99 -26.77 28.98
CA LEU A 278 12.72 -26.68 27.55
C LEU A 278 13.88 -27.11 26.67
N LYS A 279 15.04 -27.34 27.28
CA LYS A 279 16.21 -27.73 26.52
C LYS A 279 15.93 -28.89 25.56
N GLY A 280 16.39 -28.75 24.33
CA GLY A 280 16.20 -29.78 23.33
C GLY A 280 14.79 -29.98 22.79
N VAL A 281 13.81 -29.21 23.24
CA VAL A 281 12.45 -29.40 22.76
C VAL A 281 12.09 -28.51 21.58
N GLU A 282 11.67 -29.14 20.49
CA GLU A 282 11.30 -28.40 19.28
C GLU A 282 9.81 -28.47 19.02
N ASP A 283 9.19 -29.59 19.41
CA ASP A 283 7.76 -29.78 19.21
C ASP A 283 6.92 -28.75 19.97
N PRO A 284 6.12 -27.94 19.26
CA PRO A 284 5.27 -26.91 19.84
C PRO A 284 4.31 -27.42 20.92
N GLU A 285 3.65 -28.54 20.65
CA GLU A 285 2.72 -29.09 21.62
C GLU A 285 3.51 -29.56 22.85
N GLU A 286 4.76 -29.97 22.63
CA GLU A 286 5.58 -30.41 23.76
C GLU A 286 5.92 -29.18 24.58
N LYS A 287 6.35 -28.12 23.90
CA LYS A 287 6.71 -26.87 24.55
C LYS A 287 5.59 -26.38 25.45
N ARG A 288 4.36 -26.40 24.92
CA ARG A 288 3.20 -25.94 25.67
C ARG A 288 2.87 -26.82 26.85
N LYS A 289 3.12 -28.12 26.74
CA LYS A 289 2.84 -29.04 27.86
C LYS A 289 3.85 -28.80 28.96
N ILE A 290 5.11 -28.72 28.57
CA ILE A 290 6.19 -28.50 29.53
C ILE A 290 6.02 -27.16 30.24
N ILE A 291 5.73 -26.11 29.47
CA ILE A 291 5.53 -24.77 30.02
C ILE A 291 4.40 -24.82 31.02
N GLY A 292 3.29 -25.42 30.61
CA GLY A 292 2.14 -25.52 31.51
C GLY A 292 2.53 -26.23 32.79
N ARG A 293 3.19 -27.39 32.65
CA ARG A 293 3.61 -28.17 33.80
C ARG A 293 4.50 -27.35 34.74
N GLU A 294 5.56 -26.76 34.20
CA GLU A 294 6.47 -25.95 35.03
C GLU A 294 5.75 -24.82 35.74
N PHE A 295 4.69 -24.28 35.12
CA PHE A 295 3.96 -23.17 35.73
C PHE A 295 3.14 -23.60 36.95
N VAL A 296 2.39 -24.69 36.84
CA VAL A 296 1.59 -25.14 37.99
C VAL A 296 2.52 -25.51 39.15
N ALA A 297 3.69 -26.04 38.84
CA ALA A 297 4.65 -26.43 39.86
C ALA A 297 5.20 -25.24 40.62
N ALA A 298 5.57 -24.18 39.91
CA ALA A 298 6.13 -23.01 40.58
C ALA A 298 5.04 -22.30 41.35
N PHE A 299 3.84 -22.29 40.78
CA PHE A 299 2.70 -21.63 41.38
C PHE A 299 2.27 -22.37 42.64
N SER A 300 2.28 -23.69 42.57
CA SER A 300 1.90 -24.53 43.70
C SER A 300 2.86 -24.33 44.87
N GLN A 301 4.14 -24.14 44.55
CA GLN A 301 5.13 -23.93 45.59
C GLN A 301 4.80 -22.64 46.35
N VAL A 302 4.36 -21.63 45.62
CA VAL A 302 4.00 -20.36 46.22
C VAL A 302 2.79 -20.58 47.12
N ALA A 303 1.78 -21.25 46.59
CA ALA A 303 0.57 -21.51 47.34
C ALA A 303 0.87 -22.26 48.65
N ARG A 304 1.83 -23.18 48.62
CA ARG A 304 2.18 -23.92 49.82
C ARG A 304 2.93 -23.07 50.84
N GLU A 305 3.98 -22.39 50.40
CA GLU A 305 4.77 -21.58 51.32
C GLU A 305 4.02 -20.36 51.87
N ARG A 306 3.16 -19.74 51.05
CA ARG A 306 2.44 -18.56 51.53
C ARG A 306 0.99 -18.83 51.94
N GLY A 307 0.60 -20.10 51.95
CA GLY A 307 -0.76 -20.45 52.34
C GLY A 307 -1.12 -20.09 53.78
N PRO A 308 -2.35 -20.41 54.23
CA PRO A 308 -3.37 -21.08 53.43
C PRO A 308 -4.15 -20.12 52.54
N PHE A 309 -4.81 -20.68 51.53
CA PHE A 309 -5.63 -19.90 50.61
C PHE A 309 -6.93 -20.65 50.41
N ARG A 310 -8.04 -20.01 50.73
CA ARG A 310 -9.34 -20.65 50.57
C ARG A 310 -9.81 -20.52 49.11
N PHE A 311 -9.52 -19.38 48.49
CA PHE A 311 -9.94 -19.14 47.12
C PHE A 311 -8.84 -18.98 46.09
N LEU A 312 -9.11 -19.49 44.89
CA LEU A 312 -8.22 -19.35 43.75
C LEU A 312 -9.05 -18.55 42.74
N ALA A 313 -8.66 -17.30 42.49
CA ALA A 313 -9.38 -16.45 41.56
C ALA A 313 -8.79 -16.60 40.15
N GLN A 314 -9.66 -16.67 39.15
CA GLN A 314 -9.22 -16.79 37.75
C GLN A 314 -10.03 -15.84 36.88
N GLY A 315 -9.45 -15.38 35.77
CA GLY A 315 -10.12 -14.46 34.87
C GLY A 315 -11.02 -15.09 33.82
N THR A 316 -11.58 -16.25 34.14
CA THR A 316 -12.47 -16.94 33.22
C THR A 316 -13.49 -15.96 32.64
N LEU A 317 -13.57 -15.88 31.31
CA LEU A 317 -14.51 -14.98 30.63
C LEU A 317 -15.73 -15.71 30.07
N TYR A 318 -16.74 -14.96 29.64
CA TYR A 318 -17.97 -15.56 29.12
C TYR A 318 -17.75 -16.49 27.93
N PRO A 319 -16.82 -16.14 27.02
CA PRO A 319 -16.60 -17.04 25.89
C PRO A 319 -16.14 -18.41 26.38
N ASP A 320 -15.42 -18.43 27.51
CA ASP A 320 -14.94 -19.69 28.09
C ASP A 320 -16.08 -20.52 28.64
N VAL A 321 -17.01 -19.87 29.34
CA VAL A 321 -18.16 -20.54 29.90
C VAL A 321 -18.97 -21.17 28.78
N ILE A 322 -19.00 -20.50 27.63
CA ILE A 322 -19.73 -21.01 26.48
C ILE A 322 -19.06 -22.28 25.96
N GLU A 323 -17.76 -22.42 26.22
CA GLU A 323 -17.00 -23.59 25.80
C GLU A 323 -17.23 -24.78 26.73
N GLY A 341 -4.81 -28.32 36.32
CA GLY A 341 -4.85 -29.29 37.39
C GLY A 341 -3.76 -29.11 38.42
N LEU A 342 -4.13 -28.58 39.58
CA LEU A 342 -3.18 -28.36 40.67
C LEU A 342 -2.91 -29.67 41.40
N PRO A 343 -1.82 -29.72 42.20
CA PRO A 343 -1.43 -30.91 42.96
C PRO A 343 -2.52 -31.38 43.94
N GLU A 344 -2.34 -32.57 44.49
CA GLU A 344 -3.30 -33.12 45.44
C GLU A 344 -3.38 -32.31 46.72
N ASP A 345 -2.22 -32.04 47.31
CA ASP A 345 -2.15 -31.29 48.57
C ASP A 345 -2.92 -29.96 48.54
N LEU A 346 -2.98 -29.32 47.38
CA LEU A 346 -3.67 -28.04 47.27
C LEU A 346 -5.12 -28.19 46.85
N GLU A 347 -6.01 -27.47 47.53
CA GLU A 347 -7.42 -27.48 47.21
C GLU A 347 -8.00 -26.09 47.50
N PHE A 348 -8.54 -25.47 46.45
CA PHE A 348 -9.12 -24.14 46.56
C PHE A 348 -10.55 -24.11 46.02
N GLU A 349 -11.24 -23.02 46.30
CA GLU A 349 -12.61 -22.83 45.81
C GLU A 349 -12.51 -21.77 44.71
N LEU A 350 -12.96 -22.12 43.50
CA LEU A 350 -12.90 -21.20 42.37
C LEU A 350 -13.65 -19.90 42.51
N LEU A 351 -12.94 -18.81 42.27
CA LEU A 351 -13.50 -17.47 42.32
C LEU A 351 -13.32 -16.87 40.91
N GLU A 352 -14.39 -16.88 40.13
CA GLU A 352 -14.38 -16.36 38.76
C GLU A 352 -15.38 -15.22 38.60
N PRO A 353 -14.99 -13.98 38.99
CA PRO A 353 -15.81 -12.78 38.92
C PRO A 353 -16.19 -12.30 37.51
N PHE A 354 -15.37 -12.64 36.51
CA PHE A 354 -15.62 -12.21 35.14
C PHE A 354 -16.27 -13.27 34.23
N ARG A 355 -16.68 -14.41 34.78
CA ARG A 355 -17.24 -15.47 33.96
C ARG A 355 -18.45 -15.10 33.10
N LEU A 356 -19.11 -13.99 33.40
CA LEU A 356 -20.27 -13.55 32.61
C LEU A 356 -19.94 -12.40 31.67
N LEU A 357 -18.70 -11.93 31.71
CA LEU A 357 -18.27 -10.79 30.89
C LEU A 357 -17.44 -11.13 29.65
N PHE A 358 -17.35 -10.15 28.76
CA PHE A 358 -16.53 -10.27 27.56
C PHE A 358 -15.27 -9.49 27.87
N LYS A 359 -14.18 -9.75 27.16
CA LYS A 359 -12.94 -9.04 27.46
C LYS A 359 -13.07 -7.52 27.44
N ASP A 360 -13.60 -6.94 26.36
CA ASP A 360 -13.70 -5.49 26.31
C ASP A 360 -14.43 -4.91 27.52
N GLU A 361 -15.35 -5.66 28.10
CA GLU A 361 -16.06 -5.18 29.30
C GLU A 361 -15.05 -5.18 30.47
N VAL A 362 -14.13 -6.14 30.49
CA VAL A 362 -13.13 -6.19 31.55
C VAL A 362 -12.16 -5.02 31.36
N ARG A 363 -11.85 -4.73 30.10
CA ARG A 363 -10.94 -3.64 29.75
C ARG A 363 -11.52 -2.30 30.23
N GLU A 364 -12.85 -2.24 30.30
CA GLU A 364 -13.54 -1.04 30.75
C GLU A 364 -13.49 -0.95 32.26
N LEU A 365 -13.53 -2.11 32.91
CA LEU A 365 -13.46 -2.14 34.36
C LEU A 365 -12.07 -1.65 34.75
N ALA A 366 -11.08 -2.08 33.98
CA ALA A 366 -9.70 -1.70 34.22
C ALA A 366 -9.55 -0.20 34.23
N LEU A 367 -10.29 0.47 33.35
CA LEU A 367 -10.25 1.93 33.27
C LEU A 367 -10.86 2.49 34.55
N LEU A 368 -12.00 1.93 34.96
CA LEU A 368 -12.67 2.39 36.17
C LEU A 368 -11.84 2.10 37.42
N LEU A 369 -11.00 1.06 37.36
CA LEU A 369 -10.17 0.71 38.50
C LEU A 369 -8.81 1.41 38.49
N GLY A 370 -8.56 2.23 37.47
CA GLY A 370 -7.32 2.98 37.40
C GLY A 370 -6.08 2.41 36.77
N LEU A 371 -6.23 1.40 35.91
CA LEU A 371 -5.06 0.83 35.25
C LEU A 371 -4.61 1.78 34.15
N PRO A 372 -3.33 2.21 34.16
CA PRO A 372 -2.81 3.13 33.14
C PRO A 372 -2.88 2.50 31.75
N ASP A 373 -3.17 3.32 30.73
CA ASP A 373 -3.29 2.80 29.38
C ASP A 373 -2.13 1.93 28.90
N THR A 374 -0.96 2.08 29.51
CA THR A 374 0.19 1.27 29.12
C THR A 374 -0.06 -0.23 29.32
N LEU A 375 -0.81 -0.59 30.35
CA LEU A 375 -1.11 -2.00 30.61
C LEU A 375 -2.54 -2.37 30.24
N ARG A 376 -3.38 -1.35 30.05
CA ARG A 376 -4.78 -1.56 29.72
C ARG A 376 -5.07 -1.79 28.23
N LEU A 377 -4.25 -1.24 27.34
CA LEU A 377 -4.51 -1.40 25.91
C LEU A 377 -3.48 -2.21 25.11
N ARG A 378 -2.81 -3.14 25.75
CA ARG A 378 -1.82 -3.93 25.06
C ARG A 378 -2.45 -5.16 24.39
N HIS A 379 -1.76 -5.72 23.41
CA HIS A 379 -2.23 -6.90 22.70
C HIS A 379 -2.07 -8.14 23.57
N PRO A 380 -2.87 -9.18 23.32
CA PRO A 380 -2.76 -10.40 24.13
C PRO A 380 -1.39 -11.04 23.94
N PHE A 381 -0.92 -11.71 24.99
CA PHE A 381 0.37 -12.39 24.96
C PHE A 381 0.10 -13.78 25.53
N PRO A 382 0.47 -14.84 24.80
CA PRO A 382 0.25 -16.23 25.22
C PRO A 382 0.97 -16.66 26.49
N GLY A 383 0.41 -17.67 27.16
CA GLY A 383 1.02 -18.21 28.37
C GLY A 383 2.45 -18.65 28.12
N PRO A 384 2.70 -19.41 27.03
CA PRO A 384 4.06 -19.86 26.75
C PRO A 384 4.98 -18.75 26.21
N GLY A 385 4.45 -17.54 26.14
CA GLY A 385 5.23 -16.40 25.68
C GLY A 385 6.06 -16.61 24.42
N LEU A 386 7.28 -16.08 24.43
CA LEU A 386 8.19 -16.19 23.29
C LEU A 386 8.65 -17.62 22.93
N ALA A 387 8.39 -18.60 23.78
CA ALA A 387 8.82 -19.95 23.44
C ALA A 387 8.08 -20.47 22.20
N VAL A 388 6.86 -20.00 21.97
CA VAL A 388 6.12 -20.44 20.78
C VAL A 388 6.32 -19.51 19.59
N ARG A 389 7.27 -18.58 19.73
CA ARG A 389 7.60 -17.64 18.66
C ARG A 389 9.03 -17.86 18.19
N VAL A 390 9.63 -18.96 18.67
CA VAL A 390 10.95 -19.38 18.25
C VAL A 390 10.69 -20.75 17.60
N LEU A 391 10.94 -20.86 16.29
CA LEU A 391 10.73 -22.12 15.59
C LEU A 391 11.93 -23.03 15.78
N GLY A 392 11.81 -23.97 16.70
CA GLY A 392 12.89 -24.87 16.99
C GLY A 392 13.16 -24.76 18.47
N GLU A 393 14.25 -25.37 18.93
CA GLU A 393 14.60 -25.34 20.35
C GLU A 393 14.73 -23.94 20.93
N VAL A 394 14.20 -23.75 22.14
CA VAL A 394 14.27 -22.46 22.81
C VAL A 394 15.58 -22.37 23.60
N THR A 395 16.47 -21.46 23.20
CA THR A 395 17.73 -21.26 23.90
C THR A 395 17.74 -19.82 24.36
N GLU A 396 18.64 -19.50 25.27
CA GLU A 396 18.72 -18.14 25.76
C GLU A 396 19.18 -17.17 24.67
N GLU A 397 20.10 -17.61 23.81
CA GLU A 397 20.58 -16.74 22.75
C GLU A 397 19.47 -16.37 21.75
N ARG A 398 18.62 -17.35 21.44
CA ARG A 398 17.52 -17.12 20.52
C ARG A 398 16.51 -16.16 21.12
N LEU A 399 16.21 -16.33 22.41
CA LEU A 399 15.28 -15.48 23.11
C LEU A 399 15.82 -14.06 23.17
N GLU A 400 17.13 -13.93 23.31
CA GLU A 400 17.79 -12.63 23.39
C GLU A 400 17.65 -11.89 22.06
N ILE A 401 17.85 -12.61 20.97
CA ILE A 401 17.74 -12.03 19.63
C ILE A 401 16.28 -11.65 19.36
N LEU A 402 15.38 -12.61 19.55
CA LEU A 402 13.97 -12.36 19.31
C LEU A 402 13.45 -11.17 20.11
N ARG A 403 13.78 -11.11 21.39
CA ARG A 403 13.34 -10.01 22.24
C ARG A 403 13.71 -8.65 21.69
N ARG A 404 14.93 -8.54 21.17
CA ARG A 404 15.38 -7.26 20.62
C ARG A 404 14.61 -6.91 19.35
N ALA A 405 14.35 -7.91 18.49
CA ALA A 405 13.65 -7.67 17.24
C ALA A 405 12.20 -7.31 17.53
N ASP A 406 11.59 -8.07 18.42
CA ASP A 406 10.21 -7.87 18.84
C ASP A 406 10.03 -6.47 19.44
N ASP A 407 10.94 -6.11 20.34
CA ASP A 407 10.95 -4.81 21.01
C ASP A 407 11.02 -3.68 19.97
N ILE A 408 11.81 -3.86 18.92
CA ILE A 408 11.92 -2.83 17.88
C ILE A 408 10.62 -2.72 17.06
N PHE A 409 10.02 -3.87 16.76
CA PHE A 409 8.77 -3.92 16.00
C PHE A 409 7.65 -3.21 16.76
N THR A 410 7.47 -3.62 18.01
CA THR A 410 6.46 -3.05 18.90
C THR A 410 6.61 -1.54 19.04
N SER A 411 7.84 -1.11 19.25
CA SER A 411 8.13 0.31 19.41
C SER A 411 7.83 1.14 18.17
N LEU A 412 8.19 0.64 16.99
CA LEU A 412 7.92 1.38 15.77
C LEU A 412 6.42 1.47 15.55
N LEU A 413 5.71 0.40 15.86
CA LEU A 413 4.26 0.41 15.70
C LEU A 413 3.69 1.55 16.57
N ARG A 414 4.15 1.65 17.81
CA ARG A 414 3.64 2.70 18.69
C ARG A 414 3.98 4.09 18.19
N GLU A 415 5.22 4.29 17.74
CA GLU A 415 5.63 5.60 17.24
C GLU A 415 4.71 6.11 16.14
N TRP A 416 4.31 5.22 15.23
CA TRP A 416 3.43 5.59 14.12
C TRP A 416 1.96 5.51 14.47
N GLY A 417 1.67 5.06 15.69
CA GLY A 417 0.29 4.95 16.12
C GLY A 417 -0.44 3.78 15.48
N LEU A 418 0.33 2.82 14.99
CA LEU A 418 -0.27 1.62 14.38
C LEU A 418 -0.52 0.50 15.40
N TYR A 419 0.13 0.60 16.57
CA TYR A 419 -0.03 -0.44 17.58
C TYR A 419 -1.50 -0.68 17.94
N GLU A 420 -2.24 0.41 18.17
CA GLU A 420 -3.64 0.28 18.53
C GLU A 420 -4.55 0.01 17.32
N LYS A 421 -3.99 0.02 16.13
CA LYS A 421 -4.78 -0.21 14.92
C LYS A 421 -4.71 -1.63 14.34
N VAL A 422 -4.13 -2.55 15.11
CA VAL A 422 -4.06 -3.96 14.76
C VAL A 422 -4.49 -4.69 16.04
N ALA A 423 -5.03 -5.88 15.90
CA ALA A 423 -5.50 -6.68 17.04
C ALA A 423 -4.37 -7.48 17.69
N GLN A 424 -3.33 -7.73 16.91
CA GLN A 424 -2.18 -8.49 17.40
C GLN A 424 -0.96 -8.21 16.52
N ALA A 425 0.22 -8.16 17.13
CA ALA A 425 1.44 -7.92 16.39
C ALA A 425 2.53 -8.71 17.11
N LEU A 426 3.22 -9.58 16.38
CA LEU A 426 4.26 -10.40 16.96
C LEU A 426 5.37 -10.67 15.96
N ALA A 427 6.49 -11.17 16.45
CA ALA A 427 7.64 -11.50 15.63
C ALA A 427 8.02 -12.96 15.91
N VAL A 428 8.38 -13.67 14.85
CA VAL A 428 8.75 -15.08 14.95
C VAL A 428 10.18 -15.26 14.43
N LEU A 429 10.99 -15.97 15.20
CA LEU A 429 12.38 -16.20 14.83
C LEU A 429 12.58 -17.59 14.24
N THR A 430 13.11 -17.65 13.03
CA THR A 430 13.36 -18.92 12.37
C THR A 430 14.86 -19.10 12.15
N PRO A 431 15.46 -20.12 12.79
CA PRO A 431 16.90 -20.38 12.64
C PRO A 431 17.16 -20.98 11.26
N VAL A 432 18.16 -20.44 10.56
CA VAL A 432 18.48 -20.94 9.24
C VAL A 432 19.98 -20.86 8.98
N GLY A 445 22.59 -15.97 10.95
CA GLY A 445 21.74 -17.04 10.44
C GLY A 445 20.34 -17.08 11.01
N TYR A 446 19.55 -16.04 10.73
CA TYR A 446 18.18 -15.99 11.23
C TYR A 446 17.26 -15.16 10.34
N VAL A 447 16.03 -15.64 10.18
CA VAL A 447 15.03 -14.94 9.40
C VAL A 447 13.97 -14.57 10.42
N LEU A 448 13.54 -13.31 10.41
CA LEU A 448 12.52 -12.87 11.34
C LEU A 448 11.23 -12.56 10.60
N ALA A 449 10.13 -13.11 11.09
CA ALA A 449 8.84 -12.87 10.45
C ALA A 449 8.00 -11.92 11.29
N LEU A 450 7.55 -10.85 10.67
CA LEU A 450 6.67 -9.89 11.35
C LEU A 450 5.24 -10.39 11.07
N ARG A 451 4.40 -10.41 12.10
CA ARG A 451 3.05 -10.91 11.97
C ARG A 451 2.05 -9.98 12.63
N ALA A 452 1.17 -9.35 11.85
CA ALA A 452 0.15 -8.50 12.43
C ALA A 452 -1.20 -8.82 11.79
N VAL A 453 -2.26 -8.77 12.58
CA VAL A 453 -3.58 -9.07 12.03
C VAL A 453 -4.60 -8.08 12.54
N THR A 454 -5.74 -8.02 11.85
CA THR A 454 -6.86 -7.16 12.21
C THR A 454 -8.07 -8.07 12.20
N THR A 455 -9.14 -7.67 12.89
CA THR A 455 -10.34 -8.48 12.93
C THR A 455 -11.62 -7.68 13.10
N GLU A 456 -12.71 -8.15 12.49
CA GLU A 456 -14.00 -7.49 12.59
C GLU A 456 -15.09 -8.38 13.21
N ASP A 457 -14.85 -9.69 13.27
CA ASP A 457 -15.85 -10.60 13.83
C ASP A 457 -15.39 -11.35 15.08
N PHE A 458 -14.19 -11.02 15.55
CA PHE A 458 -13.62 -11.71 16.71
C PHE A 458 -13.54 -13.23 16.52
N MET A 459 -13.50 -13.75 15.29
CA MET A 459 -13.33 -15.18 15.00
C MET A 459 -12.27 -15.37 13.92
N THR A 460 -12.36 -14.57 12.88
CA THR A 460 -11.40 -14.63 11.80
C THR A 460 -10.43 -13.47 11.95
N ALA A 461 -9.31 -13.55 11.25
CA ALA A 461 -8.31 -12.49 11.33
C ALA A 461 -7.61 -12.38 10.00
N ASP A 462 -7.45 -11.15 9.52
CA ASP A 462 -6.76 -10.94 8.25
C ASP A 462 -5.36 -10.42 8.50
N TRP A 463 -4.40 -10.78 7.66
CA TRP A 463 -3.06 -10.24 7.85
C TRP A 463 -3.25 -8.74 7.70
N ALA A 464 -2.66 -7.95 8.60
CA ALA A 464 -2.83 -6.50 8.57
C ALA A 464 -2.26 -5.78 7.34
N ARG A 465 -3.10 -4.96 6.72
CA ARG A 465 -2.69 -4.19 5.55
C ARG A 465 -1.99 -2.95 6.09
N LEU A 466 -0.75 -3.12 6.53
CA LEU A 466 0.01 -2.02 7.09
C LEU A 466 0.70 -1.21 5.98
N PRO A 467 0.99 0.07 6.23
CA PRO A 467 1.66 0.89 5.21
C PRO A 467 3.00 0.24 4.86
N LEU A 468 3.29 0.11 3.57
CA LEU A 468 4.55 -0.51 3.17
C LEU A 468 5.78 0.27 3.66
N GLU A 469 5.65 1.58 3.81
CA GLU A 469 6.79 2.37 4.27
C GLU A 469 7.10 1.98 5.72
N PHE A 470 6.07 1.65 6.51
CA PHE A 470 6.29 1.22 7.88
C PHE A 470 7.04 -0.13 7.89
N LEU A 471 6.60 -1.06 7.04
CA LEU A 471 7.23 -2.37 6.95
C LEU A 471 8.69 -2.23 6.51
N ASP A 472 8.97 -1.26 5.65
CA ASP A 472 10.34 -1.08 5.21
C ASP A 472 11.19 -0.57 6.38
N GLU A 473 10.65 0.39 7.13
CA GLU A 473 11.38 0.95 8.27
C GLU A 473 11.60 -0.15 9.31
N ALA A 474 10.61 -1.01 9.51
CA ALA A 474 10.76 -2.06 10.51
C ALA A 474 11.89 -3.03 10.11
N ALA A 475 11.91 -3.44 8.84
CA ALA A 475 12.92 -4.37 8.36
C ALA A 475 14.33 -3.81 8.43
N ARG A 476 14.50 -2.55 8.03
CA ARG A 476 15.83 -1.92 8.05
C ARG A 476 16.36 -1.79 9.47
N ARG A 477 15.52 -1.29 10.36
CA ARG A 477 15.94 -1.10 11.74
C ARG A 477 16.29 -2.43 12.40
N ILE A 478 15.51 -3.46 12.12
CA ILE A 478 15.78 -4.75 12.70
C ILE A 478 17.10 -5.33 12.21
N THR A 479 17.30 -5.43 10.90
CA THR A 479 18.57 -5.98 10.41
C THR A 479 19.78 -5.11 10.81
N ARG A 480 19.56 -3.81 10.97
CA ARG A 480 20.64 -2.92 11.36
C ARG A 480 21.00 -3.02 12.84
N ARG A 481 19.99 -3.05 13.70
CA ARG A 481 20.20 -3.10 15.15
C ARG A 481 20.39 -4.53 15.69
N VAL A 482 19.98 -5.53 14.90
CA VAL A 482 20.12 -6.92 15.32
C VAL A 482 20.84 -7.69 14.23
N PRO A 483 22.18 -7.54 14.18
CA PRO A 483 23.05 -8.20 13.20
C PRO A 483 22.83 -9.69 12.96
N GLU A 484 22.38 -10.42 13.98
CA GLU A 484 22.13 -11.86 13.82
C GLU A 484 21.00 -12.13 12.82
N ILE A 485 20.06 -11.20 12.72
CA ILE A 485 18.94 -11.32 11.79
C ILE A 485 19.41 -10.86 10.41
N GLY A 486 19.38 -11.77 9.45
CA GLY A 486 19.81 -11.41 8.11
C GLY A 486 18.69 -11.19 7.11
N ARG A 487 17.44 -11.41 7.53
CA ARG A 487 16.32 -11.24 6.64
C ARG A 487 15.02 -11.08 7.43
N VAL A 488 14.19 -10.15 6.98
CA VAL A 488 12.91 -9.89 7.63
C VAL A 488 11.82 -10.12 6.60
N VAL A 489 10.75 -10.80 7.00
CA VAL A 489 9.63 -11.07 6.11
C VAL A 489 8.34 -10.67 6.79
N TYR A 490 7.25 -10.57 6.02
CA TYR A 490 5.95 -10.20 6.58
C TYR A 490 4.98 -11.31 6.23
N ASP A 491 4.25 -11.78 7.23
CA ASP A 491 3.29 -12.87 7.03
C ASP A 491 2.07 -12.37 6.25
N LEU A 492 1.75 -13.04 5.15
CA LEU A 492 0.61 -12.69 4.32
C LEU A 492 -0.54 -13.69 4.49
N THR A 493 -0.53 -14.43 5.59
CA THR A 493 -1.56 -15.45 5.79
C THR A 493 -2.65 -15.10 6.78
N SER A 494 -3.90 -15.28 6.37
CA SER A 494 -5.02 -14.95 7.24
C SER A 494 -5.53 -16.16 8.00
N LYS A 495 -6.48 -15.89 8.90
CA LYS A 495 -7.12 -16.89 9.75
C LYS A 495 -8.62 -16.82 9.43
N PRO A 496 -9.17 -17.85 8.77
CA PRO A 496 -8.51 -19.07 8.30
C PRO A 496 -7.61 -18.74 7.11
N PRO A 497 -6.79 -19.70 6.65
CA PRO A 497 -6.66 -21.06 7.17
C PRO A 497 -5.52 -21.26 8.16
N ALA A 498 -4.79 -20.20 8.49
CA ALA A 498 -3.68 -20.33 9.42
C ALA A 498 -4.04 -19.75 10.78
N THR A 499 -3.18 -19.99 11.76
CA THR A 499 -3.36 -19.47 13.11
C THR A 499 -2.64 -18.13 13.22
N ILE A 500 -2.98 -17.34 14.23
CA ILE A 500 -2.33 -16.06 14.43
C ILE A 500 -0.87 -16.31 14.81
N GLU A 501 -0.66 -17.12 15.84
CA GLU A 501 0.70 -17.48 16.29
C GLU A 501 1.19 -18.53 15.30
N TRP A 502 2.50 -18.73 15.22
CA TRP A 502 3.06 -19.72 14.29
C TRP A 502 3.13 -21.15 14.85
N GLU A 503 2.97 -21.30 16.15
CA GLU A 503 3.01 -22.63 16.78
C GLU A 503 2.49 -22.56 18.20
N MET B 1 31.71 6.94 -31.09
CA MET B 1 32.11 6.24 -29.84
C MET B 1 32.51 7.24 -28.75
N VAL B 2 32.09 6.98 -27.52
CA VAL B 2 32.42 7.85 -26.40
C VAL B 2 33.16 7.00 -25.37
N LEU B 3 34.31 7.48 -24.93
CA LEU B 3 35.12 6.77 -23.96
C LEU B 3 34.87 7.30 -22.54
N VAL B 4 34.88 6.38 -21.58
CA VAL B 4 34.67 6.74 -20.16
C VAL B 4 35.94 6.43 -19.40
N LEU B 5 36.57 7.45 -18.83
CA LEU B 5 37.80 7.23 -18.04
C LEU B 5 37.42 6.96 -16.59
N ASP B 6 37.76 5.77 -16.13
CA ASP B 6 37.44 5.30 -14.80
C ASP B 6 38.38 5.70 -13.67
N PHE B 7 37.90 6.59 -12.79
CA PHE B 7 38.68 7.05 -11.67
C PHE B 7 38.23 6.39 -10.36
N GLY B 8 37.56 5.26 -10.46
CA GLY B 8 37.13 4.54 -9.27
C GLY B 8 35.68 4.60 -8.81
N SER B 9 34.88 5.48 -9.40
CA SER B 9 33.47 5.63 -9.02
C SER B 9 32.67 4.33 -9.16
N GLN B 10 31.76 4.10 -8.23
CA GLN B 10 30.92 2.90 -8.30
C GLN B 10 29.90 3.06 -9.44
N TYR B 11 29.81 4.26 -10.01
CA TYR B 11 28.88 4.55 -11.08
C TYR B 11 29.49 4.53 -12.47
N THR B 12 30.78 4.27 -12.56
CA THR B 12 31.46 4.26 -13.85
C THR B 12 30.74 3.39 -14.90
N ARG B 13 30.45 2.16 -14.53
CA ARG B 13 29.75 1.23 -15.42
C ARG B 13 28.40 1.85 -15.84
N LEU B 14 27.76 2.55 -14.91
CA LEU B 14 26.47 3.19 -15.15
C LEU B 14 26.60 4.30 -16.19
N ILE B 15 27.69 5.06 -16.12
CA ILE B 15 27.91 6.12 -17.10
C ILE B 15 27.94 5.47 -18.48
N ALA B 16 28.65 4.35 -18.59
CA ALA B 16 28.74 3.64 -19.86
C ALA B 16 27.36 3.21 -20.38
N ARG B 17 26.53 2.65 -19.50
CA ARG B 17 25.19 2.23 -19.92
C ARG B 17 24.36 3.39 -20.44
N ARG B 18 24.35 4.50 -19.69
CA ARG B 18 23.56 5.67 -20.06
C ARG B 18 23.86 6.06 -21.51
N LEU B 19 25.15 6.14 -21.83
CA LEU B 19 25.56 6.50 -23.18
C LEU B 19 24.92 5.56 -24.20
N ARG B 20 24.90 4.26 -23.92
CA ARG B 20 24.27 3.29 -24.83
C ARG B 20 22.78 3.65 -24.98
N GLU B 21 22.14 4.01 -23.87
CA GLU B 21 20.73 4.36 -23.88
C GLU B 21 20.46 5.60 -24.74
N LEU B 22 21.48 6.44 -24.99
CA LEU B 22 21.51 7.63 -25.85
C LEU B 22 22.04 7.27 -27.24
N ARG B 23 22.04 6.00 -27.62
CA ARG B 23 22.49 5.34 -28.84
C ARG B 23 23.92 5.69 -29.31
N ALA B 24 24.79 5.85 -28.32
CA ALA B 24 26.22 6.14 -28.49
C ALA B 24 27.03 4.99 -27.88
N PHE B 25 27.93 4.38 -28.65
CA PHE B 25 28.72 3.28 -28.13
C PHE B 25 29.69 3.87 -27.12
N SER B 26 30.10 3.07 -26.14
CA SER B 26 31.01 3.53 -25.12
C SER B 26 31.88 2.41 -24.55
N LEU B 27 33.10 2.79 -24.14
CA LEU B 27 34.05 1.86 -23.56
C LEU B 27 34.64 2.48 -22.31
N ILE B 28 35.10 1.62 -21.41
CA ILE B 28 35.69 2.07 -20.16
C ILE B 28 37.18 1.79 -20.17
N LEU B 29 37.97 2.79 -19.81
CA LEU B 29 39.43 2.65 -19.73
C LEU B 29 39.87 3.20 -18.39
N PRO B 30 40.98 2.69 -17.85
CA PRO B 30 41.46 3.20 -16.56
C PRO B 30 41.68 4.71 -16.72
N GLY B 31 41.39 5.47 -15.67
CA GLY B 31 41.56 6.90 -15.73
C GLY B 31 42.98 7.32 -16.04
N ASP B 32 43.93 6.41 -15.82
CA ASP B 32 45.34 6.70 -16.05
C ASP B 32 45.86 6.26 -17.42
N ALA B 33 44.99 5.67 -18.25
CA ALA B 33 45.42 5.23 -19.57
C ALA B 33 46.10 6.36 -20.32
N PRO B 34 47.19 6.04 -21.05
CA PRO B 34 47.95 7.03 -21.82
C PRO B 34 47.11 7.56 -22.98
N LEU B 35 47.39 8.79 -23.41
CA LEU B 35 46.64 9.38 -24.50
C LEU B 35 46.71 8.57 -25.79
N GLU B 36 47.65 7.63 -25.88
CA GLU B 36 47.75 6.82 -27.09
C GLU B 36 46.66 5.77 -27.13
N GLU B 37 46.50 5.04 -26.03
CA GLU B 37 45.46 4.01 -25.96
C GLU B 37 44.07 4.66 -26.01
N VAL B 38 43.96 5.89 -25.54
CA VAL B 38 42.69 6.58 -25.56
C VAL B 38 42.29 6.91 -27.00
N LEU B 39 43.24 7.42 -27.77
CA LEU B 39 42.99 7.81 -29.15
C LEU B 39 42.82 6.69 -30.17
N LYS B 40 43.41 5.53 -29.93
CA LYS B 40 43.27 4.43 -30.87
C LYS B 40 41.81 4.03 -31.03
N HIS B 41 40.98 4.38 -30.05
CA HIS B 41 39.56 4.06 -30.09
C HIS B 41 38.80 5.13 -30.89
N ARG B 42 39.52 6.16 -31.32
CA ARG B 42 38.93 7.25 -32.10
C ARG B 42 37.66 7.74 -31.41
N PRO B 43 37.80 8.29 -30.18
CA PRO B 43 36.66 8.79 -29.42
C PRO B 43 36.18 10.16 -29.91
N GLN B 44 34.87 10.35 -29.93
CA GLN B 44 34.29 11.61 -30.37
C GLN B 44 34.12 12.51 -29.15
N ALA B 45 34.23 11.90 -27.97
CA ALA B 45 34.08 12.65 -26.73
C ALA B 45 34.63 11.82 -25.59
N LEU B 46 34.88 12.48 -24.47
CA LEU B 46 35.41 11.79 -23.31
C LEU B 46 34.67 12.22 -22.06
N ILE B 47 34.47 11.27 -21.15
CA ILE B 47 33.81 11.54 -19.89
C ILE B 47 34.72 11.05 -18.77
N LEU B 48 35.05 11.95 -17.85
CA LEU B 48 35.89 11.60 -16.70
C LEU B 48 34.96 11.28 -15.53
N SER B 49 35.02 10.03 -15.09
CA SER B 49 34.16 9.55 -14.00
C SER B 49 34.56 10.13 -12.65
N GLY B 50 33.67 9.97 -11.68
CA GLY B 50 33.94 10.42 -10.34
C GLY B 50 34.84 9.38 -9.68
N GLY B 51 35.19 9.60 -8.41
CA GLY B 51 36.03 8.66 -7.70
C GLY B 51 35.93 8.81 -6.19
N PRO B 52 36.24 7.75 -5.41
CA PRO B 52 36.17 7.81 -3.96
C PRO B 52 37.29 8.57 -3.26
N ARG B 53 38.32 8.97 -4.04
CA ARG B 53 39.45 9.70 -3.47
C ARG B 53 39.39 11.18 -3.79
N SER B 54 40.16 11.96 -3.03
CA SER B 54 40.25 13.40 -3.20
C SER B 54 41.35 13.68 -4.21
N VAL B 55 41.24 14.77 -4.96
CA VAL B 55 42.26 15.10 -5.94
C VAL B 55 43.55 15.51 -5.23
N PHE B 56 43.54 15.38 -3.90
CA PHE B 56 44.70 15.71 -3.08
C PHE B 56 45.32 14.46 -2.50
N ASP B 57 44.54 13.38 -2.48
CA ASP B 57 45.03 12.11 -1.97
C ASP B 57 46.24 11.76 -2.83
N PRO B 58 47.36 11.37 -2.21
CA PRO B 58 48.56 11.02 -2.97
C PRO B 58 48.37 9.80 -3.87
N ASP B 59 47.39 8.98 -3.53
CA ASP B 59 47.09 7.77 -4.31
C ASP B 59 45.85 7.97 -5.20
N ALA B 60 45.52 9.23 -5.48
CA ALA B 60 44.38 9.55 -6.32
C ALA B 60 44.73 9.34 -7.78
N PRO B 61 43.91 8.58 -8.52
CA PRO B 61 44.12 8.28 -9.95
C PRO B 61 44.35 9.55 -10.77
N ARG B 62 45.43 9.56 -11.55
CA ARG B 62 45.76 10.72 -12.38
C ARG B 62 45.67 10.40 -13.87
N PRO B 63 45.05 11.29 -14.65
CA PRO B 63 44.90 11.12 -16.08
C PRO B 63 46.17 11.58 -16.81
N ASP B 64 46.27 11.25 -18.10
CA ASP B 64 47.42 11.68 -18.88
C ASP B 64 47.28 13.19 -19.09
N PRO B 65 48.26 13.97 -18.60
CA PRO B 65 48.28 15.43 -18.70
C PRO B 65 48.02 15.99 -20.09
N ARG B 66 48.35 15.23 -21.13
CA ARG B 66 48.14 15.67 -22.49
C ARG B 66 46.67 15.63 -22.88
N LEU B 67 45.89 14.87 -22.14
CA LEU B 67 44.46 14.71 -22.39
C LEU B 67 43.68 16.02 -22.44
N PHE B 68 43.95 16.92 -21.52
CA PHE B 68 43.24 18.19 -21.47
C PHE B 68 43.58 19.13 -22.61
N SER B 69 44.42 18.67 -23.53
CA SER B 69 44.80 19.49 -24.66
C SER B 69 44.52 18.75 -25.97
N SER B 70 44.03 17.52 -25.85
CA SER B 70 43.73 16.70 -27.02
C SER B 70 42.68 17.31 -27.94
N GLY B 71 41.94 18.28 -27.44
CA GLY B 71 40.91 18.91 -28.26
C GLY B 71 39.59 18.13 -28.28
N LEU B 72 39.55 17.00 -27.59
CA LEU B 72 38.35 16.18 -27.53
C LEU B 72 37.32 16.79 -26.58
N PRO B 73 36.05 16.81 -26.98
CA PRO B 73 35.04 17.37 -26.08
C PRO B 73 35.05 16.52 -24.82
N LEU B 74 35.02 17.14 -23.65
CA LEU B 74 35.00 16.32 -22.45
C LEU B 74 34.06 16.79 -21.37
N LEU B 75 33.62 15.83 -20.57
CA LEU B 75 32.72 16.12 -19.47
C LEU B 75 33.32 15.42 -18.25
N GLY B 76 33.69 16.20 -17.25
CA GLY B 76 34.25 15.63 -16.03
C GLY B 76 33.14 15.57 -14.98
N ILE B 77 32.95 14.40 -14.38
CA ILE B 77 31.91 14.25 -13.38
C ILE B 77 32.54 14.14 -11.99
N CYS B 78 32.07 15.00 -11.07
CA CYS B 78 32.55 15.05 -9.69
C CYS B 78 34.07 15.06 -9.62
N TYR B 79 34.68 13.96 -9.17
CA TYR B 79 36.14 13.89 -9.10
C TYR B 79 36.71 14.31 -10.44
N GLY B 80 36.00 13.97 -11.51
CA GLY B 80 36.43 14.32 -12.85
C GLY B 80 36.43 15.82 -13.06
N MET B 81 35.43 16.50 -12.50
CA MET B 81 35.35 17.95 -12.64
C MET B 81 36.46 18.59 -11.80
N GLN B 82 36.89 17.88 -10.76
CA GLN B 82 37.97 18.37 -9.89
C GLN B 82 39.27 18.37 -10.68
N LEU B 83 39.59 17.23 -11.30
CA LEU B 83 40.80 17.10 -12.10
C LEU B 83 40.86 18.26 -13.08
N LEU B 84 39.77 18.39 -13.84
CA LEU B 84 39.62 19.43 -14.84
C LEU B 84 40.00 20.81 -14.26
N ALA B 85 39.32 21.22 -13.20
CA ALA B 85 39.58 22.50 -12.56
C ALA B 85 41.04 22.65 -12.14
N GLN B 86 41.54 21.68 -11.40
CA GLN B 86 42.91 21.70 -10.91
C GLN B 86 43.96 21.77 -12.02
N GLU B 87 43.95 20.81 -12.92
CA GLU B 87 44.93 20.76 -14.01
C GLU B 87 44.81 21.83 -15.09
N LEU B 88 44.16 22.95 -14.79
CA LEU B 88 44.01 24.02 -15.77
C LEU B 88 44.01 25.43 -15.17
N GLY B 89 44.44 25.55 -13.92
CA GLY B 89 44.50 26.85 -13.29
C GLY B 89 43.36 27.20 -12.36
N GLY B 90 42.55 26.20 -12.01
CA GLY B 90 41.44 26.46 -11.11
C GLY B 90 41.83 26.14 -9.68
N ARG B 91 40.94 26.41 -8.74
CA ARG B 91 41.23 26.12 -7.34
C ARG B 91 40.25 25.11 -6.78
N VAL B 92 40.77 24.07 -6.14
CA VAL B 92 39.95 23.05 -5.53
C VAL B 92 40.31 22.92 -4.06
N GLU B 93 39.30 22.81 -3.21
CA GLU B 93 39.51 22.68 -1.77
C GLU B 93 38.77 21.49 -1.17
N ARG B 94 39.19 21.09 0.03
CA ARG B 94 38.58 19.98 0.74
C ARG B 94 37.31 20.43 1.45
N ALA B 95 36.16 20.16 0.86
CA ALA B 95 34.89 20.54 1.46
C ALA B 95 34.24 19.33 2.10
N TYR B 100 26.91 11.25 -0.88
CA TYR B 100 26.35 12.29 -1.79
C TYR B 100 25.17 13.00 -1.12
N GLY B 101 24.26 13.52 -1.92
CA GLY B 101 23.10 14.21 -1.37
C GLY B 101 22.27 14.91 -2.43
N LYS B 102 20.95 14.91 -2.24
CA LYS B 102 20.05 15.58 -3.18
C LYS B 102 20.20 17.08 -3.00
N ALA B 103 20.15 17.82 -4.11
CA ALA B 103 20.27 19.26 -4.07
C ALA B 103 19.62 19.86 -5.31
N LEU B 104 19.16 21.10 -5.20
CA LEU B 104 18.52 21.77 -6.34
C LEU B 104 19.44 22.81 -6.96
N LEU B 105 19.61 22.76 -8.28
CA LEU B 105 20.43 23.73 -8.97
C LEU B 105 19.62 25.02 -9.03
N THR B 106 20.05 26.02 -8.27
CA THR B 106 19.35 27.30 -8.27
C THR B 106 19.66 28.09 -9.53
N ARG B 107 20.66 27.65 -10.28
CA ARG B 107 21.04 28.33 -11.51
C ARG B 107 21.72 27.42 -12.50
N HIS B 108 21.36 27.57 -13.77
CA HIS B 108 21.94 26.79 -14.85
C HIS B 108 21.81 27.58 -16.14
N GLU B 109 22.81 27.46 -17.00
CA GLU B 109 22.80 28.17 -18.26
C GLU B 109 23.73 27.49 -19.25
N GLY B 110 23.59 27.85 -20.51
CA GLY B 110 24.43 27.27 -21.53
C GLY B 110 23.85 26.03 -22.17
N PRO B 111 24.51 25.54 -23.23
CA PRO B 111 24.07 24.34 -23.96
C PRO B 111 23.96 23.07 -23.11
N LEU B 112 24.76 22.96 -22.06
CA LEU B 112 24.71 21.75 -21.22
C LEU B 112 23.41 21.61 -20.42
N PHE B 113 22.65 22.69 -20.30
CA PHE B 113 21.40 22.64 -19.55
C PHE B 113 20.20 23.02 -20.39
N ARG B 114 20.33 22.81 -21.69
CA ARG B 114 19.27 23.10 -22.66
C ARG B 114 18.04 22.24 -22.39
N GLY B 115 16.90 22.90 -22.19
CA GLY B 115 15.67 22.17 -21.95
C GLY B 115 15.44 21.72 -20.52
N LEU B 116 16.11 22.37 -19.54
CA LEU B 116 16.09 21.83 -18.18
C LEU B 116 15.26 22.64 -17.19
N GLU B 117 14.83 23.69 -17.83
CA GLU B 117 14.05 24.79 -17.24
C GLU B 117 13.02 24.31 -16.22
N GLY B 118 13.07 24.93 -15.04
CA GLY B 118 12.28 24.48 -13.91
C GLY B 118 13.14 23.92 -12.80
N GLU B 119 12.58 22.98 -12.03
CA GLU B 119 13.30 22.37 -10.92
C GLU B 119 14.32 21.35 -11.44
N VAL B 120 15.55 21.46 -10.97
CA VAL B 120 16.59 20.52 -11.38
C VAL B 120 17.29 19.89 -10.19
N GLN B 121 16.82 18.72 -9.78
CA GLN B 121 17.43 18.04 -8.67
C GLN B 121 18.67 17.29 -9.16
N VAL B 122 19.75 17.40 -8.39
CA VAL B 122 20.99 16.71 -8.76
C VAL B 122 21.49 15.93 -7.57
N TRP B 123 22.23 14.87 -7.86
CA TRP B 123 22.81 13.98 -6.87
C TRP B 123 24.24 14.43 -6.70
N MET B 124 24.44 15.36 -5.76
CA MET B 124 25.74 15.96 -5.48
C MET B 124 26.80 15.10 -4.81
N SER B 125 28.05 15.41 -5.14
CA SER B 125 29.21 14.75 -4.56
C SER B 125 29.74 15.84 -3.64
N HIS B 126 30.03 15.49 -2.39
CA HIS B 126 30.51 16.47 -1.43
C HIS B 126 31.95 16.28 -0.95
N GLN B 127 32.66 15.34 -1.56
CA GLN B 127 34.05 15.07 -1.17
C GLN B 127 34.86 16.37 -1.17
N ASP B 128 35.01 16.98 -2.34
CA ASP B 128 35.73 18.24 -2.46
C ASP B 128 34.85 19.24 -3.19
N ALA B 129 35.43 20.36 -3.58
CA ALA B 129 34.68 21.39 -4.29
C ALA B 129 35.61 22.34 -5.03
N VAL B 130 35.15 22.81 -6.18
CA VAL B 130 35.91 23.75 -6.98
C VAL B 130 35.50 25.11 -6.42
N THR B 131 36.48 25.85 -5.90
CA THR B 131 36.20 27.16 -5.31
C THR B 131 36.30 28.25 -6.37
N ALA B 132 37.16 28.01 -7.36
CA ALA B 132 37.36 28.94 -8.45
C ALA B 132 37.61 28.17 -9.74
N PRO B 133 36.87 28.48 -10.80
CA PRO B 133 37.04 27.78 -12.08
C PRO B 133 38.33 28.21 -12.77
N PRO B 134 38.80 27.42 -13.74
CA PRO B 134 40.03 27.76 -14.45
C PRO B 134 39.89 29.16 -15.08
N PRO B 135 41.02 29.84 -15.34
CA PRO B 135 40.98 31.18 -15.94
C PRO B 135 40.18 31.21 -17.24
N GLY B 136 39.20 32.10 -17.32
CA GLY B 136 38.40 32.21 -18.52
C GLY B 136 37.21 31.27 -18.60
N TRP B 137 37.06 30.38 -17.62
CA TRP B 137 35.94 29.45 -17.60
C TRP B 137 34.74 30.09 -16.92
N ARG B 138 33.55 29.59 -17.24
CA ARG B 138 32.32 30.13 -16.65
C ARG B 138 31.66 29.17 -15.68
N VAL B 139 31.04 29.74 -14.65
CA VAL B 139 30.32 28.95 -13.65
C VAL B 139 28.88 28.90 -14.17
N VAL B 140 28.52 27.80 -14.81
CA VAL B 140 27.18 27.66 -15.39
C VAL B 140 26.11 27.03 -14.53
N ALA B 141 26.49 26.56 -13.34
CA ALA B 141 25.50 25.94 -12.45
C ALA B 141 25.80 26.23 -11.00
N GLU B 142 24.76 26.29 -10.19
CA GLU B 142 24.92 26.56 -8.77
C GLU B 142 23.85 25.87 -7.93
N THR B 143 24.17 25.73 -6.64
CA THR B 143 23.29 25.12 -5.66
C THR B 143 23.27 26.12 -4.51
N GLU B 144 22.21 26.10 -3.72
CA GLU B 144 22.10 27.03 -2.60
C GLU B 144 23.34 27.02 -1.71
N GLU B 145 24.07 25.90 -1.71
CA GLU B 145 25.26 25.80 -0.88
C GLU B 145 26.57 25.70 -1.63
N ASN B 146 26.52 25.45 -2.94
CA ASN B 146 27.74 25.36 -3.72
C ASN B 146 27.69 26.31 -4.91
N PRO B 147 28.40 27.44 -4.81
CA PRO B 147 28.47 28.48 -5.85
C PRO B 147 29.02 27.97 -7.17
N VAL B 148 29.73 26.85 -7.11
CA VAL B 148 30.32 26.27 -8.32
C VAL B 148 29.76 24.84 -8.51
N ALA B 149 28.58 24.73 -9.11
CA ALA B 149 27.96 23.42 -9.32
C ALA B 149 28.42 22.78 -10.63
N ALA B 150 28.74 23.62 -11.61
CA ALA B 150 29.21 23.15 -12.91
C ALA B 150 29.98 24.27 -13.60
N ILE B 151 30.95 23.90 -14.43
CA ILE B 151 31.76 24.88 -15.15
C ILE B 151 31.83 24.57 -16.64
N ALA B 152 32.12 25.59 -17.44
CA ALA B 152 32.22 25.44 -18.89
C ALA B 152 33.39 26.23 -19.46
N SER B 153 34.20 25.56 -20.29
CA SER B 153 35.34 26.19 -20.92
C SER B 153 34.88 27.17 -22.01
N PRO B 154 35.72 28.16 -22.34
CA PRO B 154 35.48 29.20 -23.35
C PRO B 154 35.19 28.69 -24.77
N ASP B 155 35.86 27.63 -25.17
CA ASP B 155 35.64 27.08 -26.52
C ASP B 155 34.39 26.21 -26.58
N GLY B 156 33.72 26.07 -25.44
CA GLY B 156 32.50 25.28 -25.36
C GLY B 156 32.68 23.79 -25.63
N ARG B 157 33.89 23.28 -25.46
CA ARG B 157 34.15 21.87 -25.71
C ARG B 157 34.37 21.02 -24.46
N ALA B 158 34.55 21.67 -23.32
CA ALA B 158 34.76 20.94 -22.06
C ALA B 158 33.81 21.40 -20.98
N TYR B 159 33.43 20.48 -20.10
CA TYR B 159 32.50 20.80 -19.02
C TYR B 159 32.74 19.95 -17.80
N GLY B 160 32.35 20.49 -16.65
CA GLY B 160 32.48 19.79 -15.40
C GLY B 160 31.20 19.98 -14.61
N VAL B 161 30.77 18.91 -13.93
CA VAL B 161 29.58 18.96 -13.10
C VAL B 161 29.92 18.35 -11.75
N GLN B 162 29.47 19.02 -10.69
CA GLN B 162 29.72 18.58 -9.32
C GLN B 162 28.67 17.57 -8.85
N PHE B 163 27.88 17.06 -9.78
CA PHE B 163 26.85 16.07 -9.46
C PHE B 163 26.92 14.91 -10.45
N HIS B 164 26.15 13.86 -10.18
CA HIS B 164 26.15 12.66 -11.01
C HIS B 164 24.94 12.60 -11.94
N PRO B 165 25.11 13.01 -13.20
CA PRO B 165 23.98 12.96 -14.13
C PRO B 165 23.58 11.53 -14.52
N GLU B 166 24.47 10.58 -14.25
CA GLU B 166 24.22 9.18 -14.60
C GLU B 166 23.27 8.40 -13.66
N VAL B 167 23.02 8.92 -12.47
CA VAL B 167 22.14 8.24 -11.51
C VAL B 167 20.72 8.79 -11.53
N ALA B 168 19.75 7.91 -11.28
CA ALA B 168 18.33 8.29 -11.26
C ALA B 168 18.04 9.48 -10.35
N HIS B 169 18.78 9.59 -9.24
CA HIS B 169 18.59 10.69 -8.30
C HIS B 169 18.82 12.06 -8.95
N THR B 170 19.26 12.03 -10.21
CA THR B 170 19.43 13.25 -10.99
C THR B 170 18.49 12.95 -12.17
N PRO B 171 17.18 13.09 -11.93
CA PRO B 171 16.09 12.87 -12.89
C PRO B 171 16.38 13.32 -14.33
N LYS B 172 16.80 14.57 -14.46
CA LYS B 172 17.07 15.11 -15.78
C LYS B 172 18.52 14.87 -16.22
N GLY B 173 19.17 13.90 -15.59
CA GLY B 173 20.56 13.60 -15.92
C GLY B 173 20.73 13.13 -17.35
N MET B 174 19.84 12.23 -17.78
CA MET B 174 19.90 11.71 -19.14
C MET B 174 19.82 12.83 -20.17
N GLN B 175 19.00 13.84 -19.89
CA GLN B 175 18.86 14.98 -20.82
C GLN B 175 20.18 15.77 -20.83
N ILE B 176 20.84 15.87 -19.67
CA ILE B 176 22.11 16.58 -19.59
C ILE B 176 23.15 15.85 -20.44
N LEU B 177 23.29 14.55 -20.22
CA LEU B 177 24.24 13.77 -21.01
C LEU B 177 23.85 13.88 -22.49
N GLU B 178 22.54 13.89 -22.77
CA GLU B 178 22.07 14.01 -24.15
C GLU B 178 22.56 15.36 -24.70
N ASN B 179 22.42 16.41 -23.89
CA ASN B 179 22.86 17.74 -24.32
C ASN B 179 24.38 17.69 -24.60
N PHE B 180 25.14 17.06 -23.72
CA PHE B 180 26.58 16.97 -23.94
C PHE B 180 26.90 16.30 -25.26
N LEU B 181 26.23 15.19 -25.55
CA LEU B 181 26.48 14.48 -26.80
C LEU B 181 26.13 15.36 -27.99
N GLU B 182 25.03 16.09 -27.87
CA GLU B 182 24.60 16.99 -28.93
C GLU B 182 25.64 18.09 -29.13
N LEU B 183 26.15 18.64 -28.05
CA LEU B 183 27.17 19.70 -28.11
C LEU B 183 28.41 19.18 -28.82
N ALA B 184 28.92 18.05 -28.32
CA ALA B 184 30.13 17.42 -28.85
C ALA B 184 29.96 16.82 -30.24
N GLY B 185 28.72 16.83 -30.76
CA GLY B 185 28.48 16.28 -32.08
C GLY B 185 28.71 14.78 -32.18
N VAL B 186 28.54 14.06 -31.08
CA VAL B 186 28.74 12.62 -31.10
C VAL B 186 27.71 11.96 -32.01
N LYS B 187 28.18 11.06 -32.87
CA LYS B 187 27.31 10.35 -33.80
C LYS B 187 26.65 9.14 -33.11
N ARG B 188 25.36 8.94 -33.37
CA ARG B 188 24.65 7.83 -32.75
C ARG B 188 24.91 6.52 -33.48
N ASP B 189 26.07 5.94 -33.20
CA ASP B 189 26.54 4.70 -33.81
C ASP B 189 26.10 3.42 -33.11
N TRP B 190 25.34 3.54 -32.01
CA TRP B 190 24.94 2.34 -31.30
C TRP B 190 23.50 1.90 -31.53
N THR B 191 23.24 1.33 -32.70
CA THR B 191 21.90 0.83 -33.02
C THR B 191 22.07 -0.67 -33.18
N PRO B 192 21.09 -1.45 -32.71
CA PRO B 192 21.15 -2.92 -32.80
C PRO B 192 21.35 -3.57 -34.17
N GLU B 193 20.79 -2.99 -35.22
CA GLU B 193 20.95 -3.59 -36.55
C GLU B 193 22.43 -3.60 -36.94
N HIS B 194 23.13 -2.51 -36.62
CA HIS B 194 24.55 -2.41 -36.94
C HIS B 194 25.32 -3.43 -36.11
N VAL B 195 25.08 -3.43 -34.80
CA VAL B 195 25.76 -4.36 -33.91
C VAL B 195 25.62 -5.79 -34.41
N LEU B 196 24.38 -6.22 -34.64
CA LEU B 196 24.11 -7.58 -35.12
C LEU B 196 24.89 -7.91 -36.38
N GLU B 197 24.80 -7.04 -37.39
CA GLU B 197 25.52 -7.26 -38.64
C GLU B 197 26.99 -7.53 -38.31
N GLU B 198 27.57 -6.68 -37.48
CA GLU B 198 28.95 -6.82 -37.08
C GLU B 198 29.21 -8.19 -36.45
N LEU B 199 28.37 -8.56 -35.48
CA LEU B 199 28.54 -9.84 -34.80
C LEU B 199 28.42 -11.07 -35.70
N LEU B 200 27.46 -11.04 -36.62
CA LEU B 200 27.28 -12.15 -37.54
C LEU B 200 28.58 -12.28 -38.36
N ARG B 201 29.02 -11.16 -38.91
CA ARG B 201 30.25 -11.12 -39.70
C ARG B 201 31.44 -11.64 -38.90
N GLU B 202 31.60 -11.16 -37.68
CA GLU B 202 32.70 -11.57 -36.82
C GLU B 202 32.72 -13.06 -36.51
N VAL B 203 31.59 -13.59 -36.05
CA VAL B 203 31.52 -15.01 -35.69
C VAL B 203 31.73 -15.91 -36.90
N ARG B 204 31.24 -15.49 -38.06
CA ARG B 204 31.39 -16.30 -39.27
C ARG B 204 32.87 -16.42 -39.68
N GLU B 205 33.63 -15.35 -39.52
CA GLU B 205 35.05 -15.34 -39.88
C GLU B 205 35.96 -15.98 -38.85
N ARG B 206 35.51 -16.04 -37.60
CA ARG B 206 36.29 -16.65 -36.52
C ARG B 206 36.04 -18.16 -36.51
N ALA B 207 34.78 -18.54 -36.67
CA ALA B 207 34.41 -19.95 -36.68
C ALA B 207 34.80 -20.64 -37.97
N GLY B 208 34.67 -19.93 -39.08
CA GLY B 208 34.99 -20.53 -40.36
C GLY B 208 34.12 -21.77 -40.52
N LYS B 209 34.75 -22.91 -40.82
CA LYS B 209 34.02 -24.16 -40.99
C LYS B 209 34.24 -25.07 -39.79
N ASP B 210 34.88 -24.54 -38.76
CA ASP B 210 35.14 -25.32 -37.54
C ASP B 210 33.82 -25.48 -36.77
N ARG B 211 33.78 -26.44 -35.85
CA ARG B 211 32.58 -26.71 -35.07
C ARG B 211 32.58 -25.94 -33.74
N VAL B 212 31.46 -25.27 -33.44
CA VAL B 212 31.34 -24.49 -32.22
C VAL B 212 30.37 -25.10 -31.21
N LEU B 213 30.86 -25.30 -29.99
CA LEU B 213 30.07 -25.88 -28.91
C LEU B 213 29.62 -24.78 -27.95
N LEU B 214 28.37 -24.86 -27.48
CA LEU B 214 27.88 -23.86 -26.52
C LEU B 214 26.72 -24.40 -25.69
N ALA B 215 26.71 -24.03 -24.42
CA ALA B 215 25.68 -24.45 -23.49
C ALA B 215 24.50 -23.48 -23.48
N VAL B 216 23.29 -24.02 -23.59
CA VAL B 216 22.08 -23.20 -23.55
C VAL B 216 21.39 -23.57 -22.23
N SER B 217 20.94 -22.54 -21.51
CA SER B 217 20.31 -22.73 -20.21
C SER B 217 18.83 -22.37 -20.19
N GLY B 218 18.40 -21.67 -21.23
CA GLY B 218 17.03 -21.23 -21.29
C GLY B 218 17.04 -19.72 -21.13
N GLY B 219 18.15 -19.20 -20.60
CA GLY B 219 18.30 -17.77 -20.42
C GLY B 219 18.45 -17.07 -21.77
N VAL B 220 17.89 -15.88 -21.87
CA VAL B 220 17.95 -15.12 -23.13
C VAL B 220 19.35 -14.93 -23.70
N ASP B 221 20.34 -14.77 -22.82
CA ASP B 221 21.72 -14.58 -23.26
C ASP B 221 22.20 -15.80 -24.05
N SER B 222 22.14 -16.98 -23.43
CA SER B 222 22.56 -18.20 -24.11
C SER B 222 21.64 -18.55 -25.28
N SER B 223 20.35 -18.20 -25.18
CA SER B 223 19.43 -18.47 -26.29
C SER B 223 19.79 -17.58 -27.48
N THR B 224 20.20 -16.35 -27.18
CA THR B 224 20.54 -15.41 -28.25
C THR B 224 21.89 -15.79 -28.87
N LEU B 225 22.79 -16.35 -28.07
CA LEU B 225 24.10 -16.78 -28.59
C LEU B 225 23.83 -17.87 -29.63
N ALA B 226 22.91 -18.78 -29.30
CA ALA B 226 22.55 -19.87 -30.20
C ALA B 226 21.96 -19.33 -31.50
N LEU B 227 21.01 -18.40 -31.39
CA LEU B 227 20.40 -17.82 -32.59
C LEU B 227 21.42 -17.12 -33.47
N LEU B 228 22.38 -16.44 -32.86
CA LEU B 228 23.40 -15.72 -33.62
C LEU B 228 24.17 -16.75 -34.46
N LEU B 229 24.68 -17.78 -33.80
CA LEU B 229 25.44 -18.82 -34.47
C LEU B 229 24.64 -19.46 -35.60
N ALA B 230 23.39 -19.80 -35.33
CA ALA B 230 22.54 -20.43 -36.34
C ALA B 230 22.35 -19.48 -37.52
N LYS B 231 22.06 -18.22 -37.23
CA LYS B 231 21.84 -17.24 -38.27
C LYS B 231 23.12 -16.99 -39.09
N ALA B 232 24.28 -17.22 -38.48
CA ALA B 232 25.55 -17.01 -39.17
C ALA B 232 25.91 -18.21 -40.04
N GLY B 233 25.15 -19.29 -39.90
CA GLY B 233 25.42 -20.48 -40.67
C GLY B 233 26.56 -21.29 -40.09
N VAL B 234 26.96 -20.96 -38.87
CA VAL B 234 28.06 -21.65 -38.20
C VAL B 234 27.69 -23.07 -37.78
N ASP B 235 28.66 -23.98 -37.88
CA ASP B 235 28.45 -25.37 -37.49
C ASP B 235 28.54 -25.43 -35.97
N HIS B 236 27.40 -25.70 -35.32
CA HIS B 236 27.36 -25.73 -33.86
C HIS B 236 26.53 -26.84 -33.24
N LEU B 237 26.71 -27.00 -31.94
CA LEU B 237 25.96 -27.97 -31.15
C LEU B 237 25.58 -27.25 -29.86
N ALA B 238 24.32 -26.87 -29.74
CA ALA B 238 23.83 -26.21 -28.54
C ALA B 238 23.40 -27.31 -27.60
N VAL B 239 23.98 -27.33 -26.41
CA VAL B 239 23.66 -28.36 -25.43
C VAL B 239 22.82 -27.83 -24.28
N PHE B 240 21.61 -28.38 -24.15
CA PHE B 240 20.71 -27.99 -23.08
C PHE B 240 20.76 -29.08 -22.04
N VAL B 241 21.36 -28.80 -20.89
CA VAL B 241 21.45 -29.80 -19.83
C VAL B 241 20.29 -29.67 -18.85
N ASP B 242 19.30 -30.55 -18.98
CA ASP B 242 18.14 -30.55 -18.11
C ASP B 242 18.52 -31.18 -16.77
N HIS B 243 18.92 -30.35 -15.83
CA HIS B 243 19.34 -30.80 -14.51
C HIS B 243 18.16 -31.01 -13.56
N GLY B 244 16.94 -30.87 -14.08
CA GLY B 244 15.76 -31.06 -13.25
C GLY B 244 15.56 -30.02 -12.16
N LEU B 245 16.27 -28.90 -12.27
CA LEU B 245 16.16 -27.85 -11.28
C LEU B 245 15.61 -26.58 -11.93
N LEU B 246 14.91 -26.78 -13.04
CA LEU B 246 14.32 -25.68 -13.79
C LEU B 246 12.88 -25.41 -13.37
N ARG B 247 12.31 -24.33 -13.90
CA ARG B 247 10.93 -23.96 -13.61
C ARG B 247 10.01 -24.90 -14.39
N LEU B 248 8.76 -25.01 -13.96
CA LEU B 248 7.79 -25.88 -14.63
C LEU B 248 7.63 -25.58 -16.12
N GLY B 249 7.82 -26.61 -16.93
CA GLY B 249 7.65 -26.48 -18.38
C GLY B 249 8.74 -25.79 -19.15
N GLU B 250 9.81 -25.37 -18.46
CA GLU B 250 10.90 -24.65 -19.14
C GLU B 250 11.61 -25.40 -20.26
N ARG B 251 12.12 -26.59 -19.98
CA ARG B 251 12.81 -27.37 -21.01
C ARG B 251 11.98 -27.50 -22.29
N GLU B 252 10.72 -27.93 -22.14
CA GLU B 252 9.86 -28.09 -23.30
C GLU B 252 9.69 -26.80 -24.10
N GLU B 253 9.56 -25.67 -23.41
CA GLU B 253 9.37 -24.39 -24.07
C GLU B 253 10.64 -23.89 -24.75
N VAL B 254 11.77 -24.07 -24.08
CA VAL B 254 13.05 -23.63 -24.64
C VAL B 254 13.45 -24.44 -25.87
N GLU B 255 13.44 -25.76 -25.76
CA GLU B 255 13.83 -26.59 -26.90
C GLU B 255 12.88 -26.42 -28.08
N GLY B 256 11.58 -26.39 -27.82
CA GLY B 256 10.63 -26.24 -28.89
C GLY B 256 10.83 -24.94 -29.65
N ALA B 257 11.16 -23.88 -28.93
CA ALA B 257 11.36 -22.57 -29.53
C ALA B 257 12.70 -22.49 -30.28
N LEU B 258 13.78 -22.92 -29.64
CA LEU B 258 15.09 -22.87 -30.29
C LEU B 258 15.16 -23.73 -31.55
N ARG B 259 14.66 -24.96 -31.46
CA ARG B 259 14.65 -25.86 -32.62
C ARG B 259 13.79 -25.28 -33.74
N ALA B 260 12.66 -24.69 -33.38
CA ALA B 260 11.77 -24.09 -34.37
C ALA B 260 12.42 -22.89 -35.04
N LEU B 261 13.42 -22.31 -34.37
CA LEU B 261 14.13 -21.16 -34.89
C LEU B 261 15.43 -21.52 -35.61
N GLY B 262 15.74 -22.82 -35.67
CA GLY B 262 16.93 -23.25 -36.40
C GLY B 262 18.11 -23.82 -35.63
N VAL B 263 18.17 -23.57 -34.33
CA VAL B 263 19.28 -24.07 -33.54
C VAL B 263 19.43 -25.59 -33.55
N ASN B 264 20.68 -26.04 -33.59
CA ASN B 264 21.01 -27.46 -33.57
C ASN B 264 21.10 -27.81 -32.09
N LEU B 265 19.97 -28.18 -31.50
CA LEU B 265 19.91 -28.46 -30.08
C LEU B 265 19.97 -29.90 -29.60
N LEU B 266 20.74 -30.12 -28.54
CA LEU B 266 20.87 -31.42 -27.91
C LEU B 266 20.48 -31.31 -26.44
N VAL B 267 19.32 -31.84 -26.07
CA VAL B 267 18.89 -31.79 -24.68
C VAL B 267 19.42 -33.01 -23.94
N VAL B 268 19.99 -32.79 -22.75
CA VAL B 268 20.55 -33.87 -21.94
C VAL B 268 19.77 -34.09 -20.65
N ASP B 269 19.27 -35.31 -20.47
CA ASP B 269 18.50 -35.66 -19.27
C ASP B 269 19.44 -36.07 -18.14
N ALA B 270 19.85 -35.10 -17.31
CA ALA B 270 20.76 -35.39 -16.22
C ALA B 270 20.11 -35.18 -14.86
N LYS B 271 18.79 -35.29 -14.82
CA LYS B 271 18.06 -35.08 -13.57
C LYS B 271 18.55 -35.95 -12.43
N GLU B 272 18.64 -37.26 -12.68
CA GLU B 272 19.09 -38.21 -11.67
C GLU B 272 20.48 -37.86 -11.13
N ARG B 273 21.42 -37.59 -12.03
CA ARG B 273 22.79 -37.23 -11.66
C ARG B 273 22.78 -36.14 -10.58
N PHE B 274 22.19 -35.01 -10.92
CA PHE B 274 22.10 -33.86 -10.03
C PHE B 274 21.36 -34.20 -8.73
N LEU B 275 20.16 -34.76 -8.85
CA LEU B 275 19.39 -35.13 -7.66
C LEU B 275 20.25 -36.00 -6.73
N LYS B 276 20.75 -37.10 -7.28
CA LYS B 276 21.57 -38.03 -6.53
C LYS B 276 22.74 -37.27 -5.91
N ALA B 277 23.47 -36.54 -6.75
CA ALA B 277 24.63 -35.78 -6.28
C ALA B 277 24.28 -34.80 -5.17
N LEU B 278 23.03 -34.33 -5.14
CA LEU B 278 22.61 -33.37 -4.12
C LEU B 278 22.10 -33.98 -2.81
N LYS B 279 21.96 -35.30 -2.76
CA LYS B 279 21.46 -35.96 -1.54
C LYS B 279 22.10 -35.46 -0.23
N GLY B 280 21.25 -35.16 0.75
CA GLY B 280 21.70 -34.71 2.06
C GLY B 280 22.45 -33.40 2.21
N VAL B 281 22.78 -32.71 1.12
CA VAL B 281 23.50 -31.45 1.26
C VAL B 281 22.60 -30.23 1.46
N GLU B 282 22.87 -29.49 2.53
CA GLU B 282 22.11 -28.30 2.89
C GLU B 282 22.96 -27.05 2.71
N ASP B 283 24.26 -27.19 2.97
CA ASP B 283 25.19 -26.08 2.83
C ASP B 283 25.00 -25.44 1.45
N PRO B 284 24.50 -24.20 1.40
CA PRO B 284 24.29 -23.51 0.13
C PRO B 284 25.54 -23.52 -0.74
N GLU B 285 26.70 -23.31 -0.11
CA GLU B 285 27.98 -23.32 -0.81
C GLU B 285 28.24 -24.66 -1.48
N GLU B 286 28.08 -25.75 -0.72
CA GLU B 286 28.28 -27.08 -1.25
C GLU B 286 27.36 -27.30 -2.42
N LYS B 287 26.10 -26.92 -2.26
CA LYS B 287 25.11 -27.06 -3.32
C LYS B 287 25.60 -26.46 -4.64
N ARG B 288 25.98 -25.19 -4.61
CA ARG B 288 26.46 -24.52 -5.81
C ARG B 288 27.70 -25.22 -6.36
N LYS B 289 28.64 -25.55 -5.49
CA LYS B 289 29.86 -26.24 -5.93
C LYS B 289 29.52 -27.55 -6.61
N ILE B 290 28.75 -28.39 -5.93
CA ILE B 290 28.33 -29.68 -6.47
C ILE B 290 27.65 -29.54 -7.82
N ILE B 291 26.65 -28.67 -7.89
CA ILE B 291 25.91 -28.46 -9.13
C ILE B 291 26.85 -27.99 -10.23
N GLY B 292 27.83 -27.16 -9.87
CA GLY B 292 28.79 -26.68 -10.84
C GLY B 292 29.64 -27.83 -11.36
N ARG B 293 30.07 -28.72 -10.47
CA ARG B 293 30.88 -29.87 -10.88
C ARG B 293 30.06 -30.79 -11.80
N GLU B 294 28.82 -31.06 -11.40
CA GLU B 294 27.96 -31.92 -12.18
C GLU B 294 27.69 -31.38 -13.57
N PHE B 295 27.56 -30.06 -13.69
CA PHE B 295 27.31 -29.48 -14.99
C PHE B 295 28.52 -29.72 -15.90
N VAL B 296 29.71 -29.44 -15.38
CA VAL B 296 30.93 -29.62 -16.14
C VAL B 296 31.06 -31.06 -16.59
N ALA B 297 30.72 -32.00 -15.72
CA ALA B 297 30.81 -33.41 -16.03
C ALA B 297 29.86 -33.81 -17.15
N ALA B 298 28.65 -33.24 -17.15
CA ALA B 298 27.66 -33.57 -18.18
C ALA B 298 28.00 -32.89 -19.52
N PHE B 299 28.47 -31.65 -19.45
CA PHE B 299 28.82 -30.90 -20.65
C PHE B 299 30.04 -31.52 -21.32
N SER B 300 31.08 -31.77 -20.54
CA SER B 300 32.31 -32.37 -21.05
C SER B 300 32.01 -33.70 -21.72
N GLN B 301 31.12 -34.47 -21.10
CA GLN B 301 30.73 -35.77 -21.64
C GLN B 301 30.19 -35.63 -23.06
N VAL B 302 29.35 -34.62 -23.28
CA VAL B 302 28.78 -34.40 -24.61
C VAL B 302 29.86 -33.91 -25.57
N ALA B 303 30.80 -33.14 -25.05
CA ALA B 303 31.87 -32.59 -25.86
C ALA B 303 32.74 -33.71 -26.43
N ARG B 304 33.17 -34.62 -25.57
CA ARG B 304 34.01 -35.73 -26.00
C ARG B 304 33.25 -36.66 -26.94
N GLU B 305 31.96 -36.81 -26.68
CA GLU B 305 31.11 -37.70 -27.46
C GLU B 305 30.79 -37.23 -28.88
N ARG B 306 30.96 -35.95 -29.15
CA ARG B 306 30.68 -35.42 -30.49
C ARG B 306 31.76 -34.46 -31.00
N GLY B 307 31.49 -33.84 -32.14
CA GLY B 307 32.44 -32.90 -32.71
C GLY B 307 33.56 -33.55 -33.53
N PRO B 308 34.84 -33.39 -33.12
CA PRO B 308 35.23 -32.63 -31.94
C PRO B 308 34.88 -31.16 -32.09
N PHE B 309 35.22 -30.34 -31.10
CA PHE B 309 34.91 -28.92 -31.16
C PHE B 309 36.13 -28.05 -30.95
N ARG B 310 36.32 -27.07 -31.83
CA ARG B 310 37.46 -26.16 -31.72
C ARG B 310 37.11 -24.99 -30.81
N PHE B 311 35.91 -24.44 -31.00
CA PHE B 311 35.46 -23.30 -30.23
C PHE B 311 34.43 -23.57 -29.16
N LEU B 312 34.48 -22.76 -28.10
CA LEU B 312 33.51 -22.85 -27.02
C LEU B 312 32.90 -21.45 -26.95
N ALA B 313 31.62 -21.34 -27.28
CA ALA B 313 30.94 -20.07 -27.26
C ALA B 313 30.28 -19.81 -25.90
N GLN B 314 30.58 -18.66 -25.32
CA GLN B 314 30.02 -18.27 -24.02
C GLN B 314 29.39 -16.89 -24.17
N GLY B 315 28.33 -16.65 -23.40
CA GLY B 315 27.65 -15.37 -23.45
C GLY B 315 28.19 -14.30 -22.53
N THR B 316 29.48 -14.37 -22.21
CA THR B 316 30.15 -13.39 -21.36
C THR B 316 29.69 -11.97 -21.73
N LEU B 317 29.30 -11.19 -20.73
CA LEU B 317 28.83 -9.83 -20.98
C LEU B 317 29.87 -8.82 -20.51
N TYR B 318 29.68 -7.57 -20.92
CA TYR B 318 30.59 -6.50 -20.57
C TYR B 318 30.80 -6.34 -19.05
N PRO B 319 29.72 -6.46 -18.26
CA PRO B 319 29.95 -6.33 -16.81
C PRO B 319 30.83 -7.47 -16.30
N ASP B 320 30.86 -8.58 -17.04
CA ASP B 320 31.70 -9.70 -16.64
C ASP B 320 33.13 -9.30 -16.94
N VAL B 321 33.33 -8.64 -18.08
CA VAL B 321 34.66 -8.20 -18.47
C VAL B 321 35.16 -7.17 -17.45
N ILE B 322 34.25 -6.31 -17.00
CA ILE B 322 34.60 -5.28 -16.03
C ILE B 322 34.88 -5.84 -14.64
N GLU B 347 41.46 -26.79 -24.17
CA GLU B 347 40.87 -27.75 -25.14
C GLU B 347 40.00 -27.02 -26.15
N PHE B 348 39.72 -25.75 -25.87
CA PHE B 348 38.90 -24.90 -26.74
C PHE B 348 39.46 -23.49 -26.80
N GLU B 349 38.97 -22.73 -27.78
CA GLU B 349 39.31 -21.32 -27.94
C GLU B 349 37.98 -20.64 -27.65
N LEU B 350 37.94 -19.76 -26.65
CA LEU B 350 36.68 -19.09 -26.34
C LEU B 350 36.16 -18.20 -27.47
N LEU B 351 34.85 -18.03 -27.49
CA LEU B 351 34.16 -17.21 -28.49
C LEU B 351 33.04 -16.49 -27.75
N GLU B 352 33.33 -15.26 -27.31
CA GLU B 352 32.39 -14.46 -26.53
C GLU B 352 32.01 -13.20 -27.31
N PRO B 353 31.10 -13.33 -28.28
CA PRO B 353 30.67 -12.19 -29.08
C PRO B 353 29.93 -11.08 -28.35
N PHE B 354 29.49 -11.33 -27.12
CA PHE B 354 28.74 -10.32 -26.37
C PHE B 354 29.55 -9.64 -25.27
N ARG B 355 30.85 -9.87 -25.19
CA ARG B 355 31.64 -9.27 -24.10
C ARG B 355 31.64 -7.75 -23.96
N LEU B 356 31.14 -7.03 -24.96
CA LEU B 356 31.07 -5.57 -24.88
C LEU B 356 29.62 -5.09 -24.74
N LEU B 357 28.71 -6.03 -24.49
CA LEU B 357 27.30 -5.67 -24.37
C LEU B 357 26.72 -5.83 -22.98
N PHE B 358 25.62 -5.12 -22.74
CA PHE B 358 24.89 -5.22 -21.49
C PHE B 358 23.72 -6.15 -21.77
N LYS B 359 23.20 -6.78 -20.73
CA LYS B 359 22.08 -7.70 -20.86
C LYS B 359 20.97 -7.17 -21.76
N ASP B 360 20.48 -5.96 -21.47
CA ASP B 360 19.41 -5.38 -22.26
C ASP B 360 19.72 -5.32 -23.76
N GLU B 361 20.97 -5.07 -24.11
CA GLU B 361 21.34 -5.00 -25.53
C GLU B 361 21.24 -6.41 -26.15
N VAL B 362 21.47 -7.45 -25.35
CA VAL B 362 21.37 -8.79 -25.89
C VAL B 362 19.90 -9.13 -26.08
N ARG B 363 19.05 -8.69 -25.15
CA ARG B 363 17.61 -8.95 -25.27
C ARG B 363 17.13 -8.27 -26.56
N GLU B 364 17.80 -7.18 -26.93
CA GLU B 364 17.45 -6.44 -28.15
C GLU B 364 17.90 -7.20 -29.40
N LEU B 365 19.08 -7.81 -29.35
CA LEU B 365 19.57 -8.58 -30.49
C LEU B 365 18.67 -9.80 -30.65
N ALA B 366 18.15 -10.31 -29.53
CA ALA B 366 17.28 -11.48 -29.58
C ALA B 366 16.03 -11.09 -30.34
N LEU B 367 15.60 -9.84 -30.16
CA LEU B 367 14.43 -9.37 -30.86
C LEU B 367 14.72 -9.45 -32.36
N LEU B 368 15.86 -8.90 -32.75
CA LEU B 368 16.29 -8.90 -34.15
C LEU B 368 16.48 -10.30 -34.71
N LEU B 369 16.80 -11.26 -33.84
CA LEU B 369 17.00 -12.64 -34.29
C LEU B 369 15.72 -13.49 -34.22
N GLY B 370 14.59 -12.86 -33.99
CA GLY B 370 13.33 -13.59 -33.97
C GLY B 370 12.96 -14.40 -32.75
N LEU B 371 13.57 -14.13 -31.60
CA LEU B 371 13.22 -14.86 -30.39
C LEU B 371 11.86 -14.31 -29.95
N PRO B 372 10.87 -15.17 -29.70
CA PRO B 372 9.55 -14.68 -29.27
C PRO B 372 9.58 -14.16 -27.83
N ASP B 373 8.83 -13.10 -27.56
CA ASP B 373 8.80 -12.48 -26.24
C ASP B 373 8.73 -13.46 -25.07
N THR B 374 8.10 -14.61 -25.27
CA THR B 374 7.98 -15.62 -24.21
C THR B 374 9.32 -16.01 -23.60
N LEU B 375 10.35 -16.12 -24.43
CA LEU B 375 11.68 -16.49 -23.97
C LEU B 375 12.66 -15.31 -24.03
N ARG B 376 12.13 -14.14 -24.38
CA ARG B 376 12.97 -12.98 -24.51
C ARG B 376 12.89 -11.99 -23.34
N LEU B 377 11.78 -11.99 -22.61
CA LEU B 377 11.59 -11.05 -21.52
C LEU B 377 11.43 -11.70 -20.14
N ARG B 378 12.13 -12.81 -19.90
CA ARG B 378 12.01 -13.48 -18.61
C ARG B 378 13.06 -12.96 -17.63
N HIS B 379 12.75 -13.07 -16.35
CA HIS B 379 13.71 -12.63 -15.33
C HIS B 379 14.87 -13.63 -15.33
N PRO B 380 16.02 -13.19 -14.82
CA PRO B 380 17.19 -14.08 -14.77
C PRO B 380 16.83 -15.26 -13.89
N PHE B 381 17.49 -16.38 -14.16
CA PHE B 381 17.28 -17.60 -13.39
C PHE B 381 18.70 -18.16 -13.20
N PRO B 382 19.07 -18.51 -11.97
CA PRO B 382 20.42 -19.04 -11.72
C PRO B 382 20.74 -20.45 -12.24
N GLY B 383 22.02 -20.67 -12.55
CA GLY B 383 22.46 -21.96 -13.02
C GLY B 383 22.01 -23.06 -12.08
N PRO B 384 22.18 -22.90 -10.76
CA PRO B 384 21.78 -23.87 -9.74
C PRO B 384 20.27 -24.05 -9.70
N GLY B 385 19.56 -23.20 -10.43
CA GLY B 385 18.11 -23.28 -10.48
C GLY B 385 17.42 -23.27 -9.14
N LEU B 386 16.36 -24.08 -9.04
CA LEU B 386 15.56 -24.19 -7.82
C LEU B 386 16.28 -24.77 -6.61
N ALA B 387 17.48 -25.32 -6.81
CA ALA B 387 18.22 -25.89 -5.68
C ALA B 387 18.53 -24.83 -4.64
N VAL B 388 18.87 -23.63 -5.09
CA VAL B 388 19.21 -22.54 -4.15
C VAL B 388 17.97 -21.84 -3.59
N ARG B 389 16.79 -22.35 -3.95
CA ARG B 389 15.55 -21.75 -3.48
C ARG B 389 14.79 -22.66 -2.52
N VAL B 390 15.51 -23.66 -2.00
CA VAL B 390 14.97 -24.59 -1.02
C VAL B 390 15.90 -24.48 0.18
N LEU B 391 15.37 -24.02 1.30
CA LEU B 391 16.17 -23.90 2.51
C LEU B 391 16.37 -25.28 3.13
N GLY B 392 17.37 -26.01 2.65
CA GLY B 392 17.62 -27.34 3.16
C GLY B 392 17.99 -28.27 2.04
N GLU B 393 17.91 -29.58 2.28
CA GLU B 393 18.27 -30.51 1.23
C GLU B 393 17.23 -30.56 0.12
N VAL B 394 17.73 -30.68 -1.10
CA VAL B 394 16.90 -30.73 -2.29
C VAL B 394 16.39 -32.15 -2.55
N THR B 395 15.09 -32.34 -2.43
CA THR B 395 14.48 -33.64 -2.67
C THR B 395 13.45 -33.40 -3.75
N GLU B 396 13.10 -34.43 -4.49
CA GLU B 396 12.14 -34.30 -5.57
C GLU B 396 10.79 -33.78 -5.08
N GLU B 397 10.41 -34.17 -3.86
CA GLU B 397 9.14 -33.74 -3.30
C GLU B 397 9.15 -32.22 -3.09
N ARG B 398 10.22 -31.73 -2.48
CA ARG B 398 10.33 -30.29 -2.25
C ARG B 398 10.41 -29.53 -3.56
N LEU B 399 11.05 -30.14 -4.55
CA LEU B 399 11.17 -29.53 -5.87
C LEU B 399 9.79 -29.42 -6.51
N GLU B 400 8.98 -30.46 -6.37
CA GLU B 400 7.65 -30.43 -6.96
C GLU B 400 6.72 -29.44 -6.26
N ILE B 401 6.88 -29.26 -4.96
CA ILE B 401 6.06 -28.32 -4.20
C ILE B 401 6.45 -26.91 -4.64
N LEU B 402 7.74 -26.59 -4.52
CA LEU B 402 8.28 -25.30 -4.89
C LEU B 402 7.95 -24.93 -6.33
N ARG B 403 8.17 -25.88 -7.24
CA ARG B 403 7.92 -25.69 -8.66
C ARG B 403 6.49 -25.21 -8.94
N ARG B 404 5.52 -25.82 -8.27
CA ARG B 404 4.12 -25.44 -8.44
C ARG B 404 3.85 -24.06 -7.86
N ALA B 405 4.36 -23.79 -6.67
CA ALA B 405 4.15 -22.49 -6.01
C ALA B 405 4.72 -21.37 -6.88
N ASP B 406 5.95 -21.57 -7.35
CA ASP B 406 6.66 -20.63 -8.20
C ASP B 406 5.85 -20.32 -9.44
N ASP B 407 5.36 -21.37 -10.10
CA ASP B 407 4.54 -21.25 -11.31
C ASP B 407 3.32 -20.38 -11.05
N ILE B 408 2.66 -20.59 -9.90
CA ILE B 408 1.49 -19.81 -9.53
C ILE B 408 1.87 -18.33 -9.33
N PHE B 409 2.94 -18.10 -8.56
CA PHE B 409 3.42 -16.75 -8.32
C PHE B 409 3.68 -16.03 -9.65
N THR B 410 4.38 -16.73 -10.55
CA THR B 410 4.72 -16.22 -11.88
C THR B 410 3.50 -15.87 -12.72
N SER B 411 2.55 -16.80 -12.80
CA SER B 411 1.35 -16.55 -13.59
C SER B 411 0.55 -15.38 -13.06
N LEU B 412 0.41 -15.31 -11.74
CA LEU B 412 -0.34 -14.20 -11.14
C LEU B 412 0.33 -12.88 -11.50
N LEU B 413 1.65 -12.85 -11.41
CA LEU B 413 2.38 -11.62 -11.76
C LEU B 413 2.11 -11.25 -13.23
N ARG B 414 2.11 -12.25 -14.11
CA ARG B 414 1.86 -11.96 -15.53
C ARG B 414 0.42 -11.49 -15.73
N GLU B 415 -0.53 -12.22 -15.14
CA GLU B 415 -1.93 -11.85 -15.29
C GLU B 415 -2.17 -10.40 -14.90
N TRP B 416 -1.53 -9.95 -13.83
CA TRP B 416 -1.69 -8.57 -13.37
C TRP B 416 -0.76 -7.53 -13.99
N GLY B 417 0.09 -7.96 -14.94
CA GLY B 417 1.00 -7.02 -15.58
C GLY B 417 2.14 -6.57 -14.68
N LEU B 418 2.33 -7.25 -13.56
CA LEU B 418 3.40 -6.89 -12.64
C LEU B 418 4.73 -7.60 -12.95
N TYR B 419 4.67 -8.69 -13.70
CA TYR B 419 5.88 -9.44 -14.01
C TYR B 419 6.98 -8.56 -14.62
N GLU B 420 6.66 -7.83 -15.68
CA GLU B 420 7.68 -6.99 -16.30
C GLU B 420 8.01 -5.75 -15.46
N LYS B 421 7.24 -5.52 -14.41
CA LYS B 421 7.47 -4.34 -13.56
C LYS B 421 8.41 -4.57 -12.36
N VAL B 422 9.02 -5.76 -12.31
CA VAL B 422 10.01 -6.03 -11.26
C VAL B 422 11.23 -6.55 -11.99
N ALA B 423 12.38 -6.51 -11.33
CA ALA B 423 13.63 -6.98 -11.94
C ALA B 423 13.78 -8.47 -11.73
N GLN B 424 13.20 -8.95 -10.65
CA GLN B 424 13.29 -10.36 -10.32
C GLN B 424 12.15 -10.74 -9.39
N ALA B 425 11.64 -11.95 -9.58
CA ALA B 425 10.57 -12.48 -8.75
C ALA B 425 10.90 -13.96 -8.56
N LEU B 426 10.91 -14.41 -7.31
CA LEU B 426 11.21 -15.80 -7.03
C LEU B 426 10.51 -16.23 -5.76
N ALA B 427 10.44 -17.54 -5.54
CA ALA B 427 9.82 -18.04 -4.34
C ALA B 427 10.80 -19.02 -3.68
N VAL B 428 10.91 -18.94 -2.37
CA VAL B 428 11.81 -19.77 -1.57
C VAL B 428 11.03 -20.69 -0.65
N LEU B 429 11.28 -22.00 -0.74
CA LEU B 429 10.58 -22.97 0.09
C LEU B 429 11.35 -23.25 1.37
N THR B 430 10.69 -23.07 2.51
CA THR B 430 11.32 -23.29 3.80
C THR B 430 10.59 -24.34 4.65
N PRO B 431 11.26 -25.46 4.95
CA PRO B 431 10.67 -26.54 5.76
C PRO B 431 10.37 -26.03 7.17
N VAL B 432 9.24 -26.43 7.74
CA VAL B 432 8.90 -25.98 9.09
C VAL B 432 8.54 -27.14 10.00
N GLY B 445 4.44 -29.54 5.75
CA GLY B 445 4.96 -28.52 6.64
C GLY B 445 6.00 -27.65 5.97
N TYR B 446 5.55 -26.62 5.25
CA TYR B 446 6.44 -25.70 4.58
C TYR B 446 5.92 -24.26 4.58
N VAL B 447 6.86 -23.33 4.73
CA VAL B 447 6.55 -21.91 4.72
C VAL B 447 7.15 -21.42 3.41
N LEU B 448 6.37 -20.70 2.61
CA LEU B 448 6.89 -20.19 1.34
C LEU B 448 7.09 -18.68 1.39
N ALA B 449 8.29 -18.25 1.01
CA ALA B 449 8.63 -16.84 0.99
C ALA B 449 8.58 -16.28 -0.44
N LEU B 450 7.76 -15.27 -0.67
CA LEU B 450 7.69 -14.65 -1.98
C LEU B 450 8.78 -13.55 -1.94
N ARG B 451 9.52 -13.41 -3.03
CA ARG B 451 10.62 -12.46 -3.08
C ARG B 451 10.72 -11.73 -4.42
N ALA B 452 10.50 -10.41 -4.40
CA ALA B 452 10.58 -9.63 -5.63
C ALA B 452 11.34 -8.31 -5.38
N VAL B 453 12.12 -7.88 -6.36
CA VAL B 453 12.88 -6.65 -6.22
C VAL B 453 12.85 -5.78 -7.47
N THR B 454 13.13 -4.50 -7.28
CA THR B 454 13.18 -3.52 -8.37
C THR B 454 14.56 -2.89 -8.24
N THR B 455 15.09 -2.31 -9.31
CA THR B 455 16.40 -1.66 -9.23
C THR B 455 16.49 -0.44 -10.12
N GLU B 456 17.27 0.55 -9.67
CA GLU B 456 17.47 1.79 -10.42
C GLU B 456 18.93 2.02 -10.86
N ASP B 457 19.88 1.39 -10.19
CA ASP B 457 21.31 1.50 -10.44
C ASP B 457 21.99 0.19 -10.86
N PHE B 458 21.19 -0.83 -11.19
CA PHE B 458 21.76 -2.13 -11.53
C PHE B 458 22.86 -2.55 -10.56
N MET B 459 22.82 -2.08 -9.30
CA MET B 459 23.73 -2.55 -8.25
C MET B 459 23.00 -2.81 -6.94
N THR B 460 22.09 -1.89 -6.61
CA THR B 460 21.29 -2.00 -5.40
C THR B 460 19.95 -2.62 -5.83
N ALA B 461 19.19 -3.13 -4.86
CA ALA B 461 17.89 -3.71 -5.17
C ALA B 461 16.96 -3.51 -3.99
N ASP B 462 15.78 -2.97 -4.26
CA ASP B 462 14.82 -2.75 -3.20
C ASP B 462 13.75 -3.82 -3.26
N TRP B 463 13.25 -4.24 -2.11
CA TRP B 463 12.18 -5.22 -2.16
C TRP B 463 11.08 -4.49 -2.92
N ALA B 464 10.42 -5.18 -3.85
CA ALA B 464 9.38 -4.54 -4.65
C ALA B 464 8.17 -4.12 -3.83
N ARG B 465 7.73 -2.87 -4.03
CA ARG B 465 6.56 -2.33 -3.33
C ARG B 465 5.34 -2.75 -4.12
N LEU B 466 5.00 -4.03 -4.06
CA LEU B 466 3.87 -4.55 -4.81
C LEU B 466 2.56 -4.21 -4.14
N PRO B 467 1.45 -4.27 -4.90
CA PRO B 467 0.16 -3.96 -4.28
C PRO B 467 -0.18 -5.03 -3.25
N LEU B 468 -0.61 -4.62 -2.07
CA LEU B 468 -0.94 -5.60 -1.05
C LEU B 468 -2.10 -6.51 -1.48
N GLU B 469 -3.00 -6.00 -2.30
CA GLU B 469 -4.12 -6.82 -2.76
C GLU B 469 -3.55 -7.96 -3.61
N PHE B 470 -2.53 -7.68 -4.40
CA PHE B 470 -1.93 -8.71 -5.22
C PHE B 470 -1.22 -9.76 -4.32
N LEU B 471 -0.51 -9.29 -3.30
CA LEU B 471 0.17 -10.22 -2.41
C LEU B 471 -0.86 -11.13 -1.74
N ASP B 472 -2.01 -10.56 -1.37
CA ASP B 472 -3.06 -11.33 -0.72
C ASP B 472 -3.55 -12.42 -1.67
N GLU B 473 -3.79 -12.03 -2.92
CA GLU B 473 -4.26 -12.99 -3.93
C GLU B 473 -3.24 -14.11 -4.13
N ALA B 474 -1.96 -13.77 -4.18
CA ALA B 474 -0.91 -14.77 -4.35
C ALA B 474 -0.85 -15.72 -3.16
N ALA B 475 -0.95 -15.17 -1.96
CA ALA B 475 -0.91 -15.98 -0.75
C ALA B 475 -2.09 -16.95 -0.68
N ARG B 476 -3.29 -16.44 -0.95
CA ARG B 476 -4.49 -17.27 -0.92
C ARG B 476 -4.44 -18.34 -2.02
N ARG B 477 -4.04 -17.95 -3.23
CA ARG B 477 -3.98 -18.89 -4.33
C ARG B 477 -2.99 -20.03 -4.05
N ILE B 478 -1.84 -19.68 -3.49
CA ILE B 478 -0.80 -20.66 -3.19
C ILE B 478 -1.17 -21.66 -2.10
N THR B 479 -1.68 -21.17 -0.96
CA THR B 479 -2.05 -22.06 0.15
C THR B 479 -3.22 -22.96 -0.24
N ARG B 480 -4.03 -22.48 -1.19
CA ARG B 480 -5.19 -23.23 -1.63
C ARG B 480 -4.86 -24.31 -2.65
N ARG B 481 -3.97 -24.02 -3.60
CA ARG B 481 -3.63 -25.00 -4.60
C ARG B 481 -2.46 -25.88 -4.21
N VAL B 482 -1.69 -25.44 -3.23
CA VAL B 482 -0.53 -26.21 -2.78
C VAL B 482 -0.65 -26.46 -1.28
N PRO B 483 -1.52 -27.42 -0.91
CA PRO B 483 -1.80 -27.81 0.48
C PRO B 483 -0.58 -27.98 1.38
N GLU B 484 0.52 -28.47 0.83
CA GLU B 484 1.71 -28.66 1.63
C GLU B 484 2.24 -27.34 2.21
N ILE B 485 1.87 -26.23 1.58
CA ILE B 485 2.29 -24.92 2.04
C ILE B 485 1.23 -24.34 2.97
N GLY B 486 1.58 -24.21 4.24
CA GLY B 486 0.65 -23.69 5.23
C GLY B 486 0.79 -22.21 5.50
N ARG B 487 1.86 -21.58 5.01
CA ARG B 487 2.05 -20.17 5.25
C ARG B 487 2.87 -19.48 4.17
N VAL B 488 2.44 -18.28 3.80
CA VAL B 488 3.11 -17.49 2.78
C VAL B 488 3.52 -16.13 3.36
N VAL B 489 4.78 -15.78 3.13
CA VAL B 489 5.36 -14.53 3.61
C VAL B 489 6.01 -13.76 2.45
N TYR B 490 6.25 -12.47 2.65
CA TYR B 490 6.89 -11.63 1.63
C TYR B 490 8.18 -11.08 2.22
N ASP B 491 9.27 -11.19 1.46
CA ASP B 491 10.59 -10.72 1.89
C ASP B 491 10.66 -9.19 1.85
N LEU B 492 10.98 -8.57 2.99
CA LEU B 492 11.07 -7.12 3.09
C LEU B 492 12.51 -6.66 3.15
N THR B 493 13.43 -7.50 2.71
CA THR B 493 14.85 -7.17 2.77
C THR B 493 15.45 -6.71 1.45
N SER B 494 16.05 -5.52 1.46
CA SER B 494 16.68 -4.99 0.26
C SER B 494 18.15 -5.36 0.16
N LYS B 495 18.76 -4.99 -0.97
CA LYS B 495 20.16 -5.23 -1.23
C LYS B 495 20.84 -3.89 -1.47
N PRO B 496 21.72 -3.46 -0.54
CA PRO B 496 22.11 -4.15 0.70
C PRO B 496 20.99 -4.06 1.71
N PRO B 497 21.10 -4.77 2.84
CA PRO B 497 22.22 -5.65 3.24
C PRO B 497 22.19 -7.11 2.78
N ALA B 498 21.08 -7.56 2.18
CA ALA B 498 21.01 -8.95 1.75
C ALA B 498 21.13 -9.18 0.25
N THR B 499 21.19 -10.45 -0.14
CA THR B 499 21.27 -10.84 -1.54
C THR B 499 19.84 -10.99 -2.08
N ILE B 500 19.69 -11.00 -3.40
CA ILE B 500 18.38 -11.17 -4.01
C ILE B 500 17.88 -12.60 -3.78
N GLU B 501 18.75 -13.57 -4.08
CA GLU B 501 18.46 -14.99 -3.85
C GLU B 501 18.70 -15.22 -2.36
N TRP B 502 18.06 -16.23 -1.77
CA TRP B 502 18.26 -16.47 -0.34
C TRP B 502 19.53 -17.24 -0.03
N GLU B 503 20.04 -18.00 -0.99
CA GLU B 503 21.28 -18.74 -0.79
C GLU B 503 21.99 -18.98 -2.11
N MET C 1 -3.07 14.52 42.11
CA MET C 1 -3.02 15.63 41.13
C MET C 1 -1.57 15.96 40.80
N VAL C 2 -1.29 16.17 39.50
CA VAL C 2 0.06 16.50 39.03
C VAL C 2 -0.01 17.81 38.27
N LEU C 3 0.89 18.72 38.57
CA LEU C 3 0.88 20.03 37.93
C LEU C 3 1.92 20.14 36.81
N VAL C 4 1.56 20.82 35.74
CA VAL C 4 2.47 21.00 34.61
C VAL C 4 2.81 22.49 34.48
N LEU C 5 4.09 22.82 34.70
CA LEU C 5 4.56 24.21 34.59
C LEU C 5 4.88 24.53 33.14
N ASP C 6 4.11 25.45 32.58
CA ASP C 6 4.27 25.86 31.20
C ASP C 6 5.42 26.84 30.96
N PHE C 7 6.46 26.37 30.28
CA PHE C 7 7.59 27.23 29.95
C PHE C 7 7.57 27.57 28.47
N GLY C 8 6.38 27.42 27.87
CA GLY C 8 6.20 27.76 26.47
C GLY C 8 6.22 26.64 25.44
N SER C 9 6.48 25.41 25.86
CA SER C 9 6.53 24.30 24.90
C SER C 9 5.23 24.10 24.12
N GLN C 10 5.37 23.74 22.84
CA GLN C 10 4.22 23.47 22.01
C GLN C 10 3.56 22.15 22.45
N TYR C 11 4.27 21.41 23.30
CA TYR C 11 3.77 20.13 23.81
C TYR C 11 3.30 20.17 25.26
N THR C 12 3.13 21.37 25.81
CA THR C 12 2.67 21.48 27.19
C THR C 12 1.32 20.82 27.42
N ARG C 13 0.36 21.08 26.54
CA ARG C 13 -0.96 20.46 26.67
C ARG C 13 -0.85 18.94 26.53
N LEU C 14 -0.01 18.48 25.60
CA LEU C 14 0.18 17.05 25.38
C LEU C 14 0.64 16.36 26.67
N ILE C 15 1.57 16.99 27.39
CA ILE C 15 2.04 16.40 28.65
C ILE C 15 0.87 16.21 29.60
N ALA C 16 0.01 17.22 29.68
CA ALA C 16 -1.15 17.16 30.57
C ALA C 16 -2.05 16.01 30.15
N ARG C 17 -2.23 15.87 28.83
CA ARG C 17 -3.06 14.78 28.31
C ARG C 17 -2.45 13.42 28.66
N ARG C 18 -1.14 13.27 28.49
CA ARG C 18 -0.49 11.99 28.79
C ARG C 18 -0.76 11.52 30.21
N LEU C 19 -0.72 12.44 31.16
CA LEU C 19 -0.97 12.10 32.56
C LEU C 19 -2.38 11.53 32.71
N ARG C 20 -3.34 12.13 32.02
CA ARG C 20 -4.73 11.68 32.08
C ARG C 20 -4.85 10.22 31.65
N GLU C 21 -4.16 9.87 30.56
CA GLU C 21 -4.19 8.53 30.02
C GLU C 21 -3.54 7.56 31.00
N LEU C 22 -2.84 8.15 32.00
CA LEU C 22 -2.14 7.42 33.05
C LEU C 22 -2.97 7.50 34.34
N ARG C 23 -4.26 7.88 34.16
CA ARG C 23 -5.24 7.94 35.24
C ARG C 23 -4.87 8.84 36.44
N ALA C 24 -4.26 9.97 36.08
CA ALA C 24 -3.88 10.98 37.05
C ALA C 24 -4.33 12.36 36.55
N PHE C 25 -4.97 13.14 37.42
CA PHE C 25 -5.43 14.45 36.99
C PHE C 25 -4.23 15.38 36.84
N SER C 26 -4.31 16.25 35.84
CA SER C 26 -3.24 17.18 35.58
C SER C 26 -3.82 18.54 35.28
N LEU C 27 -3.07 19.57 35.62
CA LEU C 27 -3.48 20.95 35.41
C LEU C 27 -2.25 21.74 35.02
N ILE C 28 -2.40 22.65 34.06
CA ILE C 28 -1.28 23.46 33.59
C ILE C 28 -1.23 24.84 34.22
N LEU C 29 -0.05 25.22 34.71
CA LEU C 29 0.17 26.54 35.33
C LEU C 29 1.39 27.20 34.71
N PRO C 30 1.40 28.54 34.61
CA PRO C 30 2.58 29.19 34.04
C PRO C 30 3.78 28.77 34.89
N GLY C 31 4.90 28.50 34.22
CA GLY C 31 6.09 28.06 34.94
C GLY C 31 6.55 28.98 36.06
N ASP C 32 6.34 30.27 35.88
CA ASP C 32 6.74 31.28 36.86
C ASP C 32 5.73 31.49 37.98
N ALA C 33 4.60 30.80 37.91
CA ALA C 33 3.57 30.93 38.92
C ALA C 33 4.14 30.85 40.34
N PRO C 34 3.65 31.71 41.25
CA PRO C 34 4.08 31.77 42.65
C PRO C 34 3.93 30.45 43.41
N LEU C 35 4.91 30.16 44.26
CA LEU C 35 4.90 28.92 45.06
C LEU C 35 3.56 28.66 45.73
N GLU C 36 3.00 29.69 46.36
CA GLU C 36 1.72 29.53 47.04
C GLU C 36 0.64 29.05 46.08
N GLU C 37 0.71 29.50 44.83
CA GLU C 37 -0.27 29.09 43.83
C GLU C 37 -0.12 27.62 43.50
N VAL C 38 1.09 27.20 43.15
CA VAL C 38 1.33 25.80 42.83
C VAL C 38 0.96 24.92 44.01
N LEU C 39 1.19 25.39 45.23
CA LEU C 39 0.87 24.62 46.42
C LEU C 39 -0.64 24.57 46.71
N LYS C 40 -1.35 25.56 46.18
CA LYS C 40 -2.80 25.61 46.36
C LYS C 40 -3.46 24.29 45.93
N HIS C 41 -3.03 23.76 44.78
CA HIS C 41 -3.59 22.52 44.24
C HIS C 41 -3.07 21.23 44.89
N ARG C 42 -2.25 21.34 45.92
CA ARG C 42 -1.72 20.15 46.58
C ARG C 42 -1.16 19.12 45.59
N PRO C 43 -0.30 19.56 44.65
CA PRO C 43 0.27 18.62 43.67
C PRO C 43 1.19 17.57 44.29
N GLN C 44 1.02 16.33 43.85
CA GLN C 44 1.84 15.22 44.34
C GLN C 44 3.13 15.14 43.51
N ALA C 45 3.23 15.98 42.49
CA ALA C 45 4.42 15.98 41.67
C ALA C 45 4.33 17.12 40.69
N LEU C 46 5.47 17.53 40.13
CA LEU C 46 5.48 18.63 39.17
C LEU C 46 6.25 18.22 37.93
N ILE C 47 5.85 18.76 36.80
CA ILE C 47 6.53 18.48 35.55
C ILE C 47 6.83 19.82 34.92
N LEU C 48 8.10 20.05 34.62
CA LEU C 48 8.52 21.31 34.01
C LEU C 48 8.60 21.07 32.52
N SER C 49 7.77 21.79 31.76
CA SER C 49 7.76 21.61 30.31
C SER C 49 8.97 22.22 29.63
N GLY C 50 9.11 21.90 28.35
CA GLY C 50 10.19 22.47 27.56
C GLY C 50 9.74 23.85 27.15
N GLY C 51 10.53 24.52 26.32
CA GLY C 51 10.17 25.86 25.88
C GLY C 51 11.07 26.28 24.74
N PRO C 52 10.63 27.22 23.90
CA PRO C 52 11.41 27.69 22.76
C PRO C 52 12.67 28.47 23.13
N ARG C 53 12.68 29.05 24.33
CA ARG C 53 13.81 29.84 24.79
C ARG C 53 14.93 29.01 25.40
N SER C 54 16.06 29.69 25.62
CA SER C 54 17.25 29.10 26.22
C SER C 54 17.37 29.61 27.64
N VAL C 55 17.98 28.82 28.51
CA VAL C 55 18.14 29.22 29.90
C VAL C 55 18.97 30.51 30.03
N PHE C 56 19.82 30.76 29.04
CA PHE C 56 20.66 31.95 29.03
C PHE C 56 19.82 33.21 28.83
N ASP C 57 18.97 33.18 27.80
CA ASP C 57 18.09 34.30 27.49
C ASP C 57 17.49 34.87 28.78
N PRO C 58 17.71 36.17 29.04
CA PRO C 58 17.20 36.84 30.24
C PRO C 58 15.68 36.79 30.36
N ASP C 59 14.99 37.02 29.24
CA ASP C 59 13.53 37.01 29.23
C ASP C 59 12.96 35.62 29.51
N ALA C 60 13.73 34.59 29.18
CA ALA C 60 13.29 33.21 29.39
C ALA C 60 12.69 33.06 30.78
N PRO C 61 11.45 32.58 30.86
CA PRO C 61 10.74 32.39 32.13
C PRO C 61 11.42 31.39 33.06
N ARG C 62 11.32 31.65 34.35
CA ARG C 62 11.90 30.76 35.36
C ARG C 62 10.90 30.59 36.48
N PRO C 63 10.97 29.47 37.21
CA PRO C 63 10.07 29.15 38.32
C PRO C 63 10.37 29.94 39.60
N ASP C 64 9.47 29.80 40.56
CA ASP C 64 9.61 30.46 41.84
C ASP C 64 10.88 29.91 42.48
N PRO C 65 11.79 30.79 42.91
CA PRO C 65 13.03 30.35 43.53
C PRO C 65 12.82 29.34 44.65
N ARG C 66 11.62 29.30 45.22
CA ARG C 66 11.33 28.39 46.31
C ARG C 66 10.74 27.04 45.86
N LEU C 67 10.56 26.89 44.56
CA LEU C 67 9.99 25.66 44.00
C LEU C 67 10.88 24.43 44.18
N PHE C 68 12.14 24.53 43.73
CA PHE C 68 13.04 23.38 43.84
C PHE C 68 13.42 23.05 45.27
N SER C 69 12.82 23.75 46.23
CA SER C 69 13.11 23.51 47.63
C SER C 69 11.87 22.96 48.34
N SER C 70 10.76 22.89 47.61
CA SER C 70 9.49 22.40 48.17
C SER C 70 9.57 20.93 48.57
N GLY C 71 10.47 20.18 47.95
CA GLY C 71 10.59 18.76 48.27
C GLY C 71 9.61 17.92 47.46
N LEU C 72 8.98 18.54 46.47
CA LEU C 72 8.02 17.84 45.61
C LEU C 72 8.68 17.05 44.51
N PRO C 73 8.17 15.84 44.22
CA PRO C 73 8.77 15.05 43.13
C PRO C 73 8.76 15.92 41.88
N LEU C 74 9.86 15.96 41.15
CA LEU C 74 9.93 16.79 39.96
C LEU C 74 10.49 16.07 38.74
N LEU C 75 10.00 16.46 37.57
CA LEU C 75 10.47 15.93 36.30
C LEU C 75 10.69 17.11 35.39
N GLY C 76 11.93 17.30 34.95
CA GLY C 76 12.25 18.39 34.06
C GLY C 76 12.45 17.85 32.66
N ILE C 77 11.74 18.43 31.71
CA ILE C 77 11.82 18.00 30.33
C ILE C 77 12.45 19.08 29.46
N CYS C 78 13.62 18.76 28.93
CA CYS C 78 14.38 19.68 28.09
C CYS C 78 14.61 20.98 28.86
N TYR C 79 14.00 22.09 28.43
CA TYR C 79 14.18 23.34 29.14
C TYR C 79 14.06 23.08 30.64
N GLY C 80 13.09 22.27 31.03
CA GLY C 80 12.89 21.94 32.43
C GLY C 80 14.10 21.30 33.06
N MET C 81 14.74 20.38 32.35
CA MET C 81 15.92 19.71 32.87
C MET C 81 17.05 20.73 33.09
N GLN C 82 17.23 21.59 32.10
CA GLN C 82 18.26 22.61 32.13
C GLN C 82 18.04 23.60 33.27
N LEU C 83 16.78 23.82 33.64
CA LEU C 83 16.48 24.72 34.75
C LEU C 83 16.98 24.09 36.03
N LEU C 84 16.81 22.77 36.14
CA LEU C 84 17.24 22.05 37.33
C LEU C 84 18.76 22.09 37.45
N ALA C 85 19.44 21.90 36.32
CA ALA C 85 20.89 21.92 36.31
C ALA C 85 21.40 23.33 36.59
N GLN C 86 20.86 24.29 35.85
CA GLN C 86 21.25 25.69 35.97
C GLN C 86 21.02 26.31 37.34
N GLU C 87 19.87 26.02 37.95
CA GLU C 87 19.57 26.64 39.23
C GLU C 87 19.89 25.84 40.47
N LEU C 88 20.58 24.71 40.32
CA LEU C 88 20.90 23.91 41.49
C LEU C 88 22.38 23.50 41.58
N GLY C 89 23.20 24.07 40.70
CA GLY C 89 24.62 23.77 40.76
C GLY C 89 25.30 23.18 39.53
N GLY C 90 24.53 22.80 38.52
CA GLY C 90 25.12 22.23 37.32
C GLY C 90 25.55 23.28 36.31
N ARG C 91 25.93 22.82 35.13
CA ARG C 91 26.36 23.72 34.06
C ARG C 91 25.55 23.49 32.79
N VAL C 92 25.02 24.56 32.22
CA VAL C 92 24.25 24.45 30.99
C VAL C 92 24.93 25.32 29.92
N GLU C 93 25.15 24.73 28.75
CA GLU C 93 25.80 25.46 27.66
C GLU C 93 24.83 25.73 26.51
N ARG C 94 25.34 26.33 25.43
CA ARG C 94 24.53 26.65 24.27
C ARG C 94 24.82 25.72 23.11
N ALA C 95 23.78 25.37 22.35
CA ALA C 95 23.93 24.49 21.20
C ALA C 95 22.91 24.84 20.11
N TYR C 100 13.77 19.34 16.34
CA TYR C 100 14.28 18.23 17.18
C TYR C 100 14.90 17.15 16.29
N GLY C 101 15.13 15.98 16.86
CA GLY C 101 15.71 14.88 16.11
C GLY C 101 15.66 13.61 16.95
N LYS C 102 15.53 12.46 16.29
CA LYS C 102 15.47 11.19 17.00
C LYS C 102 16.87 10.74 17.36
N ALA C 103 16.99 10.08 18.51
CA ALA C 103 18.28 9.58 18.97
C ALA C 103 18.05 8.38 19.87
N LEU C 104 19.04 7.48 19.94
CA LEU C 104 18.94 6.30 20.79
C LEU C 104 19.73 6.51 22.07
N LEU C 105 19.20 6.04 23.20
CA LEU C 105 19.89 6.17 24.47
C LEU C 105 20.87 5.02 24.59
N THR C 106 22.16 5.35 24.70
CA THR C 106 23.19 4.33 24.81
C THR C 106 23.24 3.78 26.21
N ARG C 107 22.64 4.53 27.14
CA ARG C 107 22.58 4.13 28.54
C ARG C 107 21.28 4.67 29.13
N HIS C 108 20.64 3.88 29.97
CA HIS C 108 19.39 4.28 30.60
C HIS C 108 19.12 3.40 31.80
N GLU C 109 19.58 3.85 32.96
CA GLU C 109 19.43 3.12 34.20
C GLU C 109 18.65 3.92 35.24
N GLY C 110 18.30 3.26 36.34
CA GLY C 110 17.58 3.92 37.40
C GLY C 110 16.10 3.61 37.37
N PRO C 111 15.35 3.98 38.42
CA PRO C 111 13.91 3.73 38.45
C PRO C 111 13.11 4.47 37.38
N LEU C 112 13.69 5.53 36.81
CA LEU C 112 12.96 6.28 35.79
C LEU C 112 12.93 5.51 34.47
N PHE C 113 13.81 4.52 34.35
CA PHE C 113 13.89 3.72 33.14
C PHE C 113 13.55 2.24 33.32
N ARG C 114 12.96 1.89 34.46
CA ARG C 114 12.57 0.49 34.68
C ARG C 114 11.56 0.11 33.61
N GLY C 115 11.67 -1.09 33.07
CA GLY C 115 10.73 -1.52 32.05
C GLY C 115 11.03 -1.05 30.63
N LEU C 116 12.06 -0.22 30.45
CA LEU C 116 12.40 0.27 29.12
C LEU C 116 13.57 -0.46 28.48
N GLU C 117 13.91 -1.62 29.01
CA GLU C 117 15.02 -2.40 28.47
C GLU C 117 14.96 -2.51 26.95
N GLY C 118 16.14 -2.61 26.34
CA GLY C 118 16.21 -2.72 24.89
C GLY C 118 16.56 -1.39 24.27
N GLU C 119 16.01 -1.13 23.09
CA GLU C 119 16.24 0.12 22.38
C GLU C 119 15.31 1.17 22.94
N VAL C 120 15.85 2.36 23.19
CA VAL C 120 15.07 3.48 23.70
C VAL C 120 15.29 4.71 22.83
N GLN C 121 14.47 4.84 21.80
CA GLN C 121 14.54 5.99 20.90
C GLN C 121 13.88 7.18 21.57
N VAL C 122 14.51 8.35 21.52
CA VAL C 122 13.93 9.53 22.13
C VAL C 122 13.92 10.72 21.17
N TRP C 123 13.00 11.64 21.40
CA TRP C 123 12.87 12.83 20.57
C TRP C 123 13.65 13.92 21.29
N MET C 124 14.94 14.03 20.96
CA MET C 124 15.85 14.99 21.58
C MET C 124 15.58 16.46 21.28
N SER C 125 16.03 17.31 22.19
CA SER C 125 15.91 18.74 22.05
C SER C 125 17.37 19.20 21.90
N HIS C 126 17.76 19.46 20.66
CA HIS C 126 19.13 19.87 20.36
C HIS C 126 19.52 21.30 20.73
N GLN C 127 18.68 22.14 21.36
CA GLN C 127 18.95 23.45 21.93
C GLN C 127 19.53 23.27 23.34
N ASP C 128 20.68 23.92 23.48
CA ASP C 128 21.52 23.93 24.67
C ASP C 128 22.03 22.53 24.99
N ALA C 129 22.63 22.34 26.18
CA ALA C 129 22.76 21.05 26.83
C ALA C 129 23.34 21.20 28.23
N VAL C 130 23.12 20.17 29.07
CA VAL C 130 23.68 20.18 30.41
C VAL C 130 25.02 19.46 30.32
N THR C 131 26.09 20.18 30.64
CA THR C 131 27.43 19.61 30.60
C THR C 131 27.81 19.07 31.98
N ALA C 132 27.03 19.46 32.98
CA ALA C 132 27.30 19.00 34.33
C ALA C 132 26.03 19.06 35.15
N PRO C 133 25.77 18.00 35.92
CA PRO C 133 24.56 17.97 36.76
C PRO C 133 24.83 18.61 38.11
N PRO C 134 23.77 18.87 38.88
CA PRO C 134 24.01 19.47 40.19
C PRO C 134 24.85 18.49 41.01
N PRO C 135 25.63 18.99 41.98
CA PRO C 135 26.47 18.13 42.81
C PRO C 135 25.67 17.03 43.49
N GLY C 136 26.10 15.79 43.33
CA GLY C 136 25.41 14.67 43.95
C GLY C 136 24.44 13.99 43.00
N TRP C 137 23.97 14.71 41.99
CA TRP C 137 23.03 14.17 41.02
C TRP C 137 23.73 13.18 40.08
N ARG C 138 23.05 12.09 39.75
CA ARG C 138 23.60 11.07 38.88
C ARG C 138 23.12 11.25 37.44
N VAL C 139 24.01 11.02 36.48
CA VAL C 139 23.65 11.10 35.07
C VAL C 139 23.15 9.69 34.77
N VAL C 140 21.84 9.54 34.57
CA VAL C 140 21.27 8.21 34.33
C VAL C 140 20.96 7.83 32.88
N ALA C 141 21.29 8.71 31.93
CA ALA C 141 21.03 8.41 30.53
C ALA C 141 21.96 9.19 29.60
N GLU C 142 22.30 8.57 28.48
CA GLU C 142 23.18 9.19 27.48
C GLU C 142 22.80 8.74 26.07
N THR C 143 23.17 9.57 25.09
CA THR C 143 22.98 9.25 23.69
C THR C 143 24.42 9.29 23.18
N GLU C 144 24.68 8.75 22.00
CA GLU C 144 26.04 8.76 21.49
C GLU C 144 26.59 10.18 21.39
N GLU C 145 25.74 11.13 21.01
CA GLU C 145 26.15 12.52 20.85
C GLU C 145 25.88 13.45 22.03
N ASN C 146 25.45 12.92 23.17
CA ASN C 146 25.16 13.76 24.33
C ASN C 146 25.30 12.96 25.63
N PRO C 147 26.42 13.16 26.35
CA PRO C 147 26.73 12.47 27.62
C PRO C 147 25.81 12.76 28.80
N VAL C 148 24.87 13.67 28.63
CA VAL C 148 23.95 13.98 29.72
C VAL C 148 22.52 14.05 29.17
N ALA C 149 21.95 12.89 28.90
CA ALA C 149 20.59 12.78 28.37
C ALA C 149 19.54 12.88 29.46
N ALA C 150 19.88 12.42 30.66
CA ALA C 150 18.98 12.45 31.80
C ALA C 150 19.73 12.47 33.14
N ILE C 151 19.19 13.22 34.10
CA ILE C 151 19.82 13.32 35.41
C ILE C 151 18.84 12.99 36.52
N ALA C 152 19.35 12.71 37.70
CA ALA C 152 18.51 12.38 38.84
C ALA C 152 19.13 12.84 40.17
N SER C 153 18.30 13.46 41.01
CA SER C 153 18.75 13.95 42.31
C SER C 153 19.03 12.75 43.20
N PRO C 154 20.06 12.85 44.06
CA PRO C 154 20.42 11.77 44.97
C PRO C 154 19.28 11.24 45.83
N ASP C 155 18.32 12.09 46.17
CA ASP C 155 17.19 11.67 47.00
C ASP C 155 16.16 10.91 46.16
N GLY C 156 16.32 10.97 44.84
CA GLY C 156 15.42 10.26 43.95
C GLY C 156 14.04 10.87 43.81
N ARG C 157 13.93 12.18 44.02
CA ARG C 157 12.64 12.84 43.90
C ARG C 157 12.64 13.91 42.81
N ALA C 158 13.76 14.01 42.10
CA ALA C 158 13.90 14.98 41.02
C ALA C 158 14.59 14.28 39.87
N TYR C 159 14.09 14.52 38.65
CA TYR C 159 14.67 13.92 37.46
C TYR C 159 14.57 14.90 36.33
N GLY C 160 15.49 14.77 35.38
CA GLY C 160 15.49 15.62 34.22
C GLY C 160 15.80 14.76 33.00
N VAL C 161 15.22 15.12 31.86
CA VAL C 161 15.44 14.38 30.62
C VAL C 161 15.59 15.41 29.52
N GLN C 162 16.58 15.20 28.66
CA GLN C 162 16.87 16.11 27.56
C GLN C 162 16.00 15.85 26.33
N PHE C 163 15.04 14.96 26.48
CA PHE C 163 14.14 14.61 25.37
C PHE C 163 12.69 14.70 25.84
N HIS C 164 11.75 14.63 24.90
CA HIS C 164 10.33 14.71 25.22
C HIS C 164 9.67 13.34 25.34
N PRO C 165 9.36 12.92 26.57
CA PRO C 165 8.73 11.60 26.71
C PRO C 165 7.24 11.64 26.32
N GLU C 166 6.68 12.84 26.21
CA GLU C 166 5.27 12.99 25.88
C GLU C 166 4.90 12.80 24.41
N VAL C 167 5.88 12.83 23.50
CA VAL C 167 5.59 12.66 22.08
C VAL C 167 5.86 11.23 21.61
N ALA C 168 5.10 10.80 20.59
CA ALA C 168 5.24 9.45 20.05
C ALA C 168 6.64 9.10 19.54
N HIS C 169 7.42 10.09 19.09
CA HIS C 169 8.76 9.79 18.61
C HIS C 169 9.67 9.25 19.73
N THR C 170 9.09 9.16 20.92
CA THR C 170 9.75 8.56 22.08
C THR C 170 8.67 7.56 22.42
N PRO C 171 8.58 6.48 21.64
CA PRO C 171 7.58 5.42 21.81
C PRO C 171 7.41 4.86 23.22
N LYS C 172 8.50 4.82 23.98
CA LYS C 172 8.45 4.31 25.34
C LYS C 172 8.28 5.48 26.33
N GLY C 173 7.93 6.64 25.79
CA GLY C 173 7.74 7.82 26.61
C GLY C 173 6.67 7.65 27.67
N MET C 174 5.57 6.99 27.32
CA MET C 174 4.49 6.81 28.28
C MET C 174 4.94 6.01 29.50
N GLN C 175 5.80 5.02 29.30
CA GLN C 175 6.29 4.21 30.40
C GLN C 175 7.21 5.02 31.32
N ILE C 176 7.97 5.94 30.73
CA ILE C 176 8.84 6.80 31.52
C ILE C 176 7.96 7.66 32.42
N LEU C 177 6.98 8.35 31.83
CA LEU C 177 6.08 9.19 32.61
C LEU C 177 5.40 8.35 33.68
N GLU C 178 5.08 7.11 33.34
CA GLU C 178 4.44 6.18 34.28
C GLU C 178 5.41 5.86 35.41
N ASN C 179 6.69 5.68 35.08
CA ASN C 179 7.68 5.38 36.11
C ASN C 179 7.76 6.56 37.08
N PHE C 180 7.73 7.76 36.54
CA PHE C 180 7.80 8.96 37.37
C PHE C 180 6.59 9.11 38.29
N LEU C 181 5.41 8.72 37.82
CA LEU C 181 4.22 8.82 38.66
C LEU C 181 4.32 7.77 39.78
N GLU C 182 4.90 6.62 39.46
CA GLU C 182 5.06 5.55 40.43
C GLU C 182 6.11 5.93 41.49
N LEU C 183 7.17 6.60 41.06
CA LEU C 183 8.24 7.04 41.96
C LEU C 183 7.74 8.12 42.91
N ALA C 184 6.98 9.07 42.37
CA ALA C 184 6.43 10.17 43.14
C ALA C 184 5.21 9.74 43.94
N GLY C 185 4.75 8.52 43.73
CA GLY C 185 3.59 8.03 44.44
C GLY C 185 2.30 8.76 44.15
N VAL C 186 2.09 9.13 42.89
CA VAL C 186 0.87 9.83 42.52
C VAL C 186 -0.32 8.87 42.51
N LYS C 187 -1.45 9.33 43.05
CA LYS C 187 -2.64 8.49 43.08
C LYS C 187 -3.37 8.52 41.76
N ARG C 188 -3.99 7.41 41.40
CA ARG C 188 -4.72 7.34 40.14
C ARG C 188 -6.19 7.60 40.39
N ASP C 189 -6.52 8.84 40.73
CA ASP C 189 -7.91 9.21 41.01
C ASP C 189 -8.70 9.65 39.79
N TRP C 190 -8.03 9.89 38.67
CA TRP C 190 -8.74 10.32 37.47
C TRP C 190 -9.32 9.13 36.71
N THR C 191 -10.51 8.69 37.14
CA THR C 191 -11.22 7.59 36.51
C THR C 191 -12.60 8.11 36.14
N PRO C 192 -13.18 7.59 35.04
CA PRO C 192 -14.50 7.99 34.55
C PRO C 192 -15.64 8.08 35.54
N GLU C 193 -15.78 7.07 36.42
CA GLU C 193 -16.88 7.05 37.39
C GLU C 193 -16.77 8.14 38.45
N HIS C 194 -15.56 8.31 38.99
CA HIS C 194 -15.33 9.33 40.01
C HIS C 194 -15.65 10.71 39.42
N VAL C 195 -15.14 10.95 38.21
CA VAL C 195 -15.36 12.22 37.55
C VAL C 195 -16.84 12.49 37.27
N LEU C 196 -17.55 11.47 36.79
CA LEU C 196 -18.97 11.60 36.49
C LEU C 196 -19.74 12.02 37.75
N GLU C 197 -19.53 11.31 38.86
CA GLU C 197 -20.18 11.59 40.14
C GLU C 197 -19.91 13.02 40.60
N GLU C 198 -18.66 13.44 40.46
CA GLU C 198 -18.29 14.78 40.88
C GLU C 198 -19.06 15.80 40.04
N LEU C 199 -19.15 15.55 38.73
CA LEU C 199 -19.85 16.47 37.82
C LEU C 199 -21.36 16.46 38.00
N LEU C 200 -21.90 15.33 38.41
CA LEU C 200 -23.33 15.27 38.62
C LEU C 200 -23.65 16.14 39.83
N ARG C 201 -22.86 16.01 40.90
CA ARG C 201 -23.08 16.82 42.11
C ARG C 201 -23.06 18.30 41.74
N GLU C 202 -21.94 18.73 41.20
CA GLU C 202 -21.76 20.13 40.80
C GLU C 202 -22.89 20.68 39.97
N VAL C 203 -23.37 19.91 39.00
CA VAL C 203 -24.46 20.37 38.15
C VAL C 203 -25.72 20.58 38.97
N ARG C 204 -26.01 19.62 39.85
CA ARG C 204 -27.19 19.70 40.71
C ARG C 204 -27.21 21.00 41.52
N GLU C 205 -26.19 21.19 42.34
CA GLU C 205 -26.09 22.39 43.15
C GLU C 205 -26.15 23.65 42.30
N ARG C 206 -25.12 23.90 41.49
CA ARG C 206 -25.06 25.07 40.64
C ARG C 206 -26.41 25.45 40.02
N ALA C 207 -27.04 24.51 39.31
CA ALA C 207 -28.33 24.79 38.68
C ALA C 207 -29.47 24.83 39.70
N GLY C 208 -29.36 24.00 40.72
CA GLY C 208 -30.40 23.95 41.73
C GLY C 208 -31.74 23.57 41.12
N LYS C 209 -32.70 24.48 41.22
CA LYS C 209 -34.05 24.24 40.67
C LYS C 209 -34.30 25.13 39.46
N ASP C 210 -33.31 25.93 39.08
CA ASP C 210 -33.45 26.82 37.94
C ASP C 210 -33.50 26.09 36.60
N ARG C 211 -33.74 26.84 35.54
CA ARG C 211 -33.82 26.29 34.18
C ARG C 211 -32.43 26.31 33.54
N VAL C 212 -32.14 25.32 32.70
CA VAL C 212 -30.85 25.25 32.02
C VAL C 212 -31.05 25.05 30.52
N LEU C 213 -30.61 26.04 29.74
CA LEU C 213 -30.73 25.98 28.29
C LEU C 213 -29.44 25.42 27.67
N LEU C 214 -29.60 24.50 26.72
CA LEU C 214 -28.45 23.86 26.06
C LEU C 214 -28.65 23.62 24.57
N ALA C 215 -27.61 23.85 23.79
CA ALA C 215 -27.68 23.60 22.36
C ALA C 215 -26.98 22.27 22.08
N VAL C 216 -27.66 21.35 21.41
CA VAL C 216 -27.07 20.07 21.05
C VAL C 216 -26.90 20.11 19.55
N SER C 217 -25.82 19.55 19.03
CA SER C 217 -25.58 19.62 17.60
C SER C 217 -25.38 18.27 16.93
N GLY C 218 -25.26 17.22 17.74
CA GLY C 218 -25.03 15.90 17.18
C GLY C 218 -23.68 15.37 17.64
N GLY C 219 -22.79 16.28 18.04
CA GLY C 219 -21.48 15.88 18.53
C GLY C 219 -21.55 15.25 19.90
N VAL C 220 -20.59 14.37 20.22
CA VAL C 220 -20.57 13.69 21.50
C VAL C 220 -20.50 14.64 22.70
N ASP C 221 -19.86 15.79 22.51
CA ASP C 221 -19.71 16.77 23.56
C ASP C 221 -21.08 17.28 24.04
N SER C 222 -21.79 17.97 23.16
CA SER C 222 -23.10 18.51 23.51
C SER C 222 -24.07 17.40 23.92
N SER C 223 -24.01 16.25 23.26
CA SER C 223 -24.87 15.13 23.61
C SER C 223 -24.57 14.64 25.01
N THR C 224 -23.29 14.52 25.33
CA THR C 224 -22.93 14.05 26.67
C THR C 224 -23.31 15.10 27.72
N LEU C 225 -23.34 16.36 27.32
CA LEU C 225 -23.73 17.42 28.25
C LEU C 225 -25.23 17.28 28.54
N ALA C 226 -26.00 16.99 27.50
CA ALA C 226 -27.44 16.81 27.66
C ALA C 226 -27.72 15.62 28.58
N LEU C 227 -26.97 14.54 28.40
CA LEU C 227 -27.11 13.34 29.22
C LEU C 227 -26.70 13.56 30.68
N LEU C 228 -25.71 14.41 30.91
CA LEU C 228 -25.27 14.68 32.27
C LEU C 228 -26.40 15.40 33.02
N LEU C 229 -27.01 16.37 32.34
CA LEU C 229 -28.08 17.13 32.96
C LEU C 229 -29.27 16.22 33.26
N ALA C 230 -29.76 15.51 32.24
CA ALA C 230 -30.89 14.61 32.41
C ALA C 230 -30.65 13.67 33.60
N LYS C 231 -29.47 13.07 33.65
CA LYS C 231 -29.10 12.15 34.73
C LYS C 231 -29.02 12.88 36.07
N ALA C 232 -28.69 14.16 36.02
CA ALA C 232 -28.59 14.95 37.25
C ALA C 232 -29.98 15.44 37.64
N GLY C 233 -30.94 15.25 36.75
CA GLY C 233 -32.30 15.66 37.01
C GLY C 233 -32.55 17.15 36.91
N VAL C 234 -31.54 17.93 36.53
CA VAL C 234 -31.75 19.37 36.42
C VAL C 234 -32.80 19.67 35.35
N ASP C 235 -33.52 20.76 35.53
CA ASP C 235 -34.56 21.18 34.59
C ASP C 235 -33.85 21.76 33.38
N HIS C 236 -34.03 21.14 32.23
CA HIS C 236 -33.35 21.61 31.04
C HIS C 236 -34.16 21.54 29.75
N LEU C 237 -33.62 22.20 28.74
CA LEU C 237 -34.19 22.21 27.41
C LEU C 237 -33.01 22.13 26.43
N ALA C 238 -32.91 21.02 25.71
CA ALA C 238 -31.84 20.85 24.75
C ALA C 238 -32.43 21.22 23.40
N VAL C 239 -31.82 22.20 22.74
CA VAL C 239 -32.31 22.66 21.44
C VAL C 239 -31.41 22.22 20.29
N PHE C 240 -32.01 21.46 19.38
CA PHE C 240 -31.28 20.94 18.23
C PHE C 240 -31.71 21.65 16.96
N VAL C 241 -30.92 22.61 16.51
CA VAL C 241 -31.24 23.33 15.30
C VAL C 241 -30.85 22.50 14.10
N ASP C 242 -31.85 21.90 13.45
CA ASP C 242 -31.62 21.10 12.26
C ASP C 242 -31.48 22.08 11.10
N HIS C 243 -30.25 22.48 10.82
CA HIS C 243 -29.99 23.43 9.73
C HIS C 243 -30.03 22.79 8.36
N GLY C 244 -30.29 21.49 8.32
CA GLY C 244 -30.34 20.81 7.03
C GLY C 244 -28.97 20.51 6.43
N LEU C 245 -27.91 20.74 7.19
CA LEU C 245 -26.57 20.47 6.68
C LEU C 245 -25.95 19.25 7.37
N LEU C 246 -26.77 18.51 8.10
CA LEU C 246 -26.30 17.31 8.82
C LEU C 246 -26.09 16.15 7.85
N ARG C 247 -25.42 15.11 8.36
CA ARG C 247 -25.15 13.92 7.57
C ARG C 247 -26.46 13.12 7.48
N LEU C 248 -26.56 12.27 6.46
CA LEU C 248 -27.75 11.48 6.25
C LEU C 248 -28.22 10.71 7.50
N GLY C 249 -29.47 10.96 7.90
CA GLY C 249 -30.04 10.27 9.04
C GLY C 249 -29.52 10.68 10.40
N GLU C 250 -28.67 11.70 10.45
CA GLU C 250 -28.11 12.13 11.72
C GLU C 250 -29.11 12.74 12.69
N ARG C 251 -30.00 13.58 12.17
CA ARG C 251 -31.01 14.23 13.01
C ARG C 251 -31.89 13.21 13.74
N GLU C 252 -32.29 12.17 13.01
CA GLU C 252 -33.12 11.12 13.55
C GLU C 252 -32.40 10.26 14.61
N GLU C 253 -31.14 9.91 14.33
CA GLU C 253 -30.37 9.09 15.26
C GLU C 253 -30.12 9.86 16.55
N VAL C 254 -29.83 11.14 16.42
CA VAL C 254 -29.55 11.96 17.59
C VAL C 254 -30.80 12.19 18.44
N GLU C 255 -31.88 12.62 17.80
CA GLU C 255 -33.11 12.88 18.55
C GLU C 255 -33.62 11.59 19.17
N GLY C 256 -33.56 10.49 18.42
CA GLY C 256 -34.03 9.22 18.94
C GLY C 256 -33.19 8.77 20.13
N ALA C 257 -31.88 8.85 20.00
CA ALA C 257 -30.98 8.44 21.06
C ALA C 257 -31.09 9.30 22.33
N LEU C 258 -31.09 10.62 22.17
CA LEU C 258 -31.16 11.49 23.32
C LEU C 258 -32.50 11.39 24.08
N ARG C 259 -33.60 11.21 23.35
CA ARG C 259 -34.90 11.10 23.99
C ARG C 259 -35.04 9.76 24.71
N ALA C 260 -34.53 8.69 24.11
CA ALA C 260 -34.58 7.37 24.73
C ALA C 260 -33.86 7.40 26.06
N LEU C 261 -32.85 8.27 26.18
CA LEU C 261 -32.08 8.36 27.41
C LEU C 261 -32.65 9.30 28.47
N GLY C 262 -33.60 10.17 28.09
CA GLY C 262 -34.18 11.06 29.08
C GLY C 262 -34.05 12.55 28.85
N VAL C 263 -33.40 12.91 27.75
CA VAL C 263 -33.21 14.32 27.45
C VAL C 263 -34.50 15.00 27.04
N ASN C 264 -34.68 16.24 27.49
CA ASN C 264 -35.84 17.04 27.14
C ASN C 264 -35.34 17.80 25.92
N LEU C 265 -35.60 17.22 24.75
CA LEU C 265 -35.13 17.75 23.48
C LEU C 265 -36.16 18.47 22.60
N LEU C 266 -35.75 19.61 22.03
CA LEU C 266 -36.59 20.36 21.13
C LEU C 266 -35.86 20.52 19.80
N VAL C 267 -36.40 19.88 18.75
CA VAL C 267 -35.80 19.94 17.44
C VAL C 267 -36.42 21.08 16.62
N VAL C 268 -35.57 21.97 16.13
CA VAL C 268 -36.01 23.11 15.34
C VAL C 268 -35.72 22.92 13.85
N ASP C 269 -36.76 22.76 13.04
CA ASP C 269 -36.60 22.60 11.60
C ASP C 269 -36.28 23.97 11.01
N ALA C 270 -35.05 24.15 10.55
CA ALA C 270 -34.64 25.43 9.99
C ALA C 270 -33.89 25.25 8.68
N LYS C 271 -34.15 24.12 8.01
CA LYS C 271 -33.49 23.82 6.75
C LYS C 271 -33.67 24.93 5.71
N GLU C 272 -34.92 25.26 5.41
CA GLU C 272 -35.23 26.29 4.42
C GLU C 272 -34.56 27.62 4.79
N ARG C 273 -34.61 27.93 6.09
CA ARG C 273 -34.02 29.15 6.62
C ARG C 273 -32.54 29.28 6.25
N PHE C 274 -31.78 28.22 6.52
CA PHE C 274 -30.35 28.20 6.22
C PHE C 274 -30.08 28.10 4.74
N LEU C 275 -30.78 27.20 4.06
CA LEU C 275 -30.58 27.02 2.64
C LEU C 275 -30.77 28.36 1.91
N LYS C 276 -31.92 29.00 2.13
CA LYS C 276 -32.21 30.27 1.48
C LYS C 276 -31.20 31.35 1.88
N ALA C 277 -30.71 31.30 3.10
CA ALA C 277 -29.75 32.29 3.58
C ALA C 277 -28.36 32.08 2.97
N LEU C 278 -28.14 30.93 2.34
CA LEU C 278 -26.86 30.61 1.72
C LEU C 278 -26.88 30.70 0.20
N LYS C 279 -28.08 30.85 -0.37
CA LYS C 279 -28.21 30.93 -1.82
C LYS C 279 -27.16 31.85 -2.43
N GLY C 280 -26.56 31.39 -3.53
CA GLY C 280 -25.53 32.17 -4.21
C GLY C 280 -24.31 32.52 -3.39
N VAL C 281 -24.13 31.88 -2.23
CA VAL C 281 -22.98 32.16 -1.38
C VAL C 281 -21.86 31.14 -1.59
N GLU C 282 -20.70 31.62 -2.03
CA GLU C 282 -19.57 30.74 -2.29
C GLU C 282 -18.37 30.98 -1.40
N ASP C 283 -18.21 32.19 -0.89
CA ASP C 283 -17.07 32.47 -0.03
C ASP C 283 -17.20 31.63 1.25
N PRO C 284 -16.24 30.72 1.47
CA PRO C 284 -16.28 29.87 2.67
C PRO C 284 -16.37 30.64 3.97
N GLU C 285 -15.66 31.76 4.07
CA GLU C 285 -15.70 32.57 5.29
C GLU C 285 -17.11 33.14 5.45
N GLU C 286 -17.76 33.42 4.32
CA GLU C 286 -19.11 33.96 4.33
C GLU C 286 -20.09 32.88 4.77
N LYS C 287 -19.95 31.68 4.21
CA LYS C 287 -20.82 30.56 4.56
C LYS C 287 -20.82 30.37 6.07
N ARG C 288 -19.64 30.39 6.65
CA ARG C 288 -19.49 30.21 8.09
C ARG C 288 -20.11 31.36 8.87
N LYS C 289 -19.95 32.58 8.35
CA LYS C 289 -20.54 33.74 9.02
C LYS C 289 -22.06 33.61 8.98
N ILE C 290 -22.60 33.42 7.78
CA ILE C 290 -24.04 33.29 7.58
C ILE C 290 -24.66 32.16 8.40
N ILE C 291 -24.00 31.01 8.44
CA ILE C 291 -24.50 29.88 9.19
C ILE C 291 -24.48 30.17 10.68
N GLY C 292 -23.43 30.85 11.12
CA GLY C 292 -23.31 31.20 12.53
C GLY C 292 -24.40 32.18 12.97
N ARG C 293 -24.70 33.18 12.16
CA ARG C 293 -25.73 34.15 12.54
C ARG C 293 -27.08 33.43 12.60
N GLU C 294 -27.46 32.78 11.50
CA GLU C 294 -28.72 32.06 11.42
C GLU C 294 -28.90 31.10 12.59
N PHE C 295 -27.80 30.56 13.10
CA PHE C 295 -27.90 29.64 14.23
C PHE C 295 -28.24 30.44 15.48
N VAL C 296 -27.50 31.52 15.70
CA VAL C 296 -27.75 32.37 16.87
C VAL C 296 -29.21 32.85 16.83
N ALA C 297 -29.68 33.17 15.63
CA ALA C 297 -31.05 33.63 15.46
C ALA C 297 -32.05 32.56 15.91
N ALA C 298 -32.02 31.41 15.26
CA ALA C 298 -32.94 30.31 15.56
C ALA C 298 -32.83 29.81 17.00
N PHE C 299 -31.63 29.82 17.56
CA PHE C 299 -31.46 29.36 18.94
C PHE C 299 -32.02 30.40 19.92
N SER C 300 -31.76 31.68 19.64
CA SER C 300 -32.25 32.75 20.50
C SER C 300 -33.76 32.74 20.58
N GLN C 301 -34.40 32.58 19.43
CA GLN C 301 -35.85 32.54 19.38
C GLN C 301 -36.39 31.53 20.39
N VAL C 302 -35.93 30.28 20.29
CA VAL C 302 -36.37 29.25 21.21
C VAL C 302 -36.09 29.69 22.65
N ALA C 303 -34.97 30.39 22.84
CA ALA C 303 -34.59 30.87 24.16
C ALA C 303 -35.66 31.78 24.76
N ARG C 304 -36.16 32.72 23.95
CA ARG C 304 -37.20 33.63 24.41
C ARG C 304 -38.55 33.21 23.83
N GLU C 305 -39.00 32.03 24.24
CA GLU C 305 -40.28 31.46 23.82
C GLU C 305 -40.62 30.30 24.74
N ARG C 306 -39.62 29.87 25.50
CA ARG C 306 -39.79 28.76 26.43
C ARG C 306 -39.02 29.05 27.71
N GLY C 307 -38.32 30.18 27.70
CA GLY C 307 -37.55 30.57 28.86
C GLY C 307 -38.47 31.05 29.97
N PRO C 308 -37.94 31.83 30.91
CA PRO C 308 -36.54 32.24 30.91
C PRO C 308 -35.63 31.09 31.32
N PHE C 309 -34.34 31.35 31.31
CA PHE C 309 -33.33 30.37 31.68
C PHE C 309 -32.23 31.10 32.42
N ARG C 310 -31.84 30.60 33.58
CA ARG C 310 -30.78 31.25 34.33
C ARG C 310 -29.42 30.75 33.79
N PHE C 311 -29.37 29.48 33.41
CA PHE C 311 -28.13 28.88 32.91
C PHE C 311 -28.10 28.50 31.44
N LEU C 312 -26.91 28.63 30.85
CA LEU C 312 -26.64 28.25 29.48
C LEU C 312 -25.47 27.30 29.64
N ALA C 313 -25.71 26.01 29.40
CA ALA C 313 -24.65 25.01 29.52
C ALA C 313 -23.89 24.96 28.19
N GLN C 314 -22.58 24.84 28.28
CA GLN C 314 -21.72 24.76 27.10
C GLN C 314 -20.66 23.67 27.29
N GLY C 315 -20.33 22.99 26.20
CA GLY C 315 -19.35 21.91 26.26
C GLY C 315 -17.89 22.32 26.15
N THR C 316 -17.57 23.55 26.59
CA THR C 316 -16.19 24.03 26.54
C THR C 316 -15.25 22.99 27.17
N LEU C 317 -14.19 22.64 26.45
CA LEU C 317 -13.23 21.67 26.93
C LEU C 317 -11.93 22.32 27.41
N TYR C 318 -11.09 21.55 28.10
CA TYR C 318 -9.83 22.07 28.63
C TYR C 318 -8.94 22.75 27.59
N PRO C 319 -8.86 22.20 26.36
CA PRO C 319 -8.02 22.85 25.34
C PRO C 319 -8.52 24.26 25.03
N ASP C 320 -9.82 24.48 25.21
CA ASP C 320 -10.42 25.80 24.98
C ASP C 320 -9.98 26.74 26.08
N VAL C 321 -10.01 26.25 27.32
CA VAL C 321 -9.61 27.04 28.47
C VAL C 321 -8.13 27.38 28.37
N ILE C 322 -7.33 26.43 27.87
CA ILE C 322 -5.90 26.63 27.71
C ILE C 322 -5.63 27.70 26.66
N GLU C 323 -6.37 27.64 25.55
CA GLU C 323 -6.19 28.60 24.46
C GLU C 323 -6.76 29.98 24.77
N SER C 324 -7.61 30.07 25.80
CA SER C 324 -8.18 31.35 26.19
C SER C 324 -7.38 31.94 27.34
N ALA C 325 -6.26 31.29 27.67
CA ALA C 325 -5.40 31.73 28.76
C ALA C 325 -3.99 32.07 28.27
N GLU C 347 -28.09 37.42 29.17
CA GLU C 347 -29.00 37.03 30.29
C GLU C 347 -28.84 35.57 30.65
N PHE C 348 -27.59 35.09 30.66
CA PHE C 348 -27.30 33.70 30.98
C PHE C 348 -26.01 33.52 31.76
N GLU C 349 -26.04 32.65 32.77
CA GLU C 349 -24.86 32.35 33.56
C GLU C 349 -24.29 31.06 32.94
N LEU C 350 -23.03 31.09 32.55
CA LEU C 350 -22.40 29.92 31.92
C LEU C 350 -22.21 28.72 32.83
N LEU C 351 -22.44 27.54 32.27
CA LEU C 351 -22.28 26.29 32.98
C LEU C 351 -21.40 25.43 32.06
N GLU C 352 -20.13 25.27 32.42
CA GLU C 352 -19.18 24.50 31.63
C GLU C 352 -18.57 23.39 32.47
N PRO C 353 -19.33 22.29 32.64
CA PRO C 353 -18.93 21.10 33.43
C PRO C 353 -17.74 20.32 32.86
N PHE C 354 -17.47 20.48 31.57
CA PHE C 354 -16.36 19.74 30.95
C PHE C 354 -15.08 20.57 30.71
N ARG C 355 -15.03 21.79 31.25
CA ARG C 355 -13.88 22.68 31.03
C ARG C 355 -12.49 22.16 31.40
N LEU C 356 -12.41 21.17 32.28
CA LEU C 356 -11.10 20.63 32.65
C LEU C 356 -10.86 19.24 32.04
N LEU C 357 -11.65 18.91 31.03
CA LEU C 357 -11.54 17.61 30.38
C LEU C 357 -11.15 17.66 28.93
N PHE C 358 -10.50 16.59 28.46
CA PHE C 358 -10.19 16.49 27.05
C PHE C 358 -11.40 15.77 26.45
N LYS C 359 -11.57 15.84 25.13
CA LYS C 359 -12.73 15.19 24.53
C LYS C 359 -12.82 13.69 24.75
N ASP C 360 -11.69 13.00 24.66
CA ASP C 360 -11.71 11.55 24.87
C ASP C 360 -12.27 11.19 26.25
N GLU C 361 -12.08 12.07 27.22
CA GLU C 361 -12.58 11.81 28.56
C GLU C 361 -14.11 11.98 28.57
N VAL C 362 -14.61 12.92 27.77
CA VAL C 362 -16.04 13.15 27.66
C VAL C 362 -16.67 11.94 26.96
N ARG C 363 -15.95 11.36 25.99
CA ARG C 363 -16.45 10.19 25.29
C ARG C 363 -16.60 9.05 26.30
N GLU C 364 -15.71 9.02 27.30
CA GLU C 364 -15.74 8.00 28.35
C GLU C 364 -16.90 8.23 29.31
N LEU C 365 -17.22 9.48 29.58
CA LEU C 365 -18.35 9.78 30.45
C LEU C 365 -19.59 9.34 29.69
N ALA C 366 -19.59 9.57 28.37
CA ALA C 366 -20.71 9.20 27.51
C ALA C 366 -21.02 7.71 27.60
N LEU C 367 -19.98 6.89 27.63
CA LEU C 367 -20.15 5.44 27.74
C LEU C 367 -20.90 5.19 29.05
N LEU C 368 -20.43 5.82 30.12
CA LEU C 368 -21.05 5.66 31.43
C LEU C 368 -22.50 6.14 31.48
N LEU C 369 -22.84 7.11 30.64
CA LEU C 369 -24.20 7.65 30.62
C LEU C 369 -25.10 6.93 29.61
N GLY C 370 -24.55 5.91 28.94
CA GLY C 370 -25.33 5.14 28.00
C GLY C 370 -25.47 5.68 26.59
N LEU C 371 -24.61 6.58 26.16
CA LEU C 371 -24.71 7.06 24.78
C LEU C 371 -24.30 5.87 23.93
N PRO C 372 -25.10 5.51 22.91
CA PRO C 372 -24.74 4.37 22.05
C PRO C 372 -23.45 4.60 21.26
N ASP C 373 -22.60 3.57 21.20
CA ASP C 373 -21.33 3.69 20.49
C ASP C 373 -21.46 4.38 19.15
N THR C 374 -22.62 4.24 18.54
CA THR C 374 -22.91 4.85 17.25
C THR C 374 -22.73 6.37 17.28
N LEU C 375 -23.14 7.00 18.38
CA LEU C 375 -23.03 8.45 18.50
C LEU C 375 -21.88 8.88 19.41
N ARG C 376 -21.33 7.93 20.15
CA ARG C 376 -20.24 8.21 21.08
C ARG C 376 -18.85 8.29 20.41
N LEU C 377 -18.67 7.51 19.36
CA LEU C 377 -17.39 7.41 18.69
C LEU C 377 -17.27 8.03 17.29
N ARG C 378 -18.15 8.96 16.97
CA ARG C 378 -18.08 9.57 15.65
C ARG C 378 -16.97 10.59 15.59
N HIS C 379 -16.44 10.82 14.39
CA HIS C 379 -15.40 11.81 14.17
C HIS C 379 -16.02 13.20 14.28
N PRO C 380 -15.22 14.21 14.64
CA PRO C 380 -15.78 15.55 14.75
C PRO C 380 -16.51 15.95 13.45
N PHE C 381 -17.56 16.74 13.60
CA PHE C 381 -18.32 17.23 12.46
C PHE C 381 -18.46 18.73 12.67
N PRO C 382 -18.27 19.52 11.62
CA PRO C 382 -18.35 20.99 11.70
C PRO C 382 -19.72 21.60 12.04
N GLY C 383 -19.70 22.73 12.73
CA GLY C 383 -20.95 23.42 13.07
C GLY C 383 -21.68 23.71 11.76
N PRO C 384 -20.98 24.25 10.75
CA PRO C 384 -21.60 24.56 9.46
C PRO C 384 -21.86 23.30 8.62
N GLY C 385 -21.61 22.14 9.21
CA GLY C 385 -21.85 20.87 8.53
C GLY C 385 -21.34 20.71 7.11
N LEU C 386 -22.17 20.11 6.27
CA LEU C 386 -21.84 19.85 4.87
C LEU C 386 -21.66 21.09 3.99
N ALA C 387 -22.01 22.28 4.50
CA ALA C 387 -21.87 23.51 3.72
C ALA C 387 -20.40 23.75 3.36
N VAL C 388 -19.50 23.47 4.30
CA VAL C 388 -18.07 23.67 4.05
C VAL C 388 -17.46 22.47 3.34
N ARG C 389 -18.31 21.57 2.84
CA ARG C 389 -17.83 20.39 2.12
C ARG C 389 -18.35 20.36 0.70
N VAL C 390 -18.94 21.48 0.30
CA VAL C 390 -19.42 21.65 -1.06
C VAL C 390 -18.56 22.81 -1.55
N LEU C 391 -17.73 22.55 -2.56
CA LEU C 391 -16.85 23.57 -3.11
C LEU C 391 -17.63 24.46 -4.06
N GLY C 392 -18.24 25.51 -3.51
CA GLY C 392 -19.04 26.42 -4.31
C GLY C 392 -20.35 26.68 -3.59
N GLU C 393 -21.38 27.06 -4.34
CA GLU C 393 -22.68 27.35 -3.76
C GLU C 393 -23.39 26.12 -3.20
N VAL C 394 -23.91 26.25 -1.99
CA VAL C 394 -24.64 25.16 -1.34
C VAL C 394 -26.07 25.14 -1.83
N THR C 395 -26.43 24.09 -2.58
CA THR C 395 -27.80 23.93 -3.07
C THR C 395 -28.31 22.59 -2.57
N GLU C 396 -29.63 22.48 -2.40
CA GLU C 396 -30.21 21.23 -1.94
C GLU C 396 -29.74 20.06 -2.81
N GLU C 397 -29.71 20.27 -4.12
CA GLU C 397 -29.28 19.19 -5.01
C GLU C 397 -27.86 18.71 -4.67
N ARG C 398 -26.94 19.63 -4.45
CA ARG C 398 -25.58 19.26 -4.14
C ARG C 398 -25.50 18.53 -2.79
N LEU C 399 -26.23 19.02 -1.80
CA LEU C 399 -26.24 18.38 -0.49
C LEU C 399 -26.74 16.93 -0.60
N GLU C 400 -27.71 16.72 -1.47
CA GLU C 400 -28.31 15.40 -1.69
C GLU C 400 -27.27 14.43 -2.26
N ILE C 401 -26.44 14.93 -3.18
CA ILE C 401 -25.41 14.11 -3.77
C ILE C 401 -24.28 13.84 -2.77
N LEU C 402 -23.89 14.86 -2.03
CA LEU C 402 -22.83 14.73 -1.03
C LEU C 402 -23.26 13.83 0.13
N ARG C 403 -24.48 14.02 0.63
CA ARG C 403 -24.99 13.20 1.72
C ARG C 403 -24.88 11.71 1.34
N ARG C 404 -25.25 11.40 0.11
CA ARG C 404 -25.17 10.03 -0.37
C ARG C 404 -23.74 9.52 -0.48
N ALA C 405 -22.85 10.33 -1.05
CA ALA C 405 -21.46 9.89 -1.18
C ALA C 405 -20.82 9.75 0.20
N ASP C 406 -21.04 10.73 1.06
CA ASP C 406 -20.48 10.73 2.41
C ASP C 406 -20.92 9.49 3.21
N ASP C 407 -22.19 9.12 3.07
CA ASP C 407 -22.75 7.96 3.76
C ASP C 407 -22.11 6.67 3.28
N ILE C 408 -21.86 6.58 1.98
CA ILE C 408 -21.21 5.40 1.41
C ILE C 408 -19.78 5.28 1.92
N PHE C 409 -19.06 6.38 1.93
CA PHE C 409 -17.67 6.40 2.38
C PHE C 409 -17.59 6.01 3.86
N THR C 410 -18.46 6.62 4.65
CA THR C 410 -18.52 6.35 6.08
C THR C 410 -18.87 4.89 6.39
N SER C 411 -19.84 4.36 5.66
CA SER C 411 -20.29 2.99 5.86
C SER C 411 -19.20 1.97 5.55
N LEU C 412 -18.52 2.17 4.42
CA LEU C 412 -17.45 1.26 4.00
C LEU C 412 -16.33 1.30 5.03
N LEU C 413 -16.07 2.48 5.59
CA LEU C 413 -15.02 2.58 6.59
C LEU C 413 -15.39 1.73 7.80
N ARG C 414 -16.65 1.83 8.23
CA ARG C 414 -17.12 1.05 9.37
C ARG C 414 -17.07 -0.46 9.08
N GLU C 415 -17.54 -0.88 7.91
CA GLU C 415 -17.53 -2.30 7.56
C GLU C 415 -16.13 -2.91 7.66
N TRP C 416 -15.12 -2.19 7.16
CA TRP C 416 -13.74 -2.66 7.17
C TRP C 416 -13.01 -2.44 8.48
N GLY C 417 -13.64 -1.77 9.43
CA GLY C 417 -13.00 -1.50 10.71
C GLY C 417 -11.96 -0.39 10.61
N LEU C 418 -12.02 0.39 9.53
CA LEU C 418 -11.09 1.50 9.35
C LEU C 418 -11.59 2.83 9.94
N TYR C 419 -12.90 2.95 10.15
CA TYR C 419 -13.47 4.19 10.68
C TYR C 419 -12.79 4.61 11.98
N GLU C 420 -12.66 3.68 12.92
CA GLU C 420 -12.04 4.01 14.19
C GLU C 420 -10.53 4.20 14.09
N LYS C 421 -9.95 3.76 12.97
CA LYS C 421 -8.52 3.84 12.75
C LYS C 421 -8.00 5.13 12.07
N VAL C 422 -8.87 6.13 11.98
CA VAL C 422 -8.49 7.44 11.43
C VAL C 422 -9.07 8.48 12.38
N ALA C 423 -8.42 9.63 12.47
CA ALA C 423 -8.93 10.70 13.35
C ALA C 423 -10.08 11.46 12.72
N GLN C 424 -10.18 11.41 11.40
CA GLN C 424 -11.23 12.13 10.68
C GLN C 424 -11.36 11.58 9.27
N ALA C 425 -12.59 11.55 8.76
CA ALA C 425 -12.91 11.06 7.42
C ALA C 425 -14.04 11.90 6.84
N LEU C 426 -13.82 12.52 5.69
CA LEU C 426 -14.86 13.36 5.10
C LEU C 426 -14.77 13.35 3.60
N ALA C 427 -15.85 13.80 2.95
CA ALA C 427 -15.90 13.87 1.50
C ALA C 427 -16.25 15.28 1.09
N VAL C 428 -15.64 15.75 0.00
CA VAL C 428 -15.87 17.10 -0.50
C VAL C 428 -16.37 16.99 -1.92
N LEU C 429 -17.45 17.72 -2.22
CA LEU C 429 -18.05 17.70 -3.56
C LEU C 429 -17.59 18.91 -4.37
N THR C 430 -17.00 18.63 -5.53
CA THR C 430 -16.53 19.68 -6.41
C THR C 430 -17.31 19.69 -7.72
N PRO C 431 -17.97 20.80 -8.04
CA PRO C 431 -18.72 20.84 -9.30
C PRO C 431 -17.74 20.89 -10.46
N VAL C 432 -17.91 20.01 -11.43
CA VAL C 432 -17.01 20.01 -12.57
C VAL C 432 -17.76 20.38 -13.85
N GLY C 445 -20.75 17.46 -14.32
CA GLY C 445 -20.95 16.52 -13.25
C GLY C 445 -20.30 16.97 -11.94
N TYR C 446 -19.58 16.07 -11.30
CA TYR C 446 -18.92 16.36 -10.04
C TYR C 446 -17.73 15.46 -9.77
N VAL C 447 -16.75 16.00 -9.06
CA VAL C 447 -15.57 15.26 -8.63
C VAL C 447 -15.72 15.21 -7.11
N LEU C 448 -15.56 14.02 -6.53
CA LEU C 448 -15.67 13.91 -5.07
C LEU C 448 -14.30 13.61 -4.49
N ALA C 449 -13.86 14.41 -3.53
CA ALA C 449 -12.56 14.16 -2.91
C ALA C 449 -12.71 13.50 -1.53
N LEU C 450 -12.08 12.34 -1.36
CA LEU C 450 -12.11 11.62 -0.09
C LEU C 450 -10.94 12.17 0.74
N ARG C 451 -11.19 12.47 2.02
CA ARG C 451 -10.17 13.05 2.88
C ARG C 451 -10.12 12.44 4.28
N ALA C 452 -9.06 11.70 4.59
CA ALA C 452 -8.92 11.11 5.91
C ALA C 452 -7.53 11.42 6.47
N VAL C 453 -7.44 11.60 7.78
CA VAL C 453 -6.16 11.88 8.39
C VAL C 453 -6.04 11.12 9.68
N THR C 454 -4.82 11.03 10.18
CA THR C 454 -4.53 10.37 11.44
C THR C 454 -3.62 11.35 12.16
N THR C 455 -3.44 11.15 13.46
CA THR C 455 -2.60 12.04 14.25
C THR C 455 -2.07 11.34 15.48
N GLU C 456 -0.91 11.77 15.97
CA GLU C 456 -0.32 11.20 17.18
C GLU C 456 0.01 12.27 18.22
N ASP C 457 0.06 13.53 17.81
CA ASP C 457 0.36 14.61 18.74
C ASP C 457 -0.77 15.64 18.82
N PHE C 458 -1.92 15.28 18.23
CA PHE C 458 -3.13 16.09 18.31
C PHE C 458 -2.99 17.52 17.80
N MET C 459 -1.92 17.80 17.05
CA MET C 459 -1.70 19.15 16.49
C MET C 459 -1.44 19.05 15.00
N THR C 460 -0.71 18.02 14.61
CA THR C 460 -0.38 17.76 13.23
C THR C 460 -1.34 16.65 12.79
N ALA C 461 -1.51 16.49 11.48
CA ALA C 461 -2.37 15.44 10.96
C ALA C 461 -1.77 15.00 9.62
N ASP C 462 -1.63 13.69 9.45
CA ASP C 462 -1.08 13.13 8.23
C ASP C 462 -2.24 12.56 7.43
N TRP C 463 -2.17 12.66 6.11
CA TRP C 463 -3.22 12.08 5.29
C TRP C 463 -3.09 10.60 5.62
N ALA C 464 -4.24 9.95 5.84
CA ALA C 464 -4.25 8.54 6.22
C ALA C 464 -3.76 7.60 5.14
N ARG C 465 -2.84 6.72 5.52
CA ARG C 465 -2.30 5.73 4.60
C ARG C 465 -3.24 4.53 4.63
N LEU C 466 -4.43 4.71 4.08
CA LEU C 466 -5.42 3.65 4.03
C LEU C 466 -5.05 2.60 2.98
N PRO C 467 -5.60 1.38 3.11
CA PRO C 467 -5.30 0.33 2.14
C PRO C 467 -5.77 0.74 0.76
N LEU C 468 -4.94 0.56 -0.26
CA LEU C 468 -5.32 0.93 -1.62
C LEU C 468 -6.54 0.15 -2.10
N GLU C 469 -6.66 -1.09 -1.65
CA GLU C 469 -7.80 -1.92 -2.05
C GLU C 469 -9.07 -1.26 -1.51
N PHE C 470 -8.99 -0.69 -0.31
CA PHE C 470 -10.15 -0.01 0.27
C PHE C 470 -10.51 1.25 -0.52
N LEU C 471 -9.50 2.03 -0.91
CA LEU C 471 -9.75 3.26 -1.67
C LEU C 471 -10.41 2.87 -2.99
N ASP C 472 -9.98 1.76 -3.58
CA ASP C 472 -10.57 1.30 -4.84
C ASP C 472 -12.05 0.96 -4.66
N GLU C 473 -12.38 0.26 -3.59
CA GLU C 473 -13.78 -0.11 -3.34
C GLU C 473 -14.60 1.15 -3.07
N ALA C 474 -14.05 2.09 -2.30
CA ALA C 474 -14.76 3.34 -2.02
C ALA C 474 -15.08 4.04 -3.35
N ALA C 475 -14.05 4.24 -4.17
CA ALA C 475 -14.21 4.90 -5.46
C ALA C 475 -15.22 4.20 -6.38
N ARG C 476 -15.10 2.89 -6.52
CA ARG C 476 -16.02 2.13 -7.37
C ARG C 476 -17.46 2.21 -6.83
N ARG C 477 -17.63 2.02 -5.53
CA ARG C 477 -18.97 2.06 -4.97
C ARG C 477 -19.63 3.43 -5.15
N ILE C 478 -18.88 4.50 -4.93
CA ILE C 478 -19.43 5.83 -5.07
C ILE C 478 -19.85 6.21 -6.49
N THR C 479 -18.98 6.03 -7.47
CA THR C 479 -19.30 6.37 -8.86
C THR C 479 -20.44 5.49 -9.38
N ARG C 480 -20.50 4.25 -8.92
CA ARG C 480 -21.55 3.35 -9.36
C ARG C 480 -22.90 3.71 -8.74
N ARG C 481 -22.90 3.93 -7.43
CA ARG C 481 -24.14 4.25 -6.73
C ARG C 481 -24.58 5.70 -6.80
N VAL C 482 -23.64 6.63 -6.98
CA VAL C 482 -24.00 8.05 -7.07
C VAL C 482 -23.61 8.56 -8.46
N PRO C 483 -24.45 8.25 -9.46
CA PRO C 483 -24.26 8.64 -10.86
C PRO C 483 -23.75 10.06 -11.13
N GLU C 484 -24.23 11.02 -10.35
CA GLU C 484 -23.80 12.41 -10.54
C GLU C 484 -22.29 12.64 -10.36
N ILE C 485 -21.61 11.72 -9.69
CA ILE C 485 -20.18 11.86 -9.46
C ILE C 485 -19.45 11.02 -10.51
N GLY C 486 -18.64 11.69 -11.32
CA GLY C 486 -17.93 10.97 -12.36
C GLY C 486 -16.50 10.60 -12.01
N ARG C 487 -15.96 11.21 -10.95
CA ARG C 487 -14.58 10.93 -10.58
C ARG C 487 -14.38 11.09 -9.08
N VAL C 488 -13.61 10.18 -8.50
CA VAL C 488 -13.29 10.23 -7.08
C VAL C 488 -11.77 10.29 -6.89
N VAL C 489 -11.32 11.23 -6.07
CA VAL C 489 -9.90 11.37 -5.79
C VAL C 489 -9.65 11.25 -4.28
N TYR C 490 -8.40 11.06 -3.89
CA TYR C 490 -8.03 10.95 -2.48
C TYR C 490 -7.04 12.06 -2.13
N ASP C 491 -7.31 12.79 -1.06
CA ASP C 491 -6.47 13.89 -0.63
C ASP C 491 -5.12 13.43 -0.05
N LEU C 492 -4.04 13.94 -0.65
CA LEU C 492 -2.69 13.57 -0.23
C LEU C 492 -2.02 14.66 0.59
N THR C 493 -2.76 15.68 0.97
CA THR C 493 -2.22 16.80 1.72
C THR C 493 -2.38 16.67 3.21
N SER C 494 -1.26 16.76 3.93
CA SER C 494 -1.27 16.68 5.38
C SER C 494 -1.33 18.08 5.98
N LYS C 495 -1.36 18.12 7.31
CA LYS C 495 -1.41 19.37 8.06
C LYS C 495 -0.24 19.42 9.04
N PRO C 496 0.71 20.35 8.82
CA PRO C 496 0.75 21.32 7.72
C PRO C 496 1.07 20.65 6.39
N PRO C 497 0.92 21.39 5.27
CA PRO C 497 0.49 22.79 5.20
C PRO C 497 -1.01 23.06 5.18
N ALA C 498 -1.80 22.08 4.75
CA ALA C 498 -3.24 22.27 4.65
C ALA C 498 -4.02 22.08 5.94
N THR C 499 -5.30 22.43 5.87
CA THR C 499 -6.21 22.25 7.00
C THR C 499 -6.91 20.91 6.78
N ILE C 500 -7.53 20.36 7.81
CA ILE C 500 -8.22 19.09 7.65
C ILE C 500 -9.42 19.24 6.72
N GLU C 501 -10.30 20.19 7.01
CA GLU C 501 -11.45 20.45 6.15
C GLU C 501 -10.90 21.26 4.96
N TRP C 502 -11.62 21.26 3.84
CA TRP C 502 -11.19 22.01 2.65
C TRP C 502 -11.66 23.47 2.72
N GLU C 503 -12.66 23.74 3.54
CA GLU C 503 -13.22 25.09 3.70
C GLU C 503 -13.46 25.36 5.18
N MET D 1 3.77 -15.09 -41.96
CA MET D 1 2.60 -14.15 -41.99
C MET D 1 1.34 -14.91 -41.58
N VAL D 2 0.66 -14.40 -40.56
CA VAL D 2 -0.57 -15.03 -40.06
C VAL D 2 -1.75 -14.07 -40.21
N LEU D 3 -2.87 -14.61 -40.66
CA LEU D 3 -4.10 -13.83 -40.84
C LEU D 3 -5.04 -14.01 -39.66
N VAL D 4 -5.69 -12.93 -39.25
CA VAL D 4 -6.64 -12.98 -38.15
C VAL D 4 -8.03 -12.77 -38.71
N LEU D 5 -8.85 -13.82 -38.69
CA LEU D 5 -10.21 -13.72 -39.19
C LEU D 5 -11.10 -13.15 -38.09
N ASP D 6 -11.56 -11.93 -38.32
CA ASP D 6 -12.38 -11.21 -37.36
C ASP D 6 -13.86 -11.53 -37.40
N PHE D 7 -14.39 -12.02 -36.28
CA PHE D 7 -15.80 -12.37 -36.20
C PHE D 7 -16.55 -11.50 -35.17
N GLY D 8 -15.98 -10.34 -34.86
CA GLY D 8 -16.62 -9.43 -33.92
C GLY D 8 -16.00 -9.24 -32.55
N SER D 9 -15.09 -10.11 -32.14
CA SER D 9 -14.47 -10.01 -30.82
C SER D 9 -13.81 -8.69 -30.47
N GLN D 10 -13.99 -8.26 -29.23
CA GLN D 10 -13.37 -7.04 -28.75
C GLN D 10 -11.85 -7.28 -28.65
N TYR D 11 -11.47 -8.56 -28.66
CA TYR D 11 -10.06 -8.96 -28.56
C TYR D 11 -9.37 -9.32 -29.88
N THR D 12 -10.02 -9.09 -31.01
CA THR D 12 -9.41 -9.41 -32.31
C THR D 12 -8.10 -8.66 -32.51
N ARG D 13 -8.11 -7.36 -32.22
CA ARG D 13 -6.90 -6.55 -32.37
C ARG D 13 -5.81 -7.11 -31.47
N LEU D 14 -6.19 -7.47 -30.24
CA LEU D 14 -5.26 -8.02 -29.27
C LEU D 14 -4.60 -9.26 -29.83
N ILE D 15 -5.38 -10.10 -30.52
CA ILE D 15 -4.84 -11.32 -31.12
C ILE D 15 -3.72 -10.96 -32.07
N ALA D 16 -4.00 -10.04 -32.99
CA ALA D 16 -3.02 -9.60 -33.97
C ALA D 16 -1.74 -9.21 -33.24
N ARG D 17 -1.89 -8.39 -32.21
CA ARG D 17 -0.76 -7.92 -31.42
C ARG D 17 0.04 -9.06 -30.78
N ARG D 18 -0.62 -10.06 -30.23
CA ARG D 18 0.12 -11.16 -29.61
C ARG D 18 1.02 -11.84 -30.62
N LEU D 19 0.50 -12.01 -31.82
CA LEU D 19 1.25 -12.63 -32.90
C LEU D 19 2.54 -11.84 -33.16
N ARG D 20 2.44 -10.51 -33.19
CA ARG D 20 3.62 -9.67 -33.41
C ARG D 20 4.66 -9.90 -32.30
N GLU D 21 4.20 -9.99 -31.06
CA GLU D 21 5.10 -10.18 -29.92
C GLU D 21 5.81 -11.53 -29.98
N LEU D 22 5.36 -12.46 -30.84
CA LEU D 22 5.91 -13.77 -31.18
C LEU D 22 6.62 -13.69 -32.54
N ARG D 23 7.06 -12.48 -32.91
CA ARG D 23 7.87 -12.29 -34.12
C ARG D 23 7.23 -12.84 -35.41
N ALA D 24 5.91 -12.70 -35.49
CA ALA D 24 5.14 -13.13 -36.66
C ALA D 24 4.23 -12.01 -37.12
N PHE D 25 4.32 -11.62 -38.40
CA PHE D 25 3.46 -10.55 -38.88
C PHE D 25 2.01 -11.04 -38.88
N SER D 26 1.09 -10.14 -38.57
CA SER D 26 -0.32 -10.48 -38.52
C SER D 26 -1.17 -9.41 -39.19
N LEU D 27 -2.26 -9.84 -39.80
CA LEU D 27 -3.16 -8.94 -40.48
C LEU D 27 -4.60 -9.37 -40.20
N ILE D 28 -5.48 -8.39 -40.00
CA ILE D 28 -6.87 -8.70 -39.71
C ILE D 28 -7.72 -8.57 -40.97
N LEU D 29 -8.63 -9.52 -41.15
CA LEU D 29 -9.55 -9.52 -42.28
C LEU D 29 -10.94 -9.89 -41.79
N PRO D 30 -11.99 -9.45 -42.51
CA PRO D 30 -13.34 -9.78 -42.08
C PRO D 30 -13.43 -11.31 -42.01
N GLY D 31 -14.08 -11.83 -40.98
CA GLY D 31 -14.20 -13.27 -40.84
C GLY D 31 -14.83 -13.90 -42.07
N ASP D 32 -15.66 -13.12 -42.75
CA ASP D 32 -16.35 -13.56 -43.96
C ASP D 32 -15.66 -13.01 -45.20
N ALA D 33 -14.34 -13.17 -45.27
CA ALA D 33 -13.58 -12.70 -46.42
C ALA D 33 -13.44 -13.85 -47.40
N PRO D 34 -13.69 -13.57 -48.70
CA PRO D 34 -13.59 -14.59 -49.75
C PRO D 34 -12.25 -15.33 -49.73
N LEU D 35 -12.28 -16.62 -50.03
CA LEU D 35 -11.07 -17.44 -50.02
C LEU D 35 -9.94 -16.82 -50.83
N GLU D 36 -10.31 -15.98 -51.80
CA GLU D 36 -9.33 -15.31 -52.65
C GLU D 36 -8.55 -14.30 -51.83
N GLU D 37 -9.25 -13.31 -51.31
CA GLU D 37 -8.66 -12.26 -50.49
C GLU D 37 -7.80 -12.82 -49.37
N VAL D 38 -8.06 -14.08 -49.02
CA VAL D 38 -7.31 -14.74 -47.96
C VAL D 38 -6.00 -15.34 -48.47
N LEU D 39 -6.11 -16.20 -49.48
CA LEU D 39 -4.93 -16.86 -50.04
C LEU D 39 -3.98 -15.92 -50.78
N LYS D 40 -4.39 -14.67 -50.96
CA LYS D 40 -3.53 -13.71 -51.65
C LYS D 40 -2.38 -13.30 -50.75
N HIS D 41 -2.61 -13.33 -49.44
CA HIS D 41 -1.58 -12.97 -48.47
C HIS D 41 -0.63 -14.13 -48.21
N ARG D 42 -0.89 -15.26 -48.86
CA ARG D 42 -0.06 -16.45 -48.70
C ARG D 42 0.24 -16.69 -47.23
N PRO D 43 -0.81 -16.80 -46.40
CA PRO D 43 -0.68 -17.04 -44.96
C PRO D 43 -0.14 -18.41 -44.61
N GLN D 44 0.65 -18.48 -43.55
CA GLN D 44 1.23 -19.74 -43.10
C GLN D 44 0.28 -20.39 -42.09
N ALA D 45 -0.64 -19.59 -41.56
CA ALA D 45 -1.60 -20.09 -40.58
C ALA D 45 -2.78 -19.13 -40.48
N LEU D 46 -3.85 -19.60 -39.86
CA LEU D 46 -5.03 -18.76 -39.72
C LEU D 46 -5.62 -18.86 -38.32
N ILE D 47 -6.09 -17.73 -37.81
CA ILE D 47 -6.69 -17.72 -36.50
C ILE D 47 -8.07 -17.11 -36.61
N LEU D 48 -9.06 -17.83 -36.09
CA LEU D 48 -10.43 -17.35 -36.11
C LEU D 48 -10.70 -16.77 -34.74
N SER D 49 -11.10 -15.51 -34.69
CA SER D 49 -11.35 -14.85 -33.41
C SER D 49 -12.68 -15.27 -32.82
N GLY D 50 -13.00 -14.67 -31.68
CA GLY D 50 -14.27 -14.95 -31.03
C GLY D 50 -15.23 -13.91 -31.54
N GLY D 51 -16.45 -13.90 -31.01
CA GLY D 51 -17.43 -12.93 -31.46
C GLY D 51 -18.61 -12.80 -30.52
N PRO D 52 -19.28 -11.65 -30.52
CA PRO D 52 -20.43 -11.37 -29.67
C PRO D 52 -21.69 -12.16 -30.03
N ARG D 53 -21.76 -12.65 -31.27
CA ARG D 53 -22.93 -13.41 -31.71
C ARG D 53 -22.76 -14.91 -31.45
N SER D 54 -23.84 -15.65 -31.70
CA SER D 54 -23.86 -17.09 -31.50
C SER D 54 -23.74 -17.79 -32.86
N VAL D 55 -23.14 -18.97 -32.88
CA VAL D 55 -22.96 -19.73 -34.12
C VAL D 55 -24.24 -19.98 -34.92
N PHE D 56 -25.23 -20.61 -34.31
CA PHE D 56 -26.48 -20.88 -35.00
C PHE D 56 -27.24 -19.61 -35.36
N ASP D 57 -27.00 -18.55 -34.58
CA ASP D 57 -27.64 -17.26 -34.80
C ASP D 57 -27.71 -16.93 -36.30
N PRO D 58 -28.79 -16.27 -36.75
CA PRO D 58 -28.98 -15.92 -38.15
C PRO D 58 -27.95 -14.92 -38.70
N ASP D 59 -27.91 -13.74 -38.11
CA ASP D 59 -26.97 -12.70 -38.53
C ASP D 59 -25.56 -13.03 -38.08
N ALA D 60 -25.30 -14.30 -37.80
CA ALA D 60 -23.98 -14.73 -37.34
C ALA D 60 -22.97 -14.75 -38.49
N PRO D 61 -21.82 -14.09 -38.30
CA PRO D 61 -20.77 -14.03 -39.31
C PRO D 61 -20.21 -15.42 -39.58
N ARG D 62 -19.89 -15.70 -40.84
CA ARG D 62 -19.34 -17.01 -41.20
C ARG D 62 -18.20 -16.90 -42.21
N PRO D 63 -17.29 -17.89 -42.19
CA PRO D 63 -16.15 -17.91 -43.10
C PRO D 63 -16.52 -18.43 -44.48
N ASP D 64 -15.62 -18.22 -45.45
CA ASP D 64 -15.84 -18.70 -46.79
C ASP D 64 -15.93 -20.23 -46.72
N PRO D 65 -17.02 -20.81 -47.26
CA PRO D 65 -17.25 -22.26 -47.26
C PRO D 65 -16.03 -23.13 -47.54
N ARG D 66 -15.15 -22.66 -48.42
CA ARG D 66 -13.96 -23.44 -48.76
C ARG D 66 -12.78 -23.25 -47.79
N LEU D 67 -12.86 -22.25 -46.93
CA LEU D 67 -11.78 -21.99 -45.98
C LEU D 67 -11.31 -23.21 -45.21
N PHE D 68 -12.23 -23.93 -44.57
CA PHE D 68 -11.86 -25.10 -43.81
C PHE D 68 -11.37 -26.26 -44.68
N SER D 69 -11.37 -26.05 -45.99
CA SER D 69 -10.91 -27.09 -46.92
C SER D 69 -9.53 -26.75 -47.50
N SER D 70 -9.08 -25.52 -47.23
CA SER D 70 -7.78 -25.04 -47.73
C SER D 70 -6.55 -25.81 -47.20
N GLY D 71 -6.70 -26.49 -46.08
CA GLY D 71 -5.57 -27.22 -45.53
C GLY D 71 -4.57 -26.34 -44.79
N LEU D 72 -4.94 -25.09 -44.56
CA LEU D 72 -4.07 -24.16 -43.85
C LEU D 72 -4.15 -24.39 -42.35
N PRO D 73 -3.01 -24.36 -41.65
CA PRO D 73 -3.04 -24.56 -40.20
C PRO D 73 -4.07 -23.60 -39.62
N LEU D 74 -4.91 -24.10 -38.72
CA LEU D 74 -5.96 -23.27 -38.14
C LEU D 74 -6.06 -23.32 -36.63
N LEU D 75 -6.47 -22.18 -36.06
CA LEU D 75 -6.67 -22.06 -34.62
C LEU D 75 -7.95 -21.27 -34.42
N GLY D 76 -9.00 -21.94 -33.97
CA GLY D 76 -10.26 -21.27 -33.73
C GLY D 76 -10.37 -20.95 -32.25
N ILE D 77 -10.75 -19.72 -31.94
CA ILE D 77 -10.87 -19.30 -30.55
C ILE D 77 -12.31 -18.96 -30.20
N CYS D 78 -12.89 -19.77 -29.31
CA CYS D 78 -14.28 -19.59 -28.86
C CYS D 78 -15.24 -19.65 -30.05
N TYR D 79 -15.81 -18.50 -30.41
CA TYR D 79 -16.73 -18.44 -31.53
C TYR D 79 -16.07 -19.19 -32.68
N GLY D 80 -14.75 -19.06 -32.76
CA GLY D 80 -13.98 -19.70 -33.80
C GLY D 80 -13.90 -21.22 -33.65
N MET D 81 -13.78 -21.70 -32.41
CA MET D 81 -13.71 -23.13 -32.19
C MET D 81 -15.07 -23.73 -32.52
N GLN D 82 -16.12 -22.94 -32.27
CA GLN D 82 -17.48 -23.39 -32.52
C GLN D 82 -17.78 -23.46 -34.02
N LEU D 83 -17.21 -22.53 -34.79
CA LEU D 83 -17.41 -22.53 -36.23
C LEU D 83 -16.90 -23.84 -36.81
N LEU D 84 -15.73 -24.27 -36.34
CA LEU D 84 -15.13 -25.52 -36.80
C LEU D 84 -16.01 -26.72 -36.50
N ALA D 85 -16.60 -26.74 -35.31
CA ALA D 85 -17.46 -27.85 -34.92
C ALA D 85 -18.82 -27.84 -35.60
N GLN D 86 -19.44 -26.67 -35.70
CA GLN D 86 -20.76 -26.58 -36.32
C GLN D 86 -20.75 -26.75 -37.84
N GLU D 87 -19.61 -26.55 -38.48
CA GLU D 87 -19.54 -26.69 -39.93
C GLU D 87 -18.72 -27.86 -40.44
N LEU D 88 -18.17 -28.65 -39.53
CA LEU D 88 -17.37 -29.80 -39.93
C LEU D 88 -17.94 -31.13 -39.47
N GLY D 89 -19.20 -31.12 -39.03
CA GLY D 89 -19.83 -32.34 -38.58
C GLY D 89 -19.93 -32.44 -37.07
N GLY D 90 -19.39 -31.45 -36.38
CA GLY D 90 -19.44 -31.47 -34.93
C GLY D 90 -20.79 -31.00 -34.45
N ARG D 91 -20.98 -31.03 -33.14
CA ARG D 91 -22.25 -30.60 -32.56
C ARG D 91 -22.00 -29.48 -31.54
N VAL D 92 -22.81 -28.43 -31.62
CA VAL D 92 -22.69 -27.30 -30.71
C VAL D 92 -24.05 -26.84 -30.20
N GLU D 93 -24.08 -26.93 -28.86
CA GLU D 93 -25.25 -26.66 -28.03
C GLU D 93 -25.22 -25.22 -27.53
N ARG D 94 -26.40 -24.77 -27.14
CA ARG D 94 -26.84 -23.84 -26.10
C ARG D 94 -26.50 -22.42 -26.47
N TYR D 100 -17.45 -13.74 -19.84
CA TYR D 100 -16.29 -14.66 -19.65
C TYR D 100 -16.13 -15.05 -18.19
N GLY D 101 -15.12 -15.87 -17.90
CA GLY D 101 -14.87 -16.30 -16.53
C GLY D 101 -13.63 -17.15 -16.42
N LYS D 102 -12.93 -17.04 -15.30
CA LYS D 102 -11.71 -17.82 -15.11
C LYS D 102 -12.06 -19.27 -14.85
N ALA D 103 -11.18 -20.17 -15.27
CA ALA D 103 -11.39 -21.61 -15.07
C ALA D 103 -10.06 -22.34 -15.23
N LEU D 104 -9.95 -23.50 -14.57
CA LEU D 104 -8.75 -24.33 -14.63
C LEU D 104 -8.91 -25.52 -15.57
N LEU D 105 -7.93 -25.75 -16.43
CA LEU D 105 -7.99 -26.89 -17.34
C LEU D 105 -7.67 -28.13 -16.52
N THR D 106 -8.60 -29.08 -16.51
CA THR D 106 -8.40 -30.32 -15.77
C THR D 106 -7.64 -31.28 -16.68
N ARG D 107 -7.65 -30.97 -17.97
CA ARG D 107 -6.97 -31.77 -18.99
C ARG D 107 -6.41 -30.86 -20.08
N HIS D 108 -5.31 -31.30 -20.71
CA HIS D 108 -4.68 -30.54 -21.78
C HIS D 108 -3.54 -31.37 -22.35
N GLU D 109 -3.79 -31.95 -23.52
CA GLU D 109 -2.79 -32.79 -24.17
C GLU D 109 -2.47 -32.36 -25.59
N GLY D 110 -1.36 -32.88 -26.09
CA GLY D 110 -0.95 -32.55 -27.45
C GLY D 110 0.05 -31.41 -27.52
N PRO D 111 0.58 -31.14 -28.72
CA PRO D 111 1.56 -30.08 -28.96
C PRO D 111 1.02 -28.68 -28.71
N LEU D 112 -0.30 -28.53 -28.70
CA LEU D 112 -0.88 -27.23 -28.47
C LEU D 112 -0.66 -26.80 -27.01
N PHE D 113 -0.42 -27.78 -26.15
CA PHE D 113 -0.21 -27.51 -24.74
C PHE D 113 1.19 -27.86 -24.25
N ARG D 114 2.13 -27.97 -25.17
CA ARG D 114 3.51 -28.28 -24.80
C ARG D 114 4.00 -27.17 -23.88
N GLY D 115 4.65 -27.56 -22.80
CA GLY D 115 5.18 -26.59 -21.85
C GLY D 115 4.20 -26.17 -20.76
N LEU D 116 2.90 -26.39 -20.98
CA LEU D 116 1.91 -26.01 -19.99
C LEU D 116 1.67 -27.10 -18.95
N GLU D 117 2.45 -27.05 -17.88
CA GLU D 117 2.33 -28.00 -16.78
C GLU D 117 1.61 -27.30 -15.63
N GLY D 118 1.54 -27.96 -14.48
CA GLY D 118 0.87 -27.38 -13.32
C GLY D 118 -0.52 -26.86 -13.62
N GLU D 119 -0.88 -25.73 -13.04
CA GLU D 119 -2.20 -25.16 -13.24
C GLU D 119 -2.23 -24.28 -14.49
N VAL D 120 -3.27 -24.46 -15.29
CA VAL D 120 -3.44 -23.66 -16.49
C VAL D 120 -4.77 -22.93 -16.41
N GLN D 121 -4.73 -21.71 -15.93
CA GLN D 121 -5.92 -20.88 -15.83
C GLN D 121 -6.22 -20.31 -17.21
N VAL D 122 -7.48 -20.36 -17.60
CA VAL D 122 -7.89 -19.81 -18.89
C VAL D 122 -9.08 -18.88 -18.70
N TRP D 123 -9.25 -17.98 -19.65
CA TRP D 123 -10.34 -17.02 -19.64
C TRP D 123 -11.40 -17.63 -20.55
N MET D 124 -12.33 -18.37 -19.97
CA MET D 124 -13.38 -19.06 -20.72
C MET D 124 -14.52 -18.18 -21.21
N SER D 125 -15.17 -18.65 -22.28
CA SER D 125 -16.31 -17.99 -22.87
C SER D 125 -17.48 -18.93 -22.56
N HIS D 126 -18.47 -18.41 -21.84
CA HIS D 126 -19.61 -19.23 -21.44
C HIS D 126 -20.78 -19.33 -22.41
N GLN D 127 -20.76 -18.47 -23.41
CA GLN D 127 -21.80 -18.62 -24.42
C GLN D 127 -21.41 -19.71 -25.42
N ASP D 128 -22.47 -20.51 -25.58
CA ASP D 128 -22.43 -21.77 -26.30
C ASP D 128 -21.40 -22.74 -25.74
N ALA D 129 -21.11 -23.84 -26.42
CA ALA D 129 -20.17 -24.92 -26.15
C ALA D 129 -20.16 -25.93 -27.29
N VAL D 130 -19.04 -26.65 -27.36
CA VAL D 130 -19.01 -27.69 -28.38
C VAL D 130 -19.50 -28.98 -27.74
N THR D 131 -20.67 -29.51 -28.07
CA THR D 131 -21.16 -30.74 -27.44
C THR D 131 -20.49 -31.99 -28.02
N ALA D 132 -20.10 -31.91 -29.29
CA ALA D 132 -19.44 -33.02 -29.97
C ALA D 132 -18.49 -32.44 -31.01
N PRO D 133 -17.25 -32.92 -31.02
CA PRO D 133 -16.26 -32.43 -31.98
C PRO D 133 -16.50 -33.01 -33.37
N PRO D 134 -15.85 -32.46 -34.39
CA PRO D 134 -16.04 -32.99 -35.75
C PRO D 134 -15.65 -34.47 -35.75
N PRO D 135 -16.39 -35.30 -36.49
CA PRO D 135 -16.06 -36.72 -36.54
C PRO D 135 -14.58 -36.94 -36.82
N GLY D 136 -13.90 -37.64 -35.92
CA GLY D 136 -12.49 -37.90 -36.10
C GLY D 136 -11.59 -37.04 -35.24
N TRP D 137 -12.09 -35.88 -34.83
CA TRP D 137 -11.32 -34.94 -33.99
C TRP D 137 -11.25 -35.38 -32.52
N ARG D 138 -10.17 -34.99 -31.86
CA ARG D 138 -9.94 -35.30 -30.44
C ARG D 138 -10.22 -34.13 -29.51
N VAL D 139 -10.54 -34.44 -28.26
CA VAL D 139 -10.77 -33.43 -27.25
C VAL D 139 -9.48 -33.32 -26.45
N VAL D 140 -8.70 -32.27 -26.70
CA VAL D 140 -7.41 -32.08 -26.04
C VAL D 140 -7.38 -31.26 -24.75
N ALA D 141 -8.52 -30.74 -24.33
CA ALA D 141 -8.56 -29.96 -23.09
C ALA D 141 -9.97 -29.81 -22.58
N GLU D 142 -10.09 -29.63 -21.26
CA GLU D 142 -11.40 -29.45 -20.64
C GLU D 142 -11.29 -28.93 -19.22
N THR D 143 -12.36 -28.32 -18.74
CA THR D 143 -12.41 -27.80 -17.38
C THR D 143 -13.42 -28.65 -16.60
N GLU D 144 -13.66 -28.28 -15.35
CA GLU D 144 -14.59 -29.02 -14.50
C GLU D 144 -16.01 -28.92 -15.05
N GLU D 145 -16.39 -27.72 -15.47
CA GLU D 145 -17.72 -27.49 -16.03
C GLU D 145 -17.85 -27.86 -17.52
N ASN D 146 -16.81 -27.59 -18.29
CA ASN D 146 -16.82 -27.85 -19.73
C ASN D 146 -15.94 -29.04 -20.14
N PRO D 147 -16.55 -30.16 -20.54
CA PRO D 147 -15.80 -31.35 -20.97
C PRO D 147 -15.15 -31.21 -22.34
N VAL D 148 -15.45 -30.11 -23.04
CA VAL D 148 -14.89 -29.87 -24.36
C VAL D 148 -14.25 -28.48 -24.42
N ALA D 149 -13.09 -28.31 -23.78
CA ALA D 149 -12.41 -27.03 -23.74
C ALA D 149 -11.51 -26.77 -24.94
N ALA D 150 -11.06 -27.83 -25.59
CA ALA D 150 -10.19 -27.72 -26.75
C ALA D 150 -10.33 -28.94 -27.65
N ILE D 151 -10.21 -28.72 -28.95
CA ILE D 151 -10.33 -29.81 -29.92
C ILE D 151 -9.23 -29.72 -30.96
N ALA D 152 -8.90 -30.85 -31.56
CA ALA D 152 -7.86 -30.93 -32.57
C ALA D 152 -8.24 -31.90 -33.68
N SER D 153 -7.90 -31.52 -34.92
CA SER D 153 -8.18 -32.33 -36.09
C SER D 153 -7.20 -33.50 -36.12
N PRO D 154 -7.58 -34.61 -36.78
CA PRO D 154 -6.72 -35.79 -36.89
C PRO D 154 -5.40 -35.48 -37.60
N ASP D 155 -5.48 -34.62 -38.61
CA ASP D 155 -4.30 -34.23 -39.38
C ASP D 155 -3.43 -33.25 -38.61
N GLY D 156 -3.79 -32.99 -37.35
CA GLY D 156 -3.05 -32.07 -36.52
C GLY D 156 -2.85 -30.71 -37.16
N ARG D 157 -3.74 -30.37 -38.09
CA ARG D 157 -3.66 -29.10 -38.82
C ARG D 157 -4.47 -28.00 -38.14
N ALA D 158 -5.68 -28.33 -37.72
CA ALA D 158 -6.55 -27.36 -37.08
C ALA D 158 -6.76 -27.60 -35.59
N TYR D 159 -7.05 -26.53 -34.87
CA TYR D 159 -7.26 -26.59 -33.44
C TYR D 159 -8.33 -25.60 -33.03
N GLY D 160 -9.01 -25.91 -31.92
CA GLY D 160 -10.03 -25.04 -31.41
C GLY D 160 -9.90 -24.97 -29.89
N VAL D 161 -10.18 -23.80 -29.33
CA VAL D 161 -10.09 -23.64 -27.88
C VAL D 161 -11.28 -22.81 -27.45
N GLN D 162 -11.89 -23.21 -26.34
CA GLN D 162 -13.07 -22.53 -25.81
C GLN D 162 -12.70 -21.42 -24.81
N PHE D 163 -11.49 -20.88 -24.95
CA PHE D 163 -11.03 -19.81 -24.07
C PHE D 163 -10.20 -18.80 -24.85
N HIS D 164 -9.88 -17.68 -24.23
CA HIS D 164 -9.09 -16.65 -24.89
C HIS D 164 -7.61 -16.68 -24.50
N PRO D 165 -6.76 -17.23 -25.38
CA PRO D 165 -5.33 -17.31 -25.10
C PRO D 165 -4.63 -15.96 -25.30
N GLU D 166 -5.30 -15.04 -25.96
CA GLU D 166 -4.71 -13.74 -26.23
C GLU D 166 -4.83 -12.75 -25.05
N VAL D 167 -5.68 -13.06 -24.08
CA VAL D 167 -5.85 -12.17 -22.93
C VAL D 167 -5.03 -12.58 -21.72
N ALA D 168 -4.68 -11.59 -20.90
CA ALA D 168 -3.88 -11.80 -19.70
C ALA D 168 -4.47 -12.80 -18.71
N HIS D 169 -5.79 -12.87 -18.63
CA HIS D 169 -6.46 -13.80 -17.71
C HIS D 169 -6.12 -15.25 -17.99
N THR D 170 -5.43 -15.48 -19.10
CA THR D 170 -4.93 -16.79 -19.48
C THR D 170 -3.43 -16.52 -19.54
N PRO D 171 -2.78 -16.45 -18.36
CA PRO D 171 -1.34 -16.18 -18.25
C PRO D 171 -0.43 -16.95 -19.19
N LYS D 172 -0.70 -18.25 -19.36
CA LYS D 172 0.12 -19.05 -20.25
C LYS D 172 -0.43 -19.07 -21.67
N GLY D 173 -1.32 -18.13 -21.97
CA GLY D 173 -1.93 -18.06 -23.29
C GLY D 173 -0.93 -17.74 -24.38
N MET D 174 0.11 -16.99 -24.03
CA MET D 174 1.12 -16.61 -24.98
C MET D 174 1.88 -17.86 -25.42
N GLN D 175 2.15 -18.76 -24.47
CA GLN D 175 2.86 -19.99 -24.78
C GLN D 175 1.99 -20.90 -25.66
N ILE D 176 0.67 -20.80 -25.52
CA ILE D 176 -0.21 -21.62 -26.34
C ILE D 176 -0.14 -21.10 -27.78
N LEU D 177 -0.22 -19.79 -27.94
CA LEU D 177 -0.15 -19.19 -29.27
C LEU D 177 1.20 -19.49 -29.91
N GLU D 178 2.22 -19.61 -29.07
CA GLU D 178 3.57 -19.91 -29.53
C GLU D 178 3.62 -21.37 -30.00
N ASN D 179 2.95 -22.26 -29.27
CA ASN D 179 2.91 -23.67 -29.63
C ASN D 179 2.23 -23.86 -30.97
N PHE D 180 1.23 -23.01 -31.24
CA PHE D 180 0.50 -23.10 -32.49
C PHE D 180 1.39 -22.65 -33.64
N LEU D 181 2.06 -21.50 -33.47
CA LEU D 181 2.94 -20.99 -34.52
C LEU D 181 4.03 -22.01 -34.80
N GLU D 182 4.49 -22.67 -33.75
CA GLU D 182 5.52 -23.69 -33.89
C GLU D 182 4.97 -24.90 -34.66
N LEU D 183 3.72 -25.28 -34.36
CA LEU D 183 3.09 -26.41 -35.05
C LEU D 183 2.89 -26.07 -36.51
N ALA D 184 2.25 -24.93 -36.75
CA ALA D 184 1.97 -24.45 -38.10
C ALA D 184 3.26 -24.10 -38.84
N GLY D 185 4.39 -24.28 -38.18
CA GLY D 185 5.66 -23.97 -38.80
C GLY D 185 5.76 -22.56 -39.34
N VAL D 186 5.15 -21.62 -38.62
CA VAL D 186 5.18 -20.22 -39.03
C VAL D 186 6.57 -19.66 -38.85
N LYS D 187 7.07 -18.95 -39.86
CA LYS D 187 8.38 -18.34 -39.80
C LYS D 187 8.30 -17.00 -39.06
N ARG D 188 9.38 -16.63 -38.38
CA ARG D 188 9.39 -15.39 -37.64
C ARG D 188 10.09 -14.29 -38.43
N ASP D 189 9.40 -13.77 -39.44
CA ASP D 189 9.96 -12.72 -40.28
C ASP D 189 9.64 -11.32 -39.80
N TRP D 190 8.80 -11.21 -38.76
CA TRP D 190 8.44 -9.91 -38.23
C TRP D 190 9.46 -9.43 -37.20
N THR D 191 10.53 -8.81 -37.70
CA THR D 191 11.57 -8.27 -36.86
C THR D 191 11.77 -6.82 -37.31
N PRO D 192 12.25 -5.95 -36.41
CA PRO D 192 12.47 -4.54 -36.73
C PRO D 192 13.38 -4.18 -37.90
N GLU D 193 14.50 -4.90 -38.09
CA GLU D 193 15.41 -4.57 -39.19
C GLU D 193 14.65 -4.72 -40.52
N HIS D 194 14.02 -5.88 -40.69
CA HIS D 194 13.25 -6.19 -41.89
C HIS D 194 12.25 -5.08 -42.17
N VAL D 195 11.42 -4.75 -41.18
CA VAL D 195 10.42 -3.71 -41.33
C VAL D 195 11.02 -2.37 -41.74
N LEU D 196 12.07 -1.93 -41.05
CA LEU D 196 12.71 -0.65 -41.39
C LEU D 196 13.23 -0.65 -42.82
N GLU D 197 13.87 -1.74 -43.23
CA GLU D 197 14.40 -1.84 -44.59
C GLU D 197 13.27 -1.69 -45.59
N GLU D 198 12.12 -2.23 -45.24
CA GLU D 198 10.95 -2.16 -46.10
C GLU D 198 10.53 -0.69 -46.22
N LEU D 199 10.12 -0.12 -45.10
CA LEU D 199 9.67 1.27 -45.03
C LEU D 199 10.60 2.30 -45.67
N LEU D 200 11.91 2.10 -45.53
CA LEU D 200 12.88 3.02 -46.11
C LEU D 200 12.75 2.94 -47.61
N ARG D 201 12.56 1.73 -48.10
CA ARG D 201 12.41 1.47 -49.52
C ARG D 201 11.14 2.14 -49.99
N GLU D 202 10.03 1.78 -49.35
CA GLU D 202 8.73 2.32 -49.70
C GLU D 202 8.66 3.85 -49.73
N VAL D 203 9.02 4.54 -48.67
CA VAL D 203 9.00 5.99 -48.60
C VAL D 203 9.88 6.57 -49.70
N ARG D 204 11.04 5.96 -49.92
CA ARG D 204 11.93 6.45 -50.98
C ARG D 204 11.30 6.38 -52.36
N GLU D 205 10.82 5.20 -52.76
CA GLU D 205 10.20 5.05 -54.07
C GLU D 205 8.99 5.96 -54.25
N ARG D 206 8.09 5.93 -53.28
CA ARG D 206 6.87 6.73 -53.32
C ARG D 206 7.09 8.24 -53.49
N ALA D 207 7.83 8.84 -52.56
CA ALA D 207 8.09 10.28 -52.59
C ALA D 207 9.11 10.69 -53.64
N GLY D 208 10.02 9.79 -53.96
CA GLY D 208 11.04 10.10 -54.95
C GLY D 208 11.73 11.42 -54.67
N LYS D 209 11.81 12.27 -55.70
CA LYS D 209 12.46 13.56 -55.58
C LYS D 209 11.52 14.63 -55.04
N ASP D 210 10.26 14.33 -54.95
CA ASP D 210 9.25 15.29 -54.52
C ASP D 210 9.49 15.73 -53.06
N ARG D 211 8.67 16.69 -52.61
CA ARG D 211 8.76 17.21 -51.26
C ARG D 211 7.73 16.55 -50.34
N VAL D 212 8.13 16.23 -49.11
CA VAL D 212 7.20 15.64 -48.15
C VAL D 212 7.07 16.55 -46.93
N LEU D 213 5.83 16.85 -46.59
CA LEU D 213 5.54 17.69 -45.44
C LEU D 213 5.04 16.79 -44.31
N LEU D 214 5.23 17.24 -43.06
CA LEU D 214 4.76 16.48 -41.90
C LEU D 214 4.97 17.26 -40.62
N ALA D 215 4.05 17.09 -39.68
CA ALA D 215 4.14 17.77 -38.40
C ALA D 215 4.76 16.87 -37.34
N VAL D 216 5.60 17.45 -36.48
CA VAL D 216 6.24 16.72 -35.38
C VAL D 216 5.78 17.40 -34.10
N SER D 217 5.25 16.60 -33.19
CA SER D 217 4.72 17.10 -31.93
C SER D 217 5.57 16.84 -30.70
N GLY D 218 6.59 15.99 -30.83
CA GLY D 218 7.41 15.65 -29.70
C GLY D 218 7.15 14.20 -29.36
N GLY D 219 6.03 13.67 -29.84
CA GLY D 219 5.69 12.27 -29.61
C GLY D 219 6.60 11.35 -30.40
N VAL D 220 6.83 10.16 -29.89
CA VAL D 220 7.70 9.21 -30.56
C VAL D 220 7.22 8.87 -31.97
N ASP D 221 5.91 8.91 -32.18
CA ASP D 221 5.34 8.59 -33.49
C ASP D 221 5.88 9.55 -34.57
N SER D 222 5.57 10.83 -34.44
CA SER D 222 6.02 11.82 -35.42
C SER D 222 7.55 11.96 -35.45
N SER D 223 8.22 11.72 -34.32
CA SER D 223 9.68 11.83 -34.30
C SER D 223 10.29 10.72 -35.14
N THR D 224 9.75 9.52 -35.00
CA THR D 224 10.26 8.39 -35.74
C THR D 224 9.97 8.56 -37.23
N LEU D 225 8.84 9.20 -37.54
CA LEU D 225 8.48 9.43 -38.95
C LEU D 225 9.52 10.38 -39.55
N ALA D 226 9.83 11.45 -38.82
CA ALA D 226 10.80 12.43 -39.27
C ALA D 226 12.15 11.75 -39.50
N LEU D 227 12.54 10.90 -38.56
CA LEU D 227 13.81 10.17 -38.67
C LEU D 227 13.80 9.23 -39.88
N LEU D 228 12.67 8.58 -40.11
CA LEU D 228 12.55 7.65 -41.23
C LEU D 228 12.80 8.39 -42.56
N LEU D 229 12.10 9.50 -42.75
CA LEU D 229 12.23 10.29 -43.98
C LEU D 229 13.68 10.76 -44.16
N ALA D 230 14.23 11.36 -43.10
CA ALA D 230 15.60 11.86 -43.15
C ALA D 230 16.60 10.75 -43.43
N LYS D 231 16.32 9.55 -42.93
CA LYS D 231 17.21 8.41 -43.14
C LYS D 231 17.12 7.93 -44.58
N ALA D 232 15.99 8.23 -45.23
CA ALA D 232 15.79 7.81 -46.61
C ALA D 232 16.30 8.84 -47.59
N GLY D 233 16.71 10.01 -47.09
CA GLY D 233 17.21 11.05 -47.96
C GLY D 233 16.10 11.85 -48.61
N VAL D 234 14.85 11.45 -48.36
CA VAL D 234 13.69 12.13 -48.91
C VAL D 234 13.70 13.62 -48.55
N ASP D 235 13.25 14.46 -49.47
CA ASP D 235 13.20 15.90 -49.21
C ASP D 235 12.00 16.12 -48.31
N HIS D 236 12.25 16.64 -47.12
CA HIS D 236 11.17 16.83 -46.16
C HIS D 236 11.31 18.13 -45.40
N LEU D 237 10.22 18.48 -44.72
CA LEU D 237 10.18 19.66 -43.87
C LEU D 237 9.30 19.28 -42.70
N ALA D 238 9.92 19.06 -41.54
CA ALA D 238 9.17 18.71 -40.35
C ALA D 238 8.78 20.02 -39.66
N VAL D 239 7.49 20.20 -39.40
CA VAL D 239 7.07 21.42 -38.74
C VAL D 239 6.63 21.17 -37.31
N PHE D 240 7.27 21.87 -36.38
CA PHE D 240 6.98 21.76 -34.96
C PHE D 240 6.27 23.04 -34.52
N VAL D 241 4.95 22.98 -34.37
CA VAL D 241 4.18 24.14 -33.96
C VAL D 241 4.16 24.26 -32.43
N ASP D 242 4.89 25.23 -31.89
CA ASP D 242 4.93 25.43 -30.46
C ASP D 242 3.75 26.29 -30.01
N HIS D 243 2.65 25.63 -29.67
CA HIS D 243 1.44 26.32 -29.23
C HIS D 243 1.54 26.81 -27.78
N GLY D 244 2.69 26.63 -27.16
CA GLY D 244 2.87 27.06 -25.79
C GLY D 244 2.10 26.23 -24.77
N LEU D 245 1.63 25.05 -25.17
CA LEU D 245 0.87 24.17 -24.29
C LEU D 245 1.64 22.86 -24.01
N LEU D 246 2.93 22.87 -24.28
CA LEU D 246 3.78 21.69 -24.08
C LEU D 246 4.33 21.61 -22.69
N ARG D 247 4.95 20.47 -22.36
CA ARG D 247 5.54 20.27 -21.06
C ARG D 247 6.81 21.10 -20.94
N LEU D 248 7.23 21.36 -19.70
CA LEU D 248 8.41 22.16 -19.43
C LEU D 248 9.63 21.69 -20.23
N GLY D 249 10.26 22.63 -20.93
CA GLY D 249 11.44 22.32 -21.71
C GLY D 249 11.28 21.31 -22.83
N GLU D 250 10.06 20.93 -23.17
CA GLU D 250 9.86 19.96 -24.24
C GLU D 250 10.28 20.44 -25.63
N ARG D 251 9.97 21.68 -25.99
CA ARG D 251 10.35 22.20 -27.31
C ARG D 251 11.86 22.16 -27.55
N GLU D 252 12.64 22.54 -26.54
CA GLU D 252 14.09 22.54 -26.68
C GLU D 252 14.67 21.13 -26.81
N GLU D 253 14.14 20.19 -26.05
CA GLU D 253 14.66 18.82 -26.11
C GLU D 253 14.37 18.18 -27.44
N VAL D 254 13.15 18.38 -27.95
CA VAL D 254 12.75 17.81 -29.22
C VAL D 254 13.52 18.34 -30.43
N GLU D 255 13.62 19.65 -30.57
CA GLU D 255 14.32 20.20 -31.72
C GLU D 255 15.80 19.89 -31.66
N GLY D 256 16.40 20.05 -30.49
CA GLY D 256 17.81 19.75 -30.34
C GLY D 256 18.14 18.34 -30.79
N ALA D 257 17.36 17.37 -30.32
CA ALA D 257 17.58 15.99 -30.68
C ALA D 257 17.31 15.68 -32.15
N LEU D 258 16.15 16.14 -32.64
CA LEU D 258 15.78 15.88 -34.04
C LEU D 258 16.75 16.52 -35.03
N ARG D 259 17.19 17.73 -34.74
CA ARG D 259 18.14 18.39 -35.63
C ARG D 259 19.48 17.67 -35.57
N ALA D 260 19.93 17.34 -34.37
CA ALA D 260 21.19 16.64 -34.20
C ALA D 260 21.19 15.34 -34.99
N LEU D 261 20.01 14.75 -35.16
CA LEU D 261 19.87 13.49 -35.87
C LEU D 261 19.66 13.63 -37.38
N GLY D 262 19.63 14.88 -37.86
CA GLY D 262 19.48 15.10 -39.29
C GLY D 262 18.13 15.51 -39.84
N VAL D 263 17.17 15.82 -38.98
CA VAL D 263 15.86 16.22 -39.47
C VAL D 263 15.86 17.66 -39.97
N ASN D 264 15.15 17.92 -41.06
CA ASN D 264 15.04 19.27 -41.59
C ASN D 264 13.89 19.88 -40.80
N LEU D 265 14.22 20.50 -39.68
CA LEU D 265 13.20 21.05 -38.79
C LEU D 265 12.98 22.56 -38.77
N LEU D 266 11.71 22.92 -38.74
CA LEU D 266 11.29 24.32 -38.65
C LEU D 266 10.37 24.41 -37.44
N VAL D 267 10.69 25.28 -36.50
CA VAL D 267 9.86 25.44 -35.31
C VAL D 267 9.05 26.73 -35.42
N VAL D 268 7.75 26.63 -35.17
CA VAL D 268 6.85 27.77 -35.24
C VAL D 268 6.44 28.27 -33.85
N ASP D 269 6.69 29.54 -33.58
CA ASP D 269 6.30 30.11 -32.29
C ASP D 269 4.89 30.65 -32.44
N ALA D 270 3.90 29.87 -31.99
CA ALA D 270 2.51 30.27 -32.09
C ALA D 270 1.89 30.36 -30.69
N LYS D 271 2.75 30.61 -29.71
CA LYS D 271 2.34 30.70 -28.32
C LYS D 271 1.25 31.76 -28.08
N GLU D 272 1.58 33.01 -28.39
CA GLU D 272 0.64 34.12 -28.19
C GLU D 272 -0.69 33.91 -28.92
N ARG D 273 -0.60 33.28 -30.08
CA ARG D 273 -1.77 33.02 -30.92
C ARG D 273 -2.76 32.08 -30.24
N PHE D 274 -2.29 30.89 -29.89
CA PHE D 274 -3.13 29.90 -29.24
C PHE D 274 -3.68 30.44 -27.94
N LEU D 275 -2.85 31.20 -27.22
CA LEU D 275 -3.28 31.75 -25.95
C LEU D 275 -4.46 32.69 -26.16
N LYS D 276 -4.34 33.61 -27.12
CA LYS D 276 -5.42 34.54 -27.42
C LYS D 276 -6.69 33.78 -27.80
N ALA D 277 -6.55 32.84 -28.72
CA ALA D 277 -7.68 32.04 -29.18
C ALA D 277 -8.43 31.34 -28.05
N LEU D 278 -7.72 31.00 -26.98
CA LEU D 278 -8.33 30.28 -25.85
C LEU D 278 -8.86 31.19 -24.74
N LYS D 279 -8.60 32.49 -24.84
CA LYS D 279 -9.05 33.41 -23.80
C LYS D 279 -10.55 33.26 -23.53
N GLY D 280 -10.90 33.07 -22.27
CA GLY D 280 -12.29 32.94 -21.88
C GLY D 280 -12.99 31.62 -22.12
N VAL D 281 -12.35 30.70 -22.82
CA VAL D 281 -12.95 29.40 -23.12
C VAL D 281 -12.84 28.38 -21.98
N GLU D 282 -13.99 27.89 -21.51
CA GLU D 282 -14.03 26.92 -20.43
C GLU D 282 -14.44 25.53 -20.91
N ASP D 283 -15.25 25.49 -21.96
CA ASP D 283 -15.72 24.22 -22.49
C ASP D 283 -14.61 23.39 -23.14
N PRO D 284 -14.38 22.18 -22.62
CA PRO D 284 -13.36 21.25 -23.11
C PRO D 284 -13.46 21.00 -24.60
N GLU D 285 -14.65 20.68 -25.09
CA GLU D 285 -14.82 20.44 -26.52
C GLU D 285 -14.55 21.69 -27.32
N GLU D 286 -14.87 22.85 -26.76
CA GLU D 286 -14.62 24.11 -27.45
C GLU D 286 -13.11 24.32 -27.49
N LYS D 287 -12.44 23.94 -26.40
CA LYS D 287 -10.99 24.07 -26.31
C LYS D 287 -10.34 23.27 -27.42
N ARG D 288 -10.71 21.99 -27.50
CA ARG D 288 -10.15 21.12 -28.51
C ARG D 288 -10.42 21.62 -29.92
N LYS D 289 -11.58 22.24 -30.12
CA LYS D 289 -11.94 22.77 -31.43
C LYS D 289 -11.08 23.98 -31.76
N ILE D 290 -10.98 24.94 -30.83
CA ILE D 290 -10.19 26.13 -31.04
C ILE D 290 -8.72 25.78 -31.30
N ILE D 291 -8.21 24.82 -30.54
CA ILE D 291 -6.81 24.39 -30.69
C ILE D 291 -6.60 23.66 -32.01
N GLY D 292 -7.57 22.83 -32.38
CA GLY D 292 -7.44 22.12 -33.65
C GLY D 292 -7.45 23.13 -34.79
N ARG D 293 -8.31 24.14 -34.67
CA ARG D 293 -8.42 25.19 -35.67
C ARG D 293 -7.12 25.98 -35.80
N GLU D 294 -6.64 26.50 -34.68
CA GLU D 294 -5.42 27.29 -34.68
C GLU D 294 -4.22 26.50 -35.19
N PHE D 295 -4.18 25.21 -34.89
CA PHE D 295 -3.08 24.38 -35.35
C PHE D 295 -3.08 24.30 -36.87
N VAL D 296 -4.24 23.93 -37.41
CA VAL D 296 -4.40 23.80 -38.86
C VAL D 296 -4.02 25.10 -39.57
N ALA D 297 -4.44 26.23 -39.01
CA ALA D 297 -4.12 27.51 -39.62
C ALA D 297 -2.60 27.72 -39.66
N ALA D 298 -1.96 27.64 -38.50
CA ALA D 298 -0.52 27.82 -38.41
C ALA D 298 0.24 26.84 -39.30
N PHE D 299 -0.19 25.59 -39.29
CA PHE D 299 0.47 24.57 -40.10
C PHE D 299 0.23 24.90 -41.57
N SER D 300 -1.04 25.10 -41.91
CA SER D 300 -1.45 25.43 -43.27
C SER D 300 -0.59 26.57 -43.82
N GLN D 301 -0.51 27.66 -43.06
CA GLN D 301 0.28 28.82 -43.45
C GLN D 301 1.69 28.38 -43.83
N VAL D 302 2.40 27.77 -42.89
CA VAL D 302 3.77 27.31 -43.15
C VAL D 302 3.81 26.46 -44.41
N ALA D 303 2.79 25.65 -44.62
CA ALA D 303 2.74 24.80 -45.80
C ALA D 303 2.79 25.65 -47.07
N ARG D 304 2.08 26.77 -47.04
CA ARG D 304 2.02 27.69 -48.17
C ARG D 304 3.36 28.38 -48.41
N GLU D 305 3.82 29.12 -47.41
CA GLU D 305 5.07 29.86 -47.46
C GLU D 305 6.33 29.06 -47.74
N ARG D 306 6.30 27.74 -47.55
CA ARG D 306 7.47 26.90 -47.78
C ARG D 306 7.21 25.89 -48.89
N GLY D 307 5.95 25.76 -49.27
CA GLY D 307 5.56 24.81 -50.30
C GLY D 307 6.11 25.10 -51.69
N PRO D 308 5.63 24.38 -52.72
CA PRO D 308 4.62 23.33 -52.58
C PRO D 308 5.15 22.00 -52.02
N PHE D 309 4.23 21.14 -51.60
CA PHE D 309 4.54 19.83 -51.04
C PHE D 309 3.65 18.78 -51.68
N ARG D 310 4.25 17.86 -52.44
CA ARG D 310 3.50 16.81 -53.10
C ARG D 310 2.89 15.80 -52.12
N PHE D 311 3.58 15.57 -50.99
CA PHE D 311 3.10 14.62 -50.01
C PHE D 311 2.96 15.17 -48.59
N LEU D 312 2.15 14.47 -47.80
CA LEU D 312 1.93 14.79 -46.40
C LEU D 312 2.13 13.48 -45.65
N ALA D 313 3.16 13.43 -44.82
CA ALA D 313 3.44 12.23 -44.04
C ALA D 313 2.61 12.26 -42.77
N GLN D 314 1.96 11.14 -42.45
CA GLN D 314 1.15 11.03 -41.24
C GLN D 314 1.54 9.79 -40.45
N GLY D 315 1.40 9.84 -39.14
CA GLY D 315 1.78 8.71 -38.30
C GLY D 315 0.68 7.72 -37.98
N THR D 316 -0.30 7.61 -38.86
CA THR D 316 -1.41 6.68 -38.67
C THR D 316 -0.87 5.31 -38.29
N LEU D 317 -1.48 4.70 -37.28
CA LEU D 317 -1.07 3.37 -36.81
C LEU D 317 -2.17 2.34 -37.06
N TYR D 318 -1.80 1.07 -37.06
CA TYR D 318 -2.75 0.00 -37.33
C TYR D 318 -4.07 0.09 -36.57
N PRO D 319 -4.03 0.43 -35.26
CA PRO D 319 -5.31 0.53 -34.56
C PRO D 319 -6.27 1.49 -35.27
N ASP D 320 -5.72 2.58 -35.81
CA ASP D 320 -6.53 3.55 -36.54
C ASP D 320 -7.14 2.91 -37.77
N VAL D 321 -6.36 2.05 -38.42
CA VAL D 321 -6.79 1.34 -39.61
C VAL D 321 -7.85 0.29 -39.30
N ILE D 322 -7.89 -0.14 -38.05
CA ILE D 322 -8.86 -1.14 -37.63
C ILE D 322 -10.14 -0.49 -37.14
N LEU D 346 -6.74 16.79 -48.93
CA LEU D 346 -7.07 17.23 -50.32
C LEU D 346 -5.85 17.81 -51.02
N GLU D 347 -5.24 18.81 -50.38
CA GLU D 347 -4.06 19.48 -50.94
C GLU D 347 -2.82 18.62 -51.06
N PHE D 348 -2.76 17.51 -50.32
CA PHE D 348 -1.58 16.65 -50.39
C PHE D 348 -1.95 15.19 -50.60
N GLU D 349 -0.95 14.39 -50.93
CA GLU D 349 -1.12 12.95 -51.12
C GLU D 349 -0.68 12.36 -49.78
N LEU D 350 -1.41 11.37 -49.27
CA LEU D 350 -1.10 10.77 -47.98
C LEU D 350 0.04 9.77 -47.94
N LEU D 351 0.99 10.01 -47.04
CA LEU D 351 2.12 9.11 -46.85
C LEU D 351 2.06 8.65 -45.39
N GLU D 352 1.70 7.39 -45.18
CA GLU D 352 1.61 6.85 -43.83
C GLU D 352 2.18 5.44 -43.75
N PRO D 353 3.52 5.36 -43.61
CA PRO D 353 4.29 4.11 -43.53
C PRO D 353 4.05 3.28 -42.28
N PHE D 354 3.47 3.86 -41.24
CA PHE D 354 3.26 3.11 -40.00
C PHE D 354 1.84 2.55 -39.85
N ARG D 355 0.99 2.72 -40.87
CA ARG D 355 -0.39 2.26 -40.79
C ARG D 355 -0.59 0.78 -40.44
N LEU D 356 0.42 -0.05 -40.63
CA LEU D 356 0.28 -1.47 -40.29
C LEU D 356 1.02 -1.81 -38.98
N LEU D 357 1.50 -0.79 -38.28
CA LEU D 357 2.24 -0.99 -37.05
C LEU D 357 1.52 -0.53 -35.78
N PHE D 358 1.85 -1.18 -34.67
CA PHE D 358 1.30 -0.80 -33.37
C PHE D 358 2.35 0.19 -32.85
N LYS D 359 1.99 1.01 -31.86
CA LYS D 359 2.91 2.01 -31.32
C LYS D 359 4.23 1.43 -30.79
N ASP D 360 4.14 0.32 -30.05
CA ASP D 360 5.33 -0.28 -29.49
C ASP D 360 6.34 -0.62 -30.59
N GLU D 361 5.83 -1.05 -31.73
CA GLU D 361 6.66 -1.41 -32.87
C GLU D 361 7.37 -0.17 -33.42
N VAL D 362 6.69 0.97 -33.38
CA VAL D 362 7.28 2.22 -33.85
C VAL D 362 8.40 2.62 -32.89
N ARG D 363 8.19 2.41 -31.60
CA ARG D 363 9.21 2.73 -30.62
C ARG D 363 10.47 1.90 -30.89
N GLU D 364 10.28 0.69 -31.42
CA GLU D 364 11.38 -0.20 -31.74
C GLU D 364 12.15 0.32 -32.96
N LEU D 365 11.40 0.83 -33.93
CA LEU D 365 11.99 1.39 -35.14
C LEU D 365 12.77 2.65 -34.75
N ALA D 366 12.25 3.38 -33.76
CA ALA D 366 12.92 4.59 -33.30
C ALA D 366 14.28 4.22 -32.71
N LEU D 367 14.39 3.03 -32.11
CA LEU D 367 15.65 2.57 -31.54
C LEU D 367 16.62 2.31 -32.70
N LEU D 368 16.13 1.64 -33.73
CA LEU D 368 16.94 1.35 -34.91
C LEU D 368 17.33 2.62 -35.66
N LEU D 369 16.57 3.70 -35.49
CA LEU D 369 16.88 4.96 -36.19
C LEU D 369 17.63 5.97 -35.32
N GLY D 370 18.17 5.49 -34.18
CA GLY D 370 18.95 6.35 -33.31
C GLY D 370 18.31 7.36 -32.39
N LEU D 371 17.00 7.24 -32.15
CA LEU D 371 16.34 8.17 -31.24
C LEU D 371 16.76 7.82 -29.80
N PRO D 372 17.30 8.80 -29.05
CA PRO D 372 17.72 8.55 -27.67
C PRO D 372 16.55 8.24 -26.73
N ASP D 373 16.76 7.34 -25.78
CA ASP D 373 15.71 6.95 -24.83
C ASP D 373 14.92 8.11 -24.23
N THR D 374 15.56 9.27 -24.11
CA THR D 374 14.91 10.45 -23.55
C THR D 374 13.61 10.83 -24.27
N LEU D 375 13.57 10.62 -25.58
CA LEU D 375 12.38 10.98 -26.35
C LEU D 375 11.73 9.78 -27.02
N ARG D 376 12.21 8.59 -26.69
CA ARG D 376 11.69 7.37 -27.29
C ARG D 376 10.72 6.62 -26.36
N LEU D 377 10.90 6.79 -25.06
CA LEU D 377 10.07 6.09 -24.08
C LEU D 377 9.17 6.98 -23.23
N ARG D 378 8.77 8.12 -23.78
CA ARG D 378 7.93 9.02 -23.03
C ARG D 378 6.48 8.62 -23.18
N HIS D 379 5.65 8.96 -22.19
CA HIS D 379 4.23 8.63 -22.24
C HIS D 379 3.57 9.50 -23.31
N PRO D 380 2.41 9.06 -23.82
CA PRO D 380 1.68 9.82 -24.85
C PRO D 380 1.29 11.16 -24.25
N PHE D 381 1.19 12.18 -25.10
CA PHE D 381 0.82 13.52 -24.66
C PHE D 381 -0.14 14.05 -25.71
N PRO D 382 -1.32 14.51 -25.30
CA PRO D 382 -2.36 15.04 -26.20
C PRO D 382 -2.02 16.26 -27.06
N GLY D 383 -2.63 16.32 -28.24
CA GLY D 383 -2.42 17.44 -29.14
C GLY D 383 -2.75 18.76 -28.46
N PRO D 384 -3.87 18.83 -27.72
CA PRO D 384 -4.29 20.05 -27.02
C PRO D 384 -3.35 20.31 -25.85
N GLY D 385 -2.45 19.36 -25.61
CA GLY D 385 -1.48 19.48 -24.53
C GLY D 385 -2.03 19.81 -23.17
N LEU D 386 -1.38 20.75 -22.50
CA LEU D 386 -1.76 21.19 -21.15
C LEU D 386 -3.09 21.95 -21.07
N ALA D 387 -3.61 22.35 -22.22
CA ALA D 387 -4.87 23.10 -22.24
C ALA D 387 -6.00 22.24 -21.72
N VAL D 388 -5.97 20.94 -22.01
CA VAL D 388 -7.03 20.06 -21.53
C VAL D 388 -6.75 19.56 -20.11
N ARG D 389 -5.70 20.08 -19.47
CA ARG D 389 -5.37 19.67 -18.11
C ARG D 389 -5.51 20.83 -17.14
N VAL D 390 -6.16 21.88 -17.61
CA VAL D 390 -6.45 23.04 -16.79
C VAL D 390 -7.96 23.05 -16.81
N LEU D 391 -8.56 22.84 -15.64
CA LEU D 391 -10.01 22.82 -15.52
C LEU D 391 -10.58 24.22 -15.53
N GLY D 392 -10.65 24.80 -16.72
CA GLY D 392 -11.18 26.14 -16.85
C GLY D 392 -10.45 26.93 -17.92
N GLU D 393 -10.52 28.25 -17.81
CA GLU D 393 -9.87 29.14 -18.76
C GLU D 393 -8.35 28.96 -18.72
N VAL D 394 -7.75 28.82 -19.89
CA VAL D 394 -6.32 28.67 -19.96
C VAL D 394 -5.68 30.03 -19.97
N THR D 395 -4.91 30.32 -18.93
CA THR D 395 -4.18 31.58 -18.81
C THR D 395 -2.72 31.22 -18.68
N GLU D 396 -1.83 32.10 -19.13
CA GLU D 396 -0.41 31.82 -19.05
C GLU D 396 0.01 31.52 -17.60
N GLU D 397 -0.59 32.20 -16.64
CA GLU D 397 -0.27 31.98 -15.23
C GLU D 397 -0.58 30.54 -14.81
N ARG D 398 -1.74 30.03 -15.25
CA ARG D 398 -2.14 28.67 -14.94
C ARG D 398 -1.28 27.65 -15.67
N LEU D 399 -0.83 27.98 -16.88
CA LEU D 399 0.02 27.08 -17.65
C LEU D 399 1.37 26.93 -16.95
N GLU D 400 1.86 28.03 -16.38
CA GLU D 400 3.15 28.01 -15.69
C GLU D 400 3.08 27.26 -14.37
N ILE D 401 1.95 27.35 -13.67
CA ILE D 401 1.81 26.63 -12.42
C ILE D 401 1.72 25.14 -12.70
N LEU D 402 0.86 24.77 -13.63
CA LEU D 402 0.68 23.37 -14.00
C LEU D 402 1.95 22.76 -14.57
N ARG D 403 2.60 23.51 -15.43
CA ARG D 403 3.83 23.07 -16.08
C ARG D 403 4.89 22.67 -15.04
N ARG D 404 5.02 23.45 -13.97
CA ARG D 404 5.99 23.13 -12.92
C ARG D 404 5.56 21.88 -12.13
N ALA D 405 4.30 21.85 -11.70
CA ALA D 405 3.76 20.73 -10.92
C ALA D 405 3.95 19.43 -11.70
N ASP D 406 3.62 19.50 -12.99
CA ASP D 406 3.73 18.37 -13.91
C ASP D 406 5.18 17.90 -14.02
N ASP D 407 6.09 18.85 -14.12
CA ASP D 407 7.53 18.54 -14.22
C ASP D 407 8.02 17.81 -12.97
N ILE D 408 7.62 18.29 -11.80
CA ILE D 408 8.02 17.67 -10.54
C ILE D 408 7.51 16.21 -10.47
N PHE D 409 6.25 16.03 -10.85
CA PHE D 409 5.62 14.71 -10.83
C PHE D 409 6.39 13.70 -11.72
N THR D 410 6.65 14.11 -12.95
CA THR D 410 7.35 13.28 -13.92
C THR D 410 8.77 12.95 -13.48
N SER D 411 9.45 13.92 -12.90
CA SER D 411 10.82 13.72 -12.44
C SER D 411 10.86 12.72 -11.29
N LEU D 412 9.95 12.89 -10.34
CA LEU D 412 9.90 11.98 -9.20
C LEU D 412 9.59 10.57 -9.68
N LEU D 413 8.72 10.46 -10.68
CA LEU D 413 8.37 9.14 -11.23
C LEU D 413 9.63 8.48 -11.80
N ARG D 414 10.42 9.26 -12.54
CA ARG D 414 11.65 8.73 -13.12
C ARG D 414 12.65 8.39 -12.02
N GLU D 415 12.82 9.29 -11.05
CA GLU D 415 13.75 9.04 -9.97
C GLU D 415 13.54 7.66 -9.32
N TRP D 416 12.27 7.32 -9.06
CA TRP D 416 11.91 6.05 -8.43
C TRP D 416 11.78 4.88 -9.40
N GLY D 417 11.89 5.15 -10.68
CA GLY D 417 11.76 4.08 -11.66
C GLY D 417 10.30 3.71 -11.93
N LEU D 418 9.37 4.53 -11.44
CA LEU D 418 7.94 4.27 -11.65
C LEU D 418 7.40 4.79 -12.99
N TYR D 419 8.04 5.81 -13.55
CA TYR D 419 7.59 6.38 -14.82
C TYR D 419 7.35 5.30 -15.88
N GLU D 420 8.32 4.39 -16.01
CA GLU D 420 8.22 3.31 -16.99
C GLU D 420 7.18 2.23 -16.59
N LYS D 421 6.81 2.20 -15.32
CA LYS D 421 5.86 1.21 -14.81
C LYS D 421 4.38 1.61 -14.89
N VAL D 422 4.09 2.76 -15.50
CA VAL D 422 2.71 3.19 -15.68
C VAL D 422 2.53 3.49 -17.17
N ALA D 423 1.32 3.32 -17.69
CA ALA D 423 1.10 3.57 -19.11
C ALA D 423 0.94 5.06 -19.37
N GLN D 424 0.54 5.80 -18.35
CA GLN D 424 0.35 7.24 -18.50
C GLN D 424 0.40 7.91 -17.13
N ALA D 425 0.89 9.14 -17.09
CA ALA D 425 0.98 9.94 -15.87
C ALA D 425 0.79 11.42 -16.21
N LEU D 426 -0.21 12.05 -15.61
CA LEU D 426 -0.48 13.46 -15.87
C LEU D 426 -0.97 14.15 -14.61
N ALA D 427 -1.02 15.48 -14.64
CA ALA D 427 -1.49 16.27 -13.50
C ALA D 427 -2.48 17.31 -14.04
N VAL D 428 -3.58 17.49 -13.31
CA VAL D 428 -4.63 18.44 -13.69
C VAL D 428 -4.76 19.55 -12.66
N LEU D 429 -4.84 20.78 -13.13
CA LEU D 429 -4.95 21.93 -12.24
C LEU D 429 -6.39 22.41 -12.16
N THR D 430 -6.92 22.43 -10.95
CA THR D 430 -8.29 22.87 -10.71
C THR D 430 -8.32 24.17 -9.93
N PRO D 431 -8.90 25.22 -10.52
CA PRO D 431 -8.98 26.51 -9.83
C PRO D 431 -10.02 26.43 -8.71
N VAL D 432 -9.65 26.82 -7.50
CA VAL D 432 -10.57 26.79 -6.37
C VAL D 432 -10.71 28.15 -5.73
N GLY D 445 -4.93 29.78 -5.03
CA GLY D 445 -6.16 28.97 -4.90
C GLY D 445 -6.24 27.88 -5.94
N TYR D 446 -5.44 26.82 -5.78
CA TYR D 446 -5.44 25.71 -6.72
C TYR D 446 -5.29 24.33 -6.09
N VAL D 447 -5.99 23.37 -6.67
CA VAL D 447 -5.92 21.97 -6.24
C VAL D 447 -5.36 21.23 -7.44
N LEU D 448 -4.31 20.45 -7.22
CA LEU D 448 -3.69 19.68 -8.29
C LEU D 448 -4.00 18.20 -8.15
N ALA D 449 -4.50 17.58 -9.22
CA ALA D 449 -4.80 16.16 -9.19
C ALA D 449 -3.77 15.34 -9.96
N LEU D 450 -3.14 14.40 -9.27
CA LEU D 450 -2.16 13.51 -9.88
C LEU D 450 -2.97 12.38 -10.48
N ARG D 451 -2.59 11.96 -11.67
CA ARG D 451 -3.35 10.95 -12.40
C ARG D 451 -2.44 9.99 -13.17
N ALA D 452 -2.47 8.71 -12.78
CA ALA D 452 -1.66 7.70 -13.46
C ALA D 452 -2.46 6.41 -13.63
N VAL D 453 -2.23 5.68 -14.72
CA VAL D 453 -2.95 4.44 -14.98
C VAL D 453 -2.04 3.36 -15.56
N THR D 454 -2.52 2.12 -15.47
CA THR D 454 -1.79 0.97 -16.00
C THR D 454 -2.81 0.21 -16.84
N THR D 455 -2.34 -0.68 -17.72
CA THR D 455 -3.23 -1.46 -18.57
C THR D 455 -2.59 -2.76 -18.99
N GLU D 456 -3.42 -3.78 -19.23
CA GLU D 456 -2.92 -5.08 -19.68
C GLU D 456 -3.69 -5.60 -20.90
N ASP D 457 -4.75 -4.91 -21.30
CA ASP D 457 -5.53 -5.31 -22.47
C ASP D 457 -5.53 -4.24 -23.56
N PHE D 458 -4.87 -3.08 -23.38
CA PHE D 458 -4.83 -1.84 -24.17
C PHE D 458 -6.20 -1.27 -24.51
N MET D 459 -7.20 -1.59 -23.67
CA MET D 459 -8.52 -0.99 -23.84
C MET D 459 -9.03 -0.45 -22.52
N THR D 460 -8.84 -1.22 -21.45
CA THR D 460 -9.25 -0.81 -20.12
C THR D 460 -8.01 -0.25 -19.42
N ALA D 461 -8.21 0.62 -18.44
CA ALA D 461 -7.09 1.21 -17.72
C ALA D 461 -7.43 1.29 -16.24
N ASP D 462 -6.52 0.84 -15.40
CA ASP D 462 -6.76 0.89 -13.96
C ASP D 462 -5.98 2.05 -13.34
N TRP D 463 -6.54 2.68 -12.31
CA TRP D 463 -5.78 3.74 -11.66
C TRP D 463 -4.55 3.01 -11.09
N ALA D 464 -3.37 3.56 -11.34
CA ALA D 464 -2.14 2.93 -10.91
C ALA D 464 -1.95 2.82 -9.41
N ARG D 465 -1.67 1.62 -8.93
CA ARG D 465 -1.45 1.40 -7.50
C ARG D 465 -0.02 1.78 -7.18
N LEU D 466 0.27 3.07 -7.10
CA LEU D 466 1.62 3.53 -6.80
C LEU D 466 1.88 3.46 -5.30
N PRO D 467 3.16 3.41 -4.90
CA PRO D 467 3.48 3.35 -3.47
C PRO D 467 2.98 4.63 -2.80
N LEU D 468 2.34 4.50 -1.64
CA LEU D 468 1.83 5.67 -0.95
C LEU D 468 2.96 6.61 -0.52
N GLU D 469 4.11 6.02 -0.20
CA GLU D 469 5.26 6.82 0.21
C GLU D 469 5.66 7.73 -0.96
N PHE D 470 5.57 7.20 -2.19
CA PHE D 470 5.88 7.99 -3.38
C PHE D 470 4.83 9.11 -3.56
N LEU D 471 3.56 8.77 -3.37
CA LEU D 471 2.52 9.78 -3.51
C LEU D 471 2.74 10.88 -2.49
N ASP D 472 3.17 10.51 -1.29
CA ASP D 472 3.43 11.49 -0.25
C ASP D 472 4.57 12.43 -0.64
N GLU D 473 5.63 11.88 -1.21
CA GLU D 473 6.78 12.71 -1.61
C GLU D 473 6.37 13.65 -2.75
N ALA D 474 5.57 13.15 -3.68
CA ALA D 474 5.11 13.97 -4.79
C ALA D 474 4.27 15.15 -4.29
N ALA D 475 3.33 14.87 -3.39
CA ALA D 475 2.46 15.90 -2.85
C ALA D 475 3.26 16.91 -2.01
N ARG D 476 4.19 16.42 -1.20
CA ARG D 476 5.03 17.31 -0.39
C ARG D 476 5.91 18.19 -1.27
N ARG D 477 6.57 17.59 -2.26
CA ARG D 477 7.43 18.33 -3.15
C ARG D 477 6.63 19.39 -3.94
N ILE D 478 5.42 19.04 -4.36
CA ILE D 478 4.60 19.97 -5.13
C ILE D 478 4.08 21.20 -4.39
N THR D 479 3.62 21.05 -3.15
CA THR D 479 3.12 22.21 -2.41
C THR D 479 4.26 23.04 -1.85
N ARG D 480 5.40 22.40 -1.67
CA ARG D 480 6.60 23.06 -1.17
C ARG D 480 7.17 23.96 -2.29
N ARG D 481 7.42 23.36 -3.45
CA ARG D 481 7.99 24.07 -4.60
C ARG D 481 7.02 24.93 -5.40
N VAL D 482 5.72 24.71 -5.27
CA VAL D 482 4.76 25.49 -6.03
C VAL D 482 3.67 26.06 -5.11
N PRO D 483 3.99 27.19 -4.45
CA PRO D 483 3.15 27.94 -3.51
C PRO D 483 1.69 28.10 -3.90
N GLU D 484 1.44 28.32 -5.19
CA GLU D 484 0.08 28.52 -5.69
C GLU D 484 -0.82 27.30 -5.46
N ILE D 485 -0.21 26.15 -5.24
CA ILE D 485 -0.97 24.92 -5.01
C ILE D 485 -0.90 24.55 -3.53
N GLY D 486 -2.05 24.45 -2.90
CA GLY D 486 -2.08 24.11 -1.49
C GLY D 486 -2.76 22.79 -1.16
N ARG D 487 -3.07 22.01 -2.19
CA ARG D 487 -3.74 20.74 -2.00
C ARG D 487 -3.44 19.82 -3.18
N VAL D 488 -3.04 18.58 -2.90
CA VAL D 488 -2.75 17.62 -3.97
C VAL D 488 -3.56 16.35 -3.73
N VAL D 489 -4.18 15.85 -4.79
CA VAL D 489 -5.01 14.66 -4.67
C VAL D 489 -4.61 13.62 -5.70
N TYR D 490 -4.99 12.37 -5.45
CA TYR D 490 -4.69 11.30 -6.40
C TYR D 490 -5.99 10.76 -6.98
N ASP D 491 -6.03 10.54 -8.29
CA ASP D 491 -7.23 10.03 -8.95
C ASP D 491 -7.39 8.52 -8.72
N LEU D 492 -8.52 8.14 -8.15
CA LEU D 492 -8.82 6.74 -7.86
C LEU D 492 -9.82 6.18 -8.88
N THR D 493 -10.05 6.90 -9.96
CA THR D 493 -11.03 6.46 -10.96
C THR D 493 -10.45 5.73 -12.17
N SER D 494 -10.96 4.54 -12.43
CA SER D 494 -10.49 3.76 -13.56
C SER D 494 -11.29 4.00 -14.84
N LYS D 495 -10.85 3.37 -15.91
CA LYS D 495 -11.51 3.44 -17.21
C LYS D 495 -11.90 2.02 -17.60
N PRO D 496 -13.21 1.71 -17.59
CA PRO D 496 -14.32 2.60 -17.24
C PRO D 496 -14.38 2.75 -15.73
N PRO D 497 -15.26 3.62 -15.22
CA PRO D 497 -16.21 4.48 -15.94
C PRO D 497 -15.68 5.81 -16.49
N ALA D 498 -14.46 6.20 -16.13
CA ALA D 498 -13.94 7.47 -16.59
C ALA D 498 -12.86 7.37 -17.66
N THR D 499 -12.46 8.52 -18.19
CA THR D 499 -11.42 8.60 -19.22
C THR D 499 -10.07 8.82 -18.55
N ILE D 500 -8.97 8.65 -19.30
CA ILE D 500 -7.64 8.87 -18.75
C ILE D 500 -7.52 10.36 -18.43
N GLU D 501 -7.67 11.21 -19.45
CA GLU D 501 -7.62 12.66 -19.27
C GLU D 501 -8.91 13.10 -18.56
N TRP D 502 -8.89 14.27 -17.93
CA TRP D 502 -10.08 14.78 -17.25
C TRP D 502 -11.01 15.57 -18.19
N GLU D 503 -10.54 15.84 -19.40
CA GLU D 503 -11.33 16.56 -20.41
C GLU D 503 -10.62 16.52 -21.75
#